data_8VZC
#
_entry.id   8VZC
#
_cell.length_a   69.084
_cell.length_b   102.442
_cell.length_c   103.977
_cell.angle_alpha   113.830
_cell.angle_beta   96.810
_cell.angle_gamma   105.450
#
_symmetry.space_group_name_H-M   'P 1'
#
loop_
_entity.id
_entity.type
_entity.pdbx_description
1 polymer 'Oxalyl-CoA decarboxylase'
2 non-polymer 3-[(4-amino-2-methylpyrimidin-5-yl)methyl]-2-(hydroxymethyl)-5-(2-{[(S)-hydroxy(phosphonooxy)phosphoryl]oxy}ethyl)-4-methyl-1,3-thiazol-3-ium
3 non-polymer 'S-{(9R,13S,15R)-17-[(2R,3S,4R,5R)-5-(6-AMINO-9H-PURIN-9-YL)-4-HYDROXY-3-(PHOSPHONOOXY)TETRAHYDROFURAN-2-YL]-9,13,15-TRIHYDROXY-10,10-DIMETHYL-13,15-DIOXIDO-4,8-DIOXO-12,14,16-TRIOXA-3,7-DIAZA-13,15-DIPHOSPHAHEPTADEC-1-YL} THIOFORMATE'
4 non-polymer 'MAGNESIUM ION'
5 non-polymer "ADENOSINE-5'-DIPHOSPHATE"
6 non-polymer 1,2-ETHANEDIOL
7 non-polymer 'PHOSPHATE ION'
8 non-polymer DI(HYDROXYETHYL)ETHER
9 water water
#
_entity_poly.entity_id   1
_entity_poly.type   'polypeptide(L)'
_entity_poly.pdbx_seq_one_letter_code
;SNAMAKSEGKVNGATLMARALQQQGVQYMFGIVGFPVIPIAIAAQREGITYIGMRNEQSASYAAQAASYLTGRPQACLVV
SGPGVVHALAGLANAQVNCWPMLLIGGASAIEQNGMGAFQEERQVLLASPLCKYAHQVERPERIPYYVEQAVRSALFGRP
GAAYLDMPDDVILGEVEEAAVRPAATVGEPPRSLAPQENIEAALDALQSAKRPLVIVGKGMAWSRAENEVRQFIERTRLP
FLATPMGKGVMPDDHPLSVGGARSHALQEADLVFLLGARFNWILHFGLPPRYSKDVRVIQLDLSAEEIGNNRQAEVALVG
DGKAIVGQLNQALSSRQWFYPAETPWREAIAAKIAGNQAAVAPMIADNTSPMNYYRVYRDIAARLPRNAIIVGEGANTMD
IGRTQMPNFEPRSRLDAGSYGTMGIGLGFAVAAAAVHPGRPVIAVQGDSAFGFSGMEFETAARYGMPIKVIILNNGGIGM
GSPAPRDGQPGMPHALSHDARYERIAEAFGGAGFYVTDSAELGPALDAAMAFKGPAIVNIKIAATADRKPQQFNWHG
;
_entity_poly.pdbx_strand_id   A,B,C,D
#
loop_
_chem_comp.id
_chem_comp.type
_chem_comp.name
_chem_comp.formula
A1AEK non-polymer 3-[(4-amino-2-methylpyrimidin-5-yl)methyl]-2-(hydroxymethyl)-5-(2-{[(S)-hydroxy(phosphonooxy)phosphoryl]oxy}ethyl)-4-methyl-1,3-thiazol-3-ium 'C13 H21 N4 O8 P2 S 1'
ADP non-polymer ADENOSINE-5'-DIPHOSPHATE 'C10 H15 N5 O10 P2'
EDO non-polymer 1,2-ETHANEDIOL 'C2 H6 O2'
FYN non-polymer 'S-{(9R,13S,15R)-17-[(2R,3S,4R,5R)-5-(6-AMINO-9H-PURIN-9-YL)-4-HYDROXY-3-(PHOSPHONOOXY)TETRAHYDROFURAN-2-YL]-9,13,15-TRIHYDROXY-10,10-DIMETHYL-13,15-DIOXIDO-4,8-DIOXO-12,14,16-TRIOXA-3,7-DIAZA-13,15-DIPHOSPHAHEPTADEC-1-YL} THIOFORMATE' 'C22 H36 N7 O17 P3 S'
MG non-polymer 'MAGNESIUM ION' 'Mg 2'
PEG non-polymer DI(HYDROXYETHYL)ETHER 'C4 H10 O3'
PO4 non-polymer 'PHOSPHATE ION' 'O4 P -3'
#
# COMPACT_ATOMS: atom_id res chain seq x y z
N SER A 1 14.29 -15.49 46.93
CA SER A 1 13.39 -15.42 48.07
C SER A 1 12.98 -13.98 48.35
N ASN A 2 11.88 -13.82 49.09
CA ASN A 2 11.33 -12.51 49.44
C ASN A 2 12.25 -11.70 50.34
N ALA A 3 13.28 -12.32 50.93
CA ALA A 3 14.16 -11.62 51.88
C ALA A 3 15.15 -10.71 51.17
N MET A 4 15.47 -11.01 49.93
CA MET A 4 16.47 -10.27 49.18
C MET A 4 15.91 -8.94 48.72
N ALA A 5 16.68 -7.86 48.89
CA ALA A 5 16.33 -6.61 48.22
C ALA A 5 16.11 -6.83 46.72
N LYS A 6 15.01 -6.29 46.20
CA LYS A 6 14.71 -6.37 44.78
C LYS A 6 14.34 -5.00 44.28
N SER A 7 14.99 -4.54 43.21
CA SER A 7 14.55 -3.30 42.58
C SER A 7 13.19 -3.52 41.94
N GLU A 8 12.27 -2.58 42.18
CA GLU A 8 10.90 -2.68 41.68
C GLU A 8 10.47 -1.41 40.96
N GLY A 9 11.38 -0.44 40.78
CA GLY A 9 11.00 0.81 40.15
C GLY A 9 10.78 0.73 38.64
N LYS A 10 11.20 -0.35 37.99
CA LYS A 10 11.15 -0.44 36.53
C LYS A 10 10.16 -1.51 36.07
N VAL A 11 9.58 -1.26 34.89
CA VAL A 11 8.60 -2.13 34.27
C VAL A 11 8.98 -2.21 32.80
N ASN A 12 8.72 -3.35 32.17
CA ASN A 12 9.06 -3.47 30.76
C ASN A 12 7.83 -3.40 29.86
N GLY A 13 8.10 -3.36 28.54
CA GLY A 13 7.03 -3.28 27.56
C GLY A 13 6.01 -4.41 27.69
N ALA A 14 6.50 -5.65 27.85
CA ALA A 14 5.60 -6.79 28.00
C ALA A 14 4.63 -6.58 29.16
N THR A 15 5.14 -6.09 30.30
CA THR A 15 4.26 -5.89 31.46
C THR A 15 3.32 -4.70 31.24
N LEU A 16 3.84 -3.59 30.69
CA LEU A 16 3.00 -2.43 30.39
C LEU A 16 1.86 -2.78 29.44
N MET A 17 2.15 -3.60 28.43
CA MET A 17 1.13 -4.05 27.49
C MET A 17 0.08 -4.90 28.20
N ALA A 18 0.51 -5.90 28.98
CA ALA A 18 -0.45 -6.75 29.68
C ALA A 18 -1.39 -5.92 30.57
N ARG A 19 -0.84 -4.92 31.27
CA ARG A 19 -1.67 -4.09 32.15
C ARG A 19 -2.64 -3.23 31.34
N ALA A 20 -2.16 -2.66 30.24
CA ALA A 20 -3.02 -1.82 29.42
C ALA A 20 -4.15 -2.65 28.81
N LEU A 21 -3.82 -3.85 28.32
CA LEU A 21 -4.85 -4.71 27.75
C LEU A 21 -5.91 -5.04 28.80
N GLN A 22 -5.47 -5.34 30.03
CA GLN A 22 -6.41 -5.72 31.08
C GLN A 22 -7.26 -4.53 31.48
N GLN A 23 -6.65 -3.33 31.51
CA GLN A 23 -7.40 -2.12 31.80
C GLN A 23 -8.49 -1.88 30.77
N GLN A 24 -8.18 -2.13 29.49
CA GLN A 24 -9.12 -1.88 28.41
C GLN A 24 -10.08 -3.04 28.17
N GLY A 25 -10.19 -3.98 29.11
CA GLY A 25 -11.19 -5.02 28.99
C GLY A 25 -10.85 -6.17 28.08
N VAL A 26 -9.60 -6.30 27.63
CA VAL A 26 -9.20 -7.50 26.92
C VAL A 26 -9.07 -8.63 27.92
N GLN A 27 -9.89 -9.67 27.75
CA GLN A 27 -9.88 -10.82 28.65
C GLN A 27 -9.34 -12.09 28.01
N TYR A 28 -9.30 -12.15 26.68
CA TYR A 28 -8.92 -13.33 25.95
C TYR A 28 -7.84 -12.93 24.97
N MET A 29 -6.82 -13.76 24.88
CA MET A 29 -5.73 -13.56 23.92
C MET A 29 -5.42 -14.90 23.28
N PHE A 30 -5.61 -14.99 21.97
CA PHE A 30 -5.40 -16.22 21.20
C PHE A 30 -4.14 -16.05 20.37
N GLY A 31 -3.20 -16.97 20.48
CA GLY A 31 -2.00 -16.78 19.68
C GLY A 31 -1.10 -17.99 19.63
N ILE A 32 0.10 -17.77 19.11
CA ILE A 32 1.15 -18.77 19.15
C ILE A 32 2.43 -18.03 19.49
N VAL A 33 3.09 -18.46 20.57
CA VAL A 33 4.26 -17.73 21.03
C VAL A 33 5.50 -18.16 20.26
N GLY A 34 6.59 -17.48 20.55
CA GLY A 34 7.85 -17.55 19.82
C GLY A 34 8.50 -16.18 19.93
N PHE A 35 9.67 -16.05 19.31
CA PHE A 35 10.28 -14.73 19.26
C PHE A 35 9.34 -13.74 18.56
N PRO A 36 9.13 -12.53 19.11
CA PRO A 36 9.64 -12.00 20.38
C PRO A 36 8.52 -11.88 21.42
N VAL A 37 7.42 -12.60 21.26
CA VAL A 37 6.20 -12.30 22.02
C VAL A 37 6.00 -13.19 23.23
N ILE A 38 6.92 -14.13 23.51
CA ILE A 38 6.79 -14.96 24.71
C ILE A 38 6.56 -14.12 25.96
N PRO A 39 7.31 -13.03 26.21
CA PRO A 39 7.07 -12.26 27.44
C PRO A 39 5.70 -11.59 27.47
N ILE A 40 5.10 -11.30 26.33
CA ILE A 40 3.79 -10.70 26.33
C ILE A 40 2.74 -11.70 26.82
N ALA A 41 2.80 -12.93 26.32
CA ALA A 41 1.82 -13.94 26.73
C ALA A 41 1.92 -14.24 28.22
N ILE A 42 3.16 -14.35 28.74
CA ILE A 42 3.36 -14.59 30.17
C ILE A 42 2.84 -13.42 31.01
N ALA A 43 3.24 -12.20 30.66
CA ALA A 43 2.73 -11.00 31.34
C ALA A 43 1.20 -10.93 31.31
N ALA A 44 0.60 -11.28 30.16
CA ALA A 44 -0.87 -11.28 30.05
C ALA A 44 -1.50 -12.20 31.07
N GLN A 45 -0.96 -13.41 31.20
CA GLN A 45 -1.50 -14.35 32.19
C GLN A 45 -1.34 -13.81 33.60
N ARG A 46 -0.24 -13.11 33.88
CA ARG A 46 -0.03 -12.57 35.21
C ARG A 46 -1.08 -11.52 35.58
N GLU A 47 -1.62 -10.81 34.59
CA GLU A 47 -2.71 -9.86 34.83
C GLU A 47 -4.08 -10.54 34.82
N GLY A 48 -4.14 -11.86 34.69
CA GLY A 48 -5.42 -12.55 34.68
C GLY A 48 -6.06 -12.72 33.32
N ILE A 49 -5.41 -12.30 32.24
CA ILE A 49 -5.93 -12.50 30.89
C ILE A 49 -5.80 -13.98 30.53
N THR A 50 -6.79 -14.51 29.81
CA THR A 50 -6.81 -15.92 29.45
C THR A 50 -6.06 -16.07 28.14
N TYR A 51 -4.92 -16.77 28.19
CA TYR A 51 -4.11 -17.00 26.99
C TYR A 51 -4.43 -18.38 26.44
N ILE A 52 -4.76 -18.45 25.16
CA ILE A 52 -5.12 -19.70 24.49
C ILE A 52 -4.11 -19.92 23.37
N GLY A 53 -3.19 -20.87 23.54
CA GLY A 53 -2.20 -21.11 22.48
C GLY A 53 -2.76 -22.05 21.43
N MET A 54 -2.82 -21.59 20.16
CA MET A 54 -3.49 -22.35 19.11
C MET A 54 -2.47 -23.10 18.25
N ARG A 55 -2.95 -23.69 17.16
CA ARG A 55 -2.07 -24.47 16.31
C ARG A 55 -1.72 -23.79 14.99
N ASN A 56 -2.48 -22.76 14.58
CA ASN A 56 -2.14 -21.91 13.44
C ASN A 56 -2.71 -20.51 13.68
N GLU A 57 -1.90 -19.46 13.36
CA GLU A 57 -2.35 -18.07 13.60
C GLU A 57 -3.58 -17.73 12.79
N GLN A 58 -3.78 -18.39 11.66
CA GLN A 58 -4.99 -18.19 10.89
C GLN A 58 -6.22 -18.39 11.79
N SER A 59 -6.24 -19.52 12.49
CA SER A 59 -7.32 -19.83 13.42
C SER A 59 -7.31 -18.91 14.63
N ALA A 60 -6.12 -18.54 15.11
CA ALA A 60 -6.05 -17.63 16.25
C ALA A 60 -6.66 -16.27 15.92
N SER A 61 -6.41 -15.79 14.70
CA SER A 61 -6.91 -14.47 14.32
C SER A 61 -8.43 -14.49 14.09
N TYR A 62 -8.96 -15.62 13.63
CA TYR A 62 -10.40 -15.82 13.58
C TYR A 62 -11.00 -15.93 14.98
N ALA A 63 -10.30 -16.61 15.91
CA ALA A 63 -10.84 -16.73 17.26
C ALA A 63 -10.97 -15.37 17.91
N ALA A 64 -9.98 -14.49 17.69
CA ALA A 64 -9.98 -13.22 18.40
C ALA A 64 -11.18 -12.38 18.05
N GLN A 65 -11.57 -12.36 16.76
CA GLN A 65 -12.69 -11.53 16.36
C GLN A 65 -14.01 -12.14 16.82
N ALA A 66 -14.10 -13.47 16.80
CA ALA A 66 -15.31 -14.11 17.34
C ALA A 66 -15.46 -13.78 18.80
N ALA A 67 -14.38 -13.83 19.57
CA ALA A 67 -14.47 -13.47 20.97
C ALA A 67 -14.87 -12.01 21.14
N SER A 68 -14.42 -11.12 20.24
CA SER A 68 -14.81 -9.71 20.28
C SER A 68 -16.28 -9.52 20.03
N TYR A 69 -16.82 -10.20 19.02
CA TYR A 69 -18.25 -10.16 18.74
C TYR A 69 -19.07 -10.63 19.95
N LEU A 70 -18.65 -11.75 20.56
CA LEU A 70 -19.43 -12.34 21.65
C LEU A 70 -19.35 -11.51 22.92
N THR A 71 -18.19 -10.93 23.20
CA THR A 71 -18.03 -10.13 24.42
C THR A 71 -18.47 -8.70 24.27
N GLY A 72 -18.50 -8.16 23.04
CA GLY A 72 -18.77 -6.77 22.86
C GLY A 72 -17.55 -5.87 23.00
N ARG A 73 -16.36 -6.43 23.19
CA ARG A 73 -15.15 -5.63 23.30
C ARG A 73 -14.02 -6.26 22.50
N PRO A 74 -13.07 -5.45 22.01
CA PRO A 74 -11.93 -6.03 21.28
C PRO A 74 -11.17 -7.04 22.12
N GLN A 75 -11.01 -8.24 21.60
CA GLN A 75 -10.12 -9.21 22.22
C GLN A 75 -8.88 -9.38 21.35
N ALA A 76 -7.85 -10.05 21.88
CA ALA A 76 -6.52 -10.00 21.27
C ALA A 76 -6.11 -11.28 20.56
N CYS A 77 -5.33 -11.10 19.51
CA CYS A 77 -4.61 -12.17 18.84
C CYS A 77 -3.13 -11.79 18.95
N LEU A 78 -2.29 -12.73 19.39
CA LEU A 78 -0.88 -12.46 19.59
C LEU A 78 -0.07 -13.37 18.69
N VAL A 79 0.80 -12.79 17.82
CA VAL A 79 1.57 -13.60 16.90
C VAL A 79 3.01 -13.10 16.81
N VAL A 80 3.89 -13.97 16.34
CA VAL A 80 5.31 -13.67 16.17
C VAL A 80 5.55 -12.75 14.98
N SER A 81 6.78 -12.29 14.85
CA SER A 81 7.20 -11.49 13.72
C SER A 81 7.06 -12.24 12.39
N GLY A 82 7.11 -11.47 11.30
CA GLY A 82 7.10 -12.01 9.95
C GLY A 82 5.89 -12.87 9.65
N PRO A 83 6.12 -14.17 9.42
CA PRO A 83 5.02 -15.07 9.02
C PRO A 83 3.94 -15.20 10.06
N GLY A 84 4.21 -14.93 11.33
CA GLY A 84 3.11 -14.91 12.29
C GLY A 84 2.08 -13.85 11.91
N VAL A 85 2.56 -12.66 11.54
CA VAL A 85 1.69 -11.55 11.15
C VAL A 85 1.05 -11.86 9.80
N VAL A 86 1.84 -12.39 8.86
CA VAL A 86 1.26 -12.68 7.55
C VAL A 86 0.14 -13.73 7.65
N HIS A 87 0.35 -14.79 8.45
CA HIS A 87 -0.69 -15.80 8.68
C HIS A 87 -1.94 -15.19 9.28
N ALA A 88 -1.78 -14.16 10.11
CA ALA A 88 -2.91 -13.54 10.80
C ALA A 88 -3.65 -12.52 9.96
N LEU A 89 -3.09 -12.12 8.80
CA LEU A 89 -3.82 -11.20 7.94
C LEU A 89 -5.22 -11.72 7.61
N ALA A 90 -5.36 -13.04 7.50
CA ALA A 90 -6.65 -13.71 7.32
C ALA A 90 -7.74 -13.15 8.23
N GLY A 91 -7.46 -13.12 9.53
CA GLY A 91 -8.43 -12.63 10.49
C GLY A 91 -8.70 -11.15 10.33
N LEU A 92 -7.65 -10.35 10.04
CA LEU A 92 -7.84 -8.92 9.82
C LEU A 92 -8.87 -8.68 8.70
N ALA A 93 -8.69 -9.35 7.56
CA ALA A 93 -9.60 -9.20 6.42
C ALA A 93 -11.02 -9.60 6.80
N ASN A 94 -11.16 -10.74 7.46
CA ASN A 94 -12.49 -11.19 7.84
C ASN A 94 -13.17 -10.23 8.80
N ALA A 95 -12.42 -9.68 9.76
CA ALA A 95 -13.01 -8.73 10.70
C ALA A 95 -13.43 -7.44 9.99
N GLN A 96 -12.59 -6.89 9.10
N GLN A 96 -12.58 -6.93 9.09
CA GLN A 96 -13.04 -5.73 8.34
CA GLN A 96 -12.94 -5.74 8.30
C GLN A 96 -14.34 -6.00 7.62
C GLN A 96 -14.24 -5.96 7.53
N VAL A 97 -14.39 -7.13 6.92
CA VAL A 97 -15.53 -7.37 6.04
C VAL A 97 -16.81 -7.55 6.85
N ASN A 98 -16.72 -8.07 8.07
CA ASN A 98 -17.88 -8.29 8.94
C ASN A 98 -18.17 -7.12 9.88
N CYS A 99 -17.33 -6.08 9.88
CA CYS A 99 -17.45 -4.97 10.84
C CYS A 99 -17.37 -5.48 12.27
N TRP A 100 -16.42 -6.39 12.51
CA TRP A 100 -16.15 -6.90 13.83
C TRP A 100 -14.85 -6.32 14.36
N PRO A 101 -14.77 -5.99 15.63
CA PRO A 101 -13.50 -5.52 16.19
C PRO A 101 -12.60 -6.69 16.49
N MET A 102 -11.30 -6.41 16.54
CA MET A 102 -10.28 -7.32 17.05
C MET A 102 -9.01 -6.49 17.22
N LEU A 103 -8.12 -6.96 18.09
CA LEU A 103 -6.81 -6.34 18.27
C LEU A 103 -5.75 -7.37 17.96
N LEU A 104 -5.03 -7.18 16.87
CA LEU A 104 -3.89 -8.03 16.54
C LEU A 104 -2.61 -7.38 17.07
N ILE A 105 -1.86 -8.13 17.87
CA ILE A 105 -0.60 -7.68 18.43
C ILE A 105 0.49 -8.53 17.79
N GLY A 106 1.31 -7.91 16.95
CA GLY A 106 2.30 -8.64 16.20
C GLY A 106 3.65 -8.23 16.71
N GLY A 107 4.44 -9.20 17.16
CA GLY A 107 5.82 -8.90 17.48
C GLY A 107 6.60 -8.52 16.24
N ALA A 108 7.68 -7.76 16.47
CA ALA A 108 8.56 -7.38 15.36
C ALA A 108 10.02 -7.56 15.74
N SER A 109 10.87 -7.73 14.72
CA SER A 109 12.30 -7.74 14.97
C SER A 109 12.74 -6.42 15.61
N ALA A 110 13.91 -6.44 16.24
CA ALA A 110 14.33 -5.27 17.01
C ALA A 110 14.61 -4.09 16.09
N ILE A 111 14.16 -2.89 16.51
CA ILE A 111 14.34 -1.69 15.70
C ILE A 111 15.80 -1.48 15.34
N GLU A 112 16.71 -1.78 16.28
CA GLU A 112 18.11 -1.46 16.01
C GLU A 112 18.71 -2.32 14.89
N GLN A 113 18.07 -3.44 14.52
CA GLN A 113 18.55 -4.23 13.39
C GLN A 113 17.84 -3.92 12.08
N ASN A 114 16.92 -2.95 12.05
CA ASN A 114 16.21 -2.66 10.81
C ASN A 114 17.19 -2.34 9.69
N GLY A 115 16.90 -2.90 8.52
CA GLY A 115 17.74 -2.77 7.33
C GLY A 115 18.75 -3.88 7.14
N MET A 116 19.03 -4.67 8.18
CA MET A 116 20.15 -5.61 8.16
C MET A 116 19.79 -6.99 7.67
N GLY A 117 18.49 -7.29 7.52
CA GLY A 117 18.01 -8.63 7.22
C GLY A 117 17.86 -9.44 8.49
N ALA A 118 17.25 -8.81 9.48
CA ALA A 118 17.04 -9.45 10.76
C ALA A 118 16.08 -10.63 10.61
N PHE A 119 16.18 -11.56 11.56
CA PHE A 119 15.26 -12.69 11.64
C PHE A 119 13.84 -12.15 11.70
N GLN A 120 13.06 -12.45 10.66
CA GLN A 120 11.63 -12.11 10.51
C GLN A 120 11.41 -10.60 10.44
N GLU A 121 12.40 -9.84 9.97
CA GLU A 121 12.19 -8.44 9.65
C GLU A 121 11.14 -8.32 8.56
N GLU A 122 10.20 -7.40 8.72
CA GLU A 122 9.10 -7.33 7.78
C GLU A 122 8.44 -5.96 7.90
N ARG A 123 7.81 -5.52 6.81
CA ARG A 123 7.07 -4.25 6.78
C ARG A 123 5.65 -4.52 7.27
N GLN A 124 5.55 -4.76 8.58
CA GLN A 124 4.33 -5.38 9.11
C GLN A 124 3.17 -4.40 9.14
N VAL A 125 3.40 -3.16 9.56
CA VAL A 125 2.32 -2.18 9.53
C VAL A 125 1.83 -1.99 8.10
N LEU A 126 2.76 -1.90 7.16
CA LEU A 126 2.35 -1.67 5.79
C LEU A 126 1.47 -2.81 5.28
N LEU A 127 1.84 -4.07 5.59
CA LEU A 127 1.06 -5.22 5.11
C LEU A 127 -0.32 -5.25 5.74
N ALA A 128 -0.42 -4.84 7.00
CA ALA A 128 -1.68 -4.94 7.73
C ALA A 128 -2.62 -3.77 7.42
N SER A 129 -2.05 -2.61 7.03
CA SER A 129 -2.82 -1.36 6.99
C SER A 129 -4.04 -1.42 6.08
N PRO A 130 -4.01 -2.05 4.90
CA PRO A 130 -5.23 -2.08 4.09
C PRO A 130 -6.36 -2.89 4.71
N LEU A 131 -6.07 -3.75 5.68
CA LEU A 131 -7.08 -4.60 6.31
C LEU A 131 -7.48 -4.09 7.68
N CYS A 132 -7.10 -2.87 8.03
CA CYS A 132 -7.30 -2.36 9.39
C CYS A 132 -7.93 -0.99 9.40
N LYS A 133 -8.78 -0.74 10.40
CA LYS A 133 -9.18 0.61 10.76
C LYS A 133 -8.02 1.39 11.36
N TYR A 134 -7.10 0.71 12.01
CA TYR A 134 -6.08 1.34 12.84
C TYR A 134 -4.88 0.42 12.81
N ALA A 135 -3.70 0.95 12.51
CA ALA A 135 -2.49 0.14 12.55
C ALA A 135 -1.34 1.05 12.90
N HIS A 136 -0.56 0.67 13.91
CA HIS A 136 0.56 1.52 14.27
C HIS A 136 1.63 0.69 14.95
N GLN A 137 2.89 1.12 14.79
CA GLN A 137 3.94 0.55 15.61
C GLN A 137 4.06 1.28 16.93
N VAL A 138 4.42 0.54 17.97
CA VAL A 138 4.74 1.11 19.27
C VAL A 138 6.25 1.31 19.30
N GLU A 139 6.71 2.58 19.22
CA GLU A 139 8.12 2.86 19.03
C GLU A 139 8.92 2.91 20.31
N ARG A 140 8.27 3.13 21.44
CA ARG A 140 8.90 3.25 22.75
C ARG A 140 7.97 2.62 23.77
N PRO A 141 8.49 1.94 24.80
CA PRO A 141 7.59 1.24 25.73
C PRO A 141 6.75 2.20 26.55
N GLU A 142 7.21 3.42 26.80
CA GLU A 142 6.41 4.32 27.61
C GLU A 142 5.14 4.80 26.91
N ARG A 143 5.02 4.59 25.59
CA ARG A 143 3.82 4.92 24.83
C ARG A 143 2.78 3.80 24.80
N ILE A 144 3.06 2.66 25.46
CA ILE A 144 2.19 1.50 25.35
C ILE A 144 0.79 1.80 25.88
N PRO A 145 0.61 2.46 27.03
CA PRO A 145 -0.76 2.77 27.46
C PRO A 145 -1.49 3.62 26.46
N TYR A 146 -0.80 4.63 25.89
CA TYR A 146 -1.39 5.51 24.90
C TYR A 146 -1.87 4.72 23.69
N TYR A 147 -0.99 3.87 23.11
CA TYR A 147 -1.36 3.18 21.88
C TYR A 147 -2.44 2.12 22.12
N VAL A 148 -2.36 1.39 23.25
CA VAL A 148 -3.38 0.38 23.51
C VAL A 148 -4.73 1.05 23.66
N GLU A 149 -4.80 2.17 24.39
CA GLU A 149 -6.07 2.90 24.49
C GLU A 149 -6.56 3.32 23.12
N GLN A 150 -5.67 3.88 22.28
CA GLN A 150 -6.12 4.41 21.01
C GLN A 150 -6.56 3.28 20.08
N ALA A 151 -5.89 2.12 20.13
CA ALA A 151 -6.21 1.04 19.20
C ALA A 151 -7.52 0.37 19.59
N VAL A 152 -7.73 0.19 20.88
CA VAL A 152 -8.99 -0.42 21.33
C VAL A 152 -10.17 0.48 20.95
N ARG A 153 -10.03 1.78 21.20
CA ARG A 153 -11.08 2.74 20.87
C ARG A 153 -11.36 2.77 19.38
N SER A 154 -10.28 2.80 18.57
CA SER A 154 -10.49 2.81 17.13
C SER A 154 -11.20 1.54 16.66
N ALA A 155 -10.85 0.38 17.24
CA ALA A 155 -11.50 -0.88 16.85
C ALA A 155 -12.96 -0.89 17.27
N LEU A 156 -13.24 -0.35 18.44
CA LEU A 156 -14.54 -0.57 19.06
C LEU A 156 -15.55 0.50 18.68
N PHE A 157 -15.11 1.75 18.54
CA PHE A 157 -16.01 2.87 18.30
C PHE A 157 -16.37 2.97 16.82
N GLY A 158 -17.55 3.53 16.54
CA GLY A 158 -17.92 3.74 15.15
C GLY A 158 -18.27 2.42 14.49
N ARG A 159 -18.07 2.35 13.18
CA ARG A 159 -18.22 1.05 12.54
C ARG A 159 -17.03 0.20 12.98
N PRO A 160 -17.26 -0.93 13.65
CA PRO A 160 -16.13 -1.69 14.21
C PRO A 160 -15.23 -2.30 13.13
N GLY A 161 -13.98 -2.54 13.52
CA GLY A 161 -12.99 -3.07 12.60
C GLY A 161 -11.75 -3.51 13.34
N ALA A 162 -10.78 -3.99 12.56
CA ALA A 162 -9.57 -4.55 13.13
C ALA A 162 -8.59 -3.44 13.49
N ALA A 163 -7.89 -3.60 14.63
CA ALA A 163 -6.73 -2.78 14.97
C ALA A 163 -5.48 -3.62 15.07
N TYR A 164 -4.35 -3.06 14.66
CA TYR A 164 -3.07 -3.73 14.69
C TYR A 164 -2.07 -2.89 15.47
N LEU A 165 -1.37 -3.51 16.42
CA LEU A 165 -0.22 -2.89 17.07
C LEU A 165 1.03 -3.73 16.83
N ASP A 166 2.08 -3.07 16.34
CA ASP A 166 3.36 -3.71 16.08
C ASP A 166 4.28 -3.53 17.29
N MET A 167 4.83 -4.64 17.81
CA MET A 167 5.61 -4.61 19.05
C MET A 167 7.02 -5.12 18.81
N PRO A 168 7.98 -4.23 18.50
CA PRO A 168 9.37 -4.63 18.32
C PRO A 168 9.98 -5.24 19.57
N ASP A 169 10.87 -6.22 19.35
CA ASP A 169 11.58 -6.90 20.43
C ASP A 169 12.15 -5.93 21.46
N ASP A 170 12.81 -4.85 20.98
CA ASP A 170 13.42 -3.93 21.95
C ASP A 170 12.40 -3.05 22.67
N VAL A 171 11.16 -2.97 22.19
CA VAL A 171 10.14 -2.29 22.98
C VAL A 171 9.54 -3.25 23.99
N ILE A 172 9.38 -4.52 23.62
CA ILE A 172 8.83 -5.54 24.53
C ILE A 172 9.72 -5.69 25.75
N LEU A 173 11.03 -5.74 25.53
CA LEU A 173 12.00 -5.95 26.59
C LEU A 173 12.55 -4.65 27.17
N GLY A 174 12.27 -3.52 26.54
CA GLY A 174 12.73 -2.26 27.06
C GLY A 174 12.01 -1.90 28.36
N GLU A 175 12.74 -1.21 29.24
CA GLU A 175 12.27 -0.87 30.57
C GLU A 175 12.11 0.63 30.73
N VAL A 176 11.13 1.02 31.55
CA VAL A 176 10.91 2.41 31.92
C VAL A 176 10.56 2.45 33.39
N GLU A 177 10.72 3.63 33.98
CA GLU A 177 10.33 3.83 35.37
C GLU A 177 8.81 3.82 35.48
N GLU A 178 8.30 2.97 36.40
CA GLU A 178 6.85 2.89 36.62
C GLU A 178 6.24 4.26 36.84
N ALA A 179 6.81 5.01 37.79
CA ALA A 179 6.31 6.34 38.13
C ALA A 179 6.27 7.28 36.93
N ALA A 180 7.04 7.02 35.89
CA ALA A 180 7.11 7.93 34.76
C ALA A 180 6.08 7.64 33.67
N VAL A 181 5.37 6.52 33.73
CA VAL A 181 4.53 6.14 32.60
C VAL A 181 3.23 6.92 32.64
N ARG A 182 2.84 7.47 31.49
CA ARG A 182 1.64 8.27 31.44
C ARG A 182 0.41 7.35 31.37
N PRO A 183 -0.52 7.45 32.31
CA PRO A 183 -1.73 6.62 32.22
C PRO A 183 -2.60 7.02 31.04
N ALA A 184 -3.45 6.09 30.65
CA ALA A 184 -4.44 6.36 29.63
C ALA A 184 -5.83 6.08 30.22
N ALA A 185 -6.83 6.73 29.65
CA ALA A 185 -8.19 6.54 30.16
C ALA A 185 -8.72 5.18 29.71
N THR A 186 -9.70 4.66 30.45
CA THR A 186 -10.31 3.40 30.07
C THR A 186 -11.34 3.66 28.99
N VAL A 187 -11.25 2.90 27.89
CA VAL A 187 -12.23 2.97 26.82
C VAL A 187 -13.56 2.42 27.31
N GLY A 188 -14.61 3.23 27.26
CA GLY A 188 -15.92 2.83 27.72
C GLY A 188 -16.73 2.20 26.60
N GLU A 189 -18.07 2.28 26.71
CA GLU A 189 -18.91 1.70 25.66
C GLU A 189 -18.92 2.58 24.41
N PRO A 190 -19.12 1.98 23.23
CA PRO A 190 -19.23 2.76 22.01
C PRO A 190 -20.32 3.81 22.13
N PRO A 191 -20.03 5.02 21.67
CA PRO A 191 -21.04 6.07 21.58
C PRO A 191 -22.20 5.62 20.70
N ARG A 192 -23.41 6.01 21.12
CA ARG A 192 -24.62 5.74 20.36
C ARG A 192 -25.15 7.09 19.85
N SER A 193 -25.63 7.12 18.61
CA SER A 193 -26.27 8.31 18.05
C SER A 193 -27.71 8.00 17.68
N LEU A 194 -28.54 9.05 17.60
CA LEU A 194 -29.97 8.95 17.31
C LEU A 194 -30.30 9.60 15.97
N ALA A 195 -31.45 9.23 15.40
CA ALA A 195 -31.91 9.90 14.20
C ALA A 195 -32.73 11.13 14.53
N PRO A 196 -32.79 12.11 13.61
CA PRO A 196 -33.70 13.25 13.82
C PRO A 196 -35.14 12.76 13.95
N GLN A 197 -35.93 13.51 14.73
CA GLN A 197 -37.32 13.10 14.99
C GLN A 197 -38.13 13.03 13.70
N GLU A 198 -37.87 13.93 12.76
CA GLU A 198 -38.56 13.89 11.47
C GLU A 198 -38.35 12.55 10.77
N ASN A 199 -37.13 12.01 10.81
CA ASN A 199 -36.84 10.71 10.18
C ASN A 199 -37.54 9.56 10.89
N ILE A 200 -37.57 9.59 12.23
CA ILE A 200 -38.32 8.56 12.98
C ILE A 200 -39.79 8.54 12.53
N GLU A 201 -40.42 9.72 12.47
CA GLU A 201 -41.83 9.76 12.10
C GLU A 201 -42.02 9.39 10.64
N ALA A 202 -41.10 9.79 9.76
CA ALA A 202 -41.23 9.40 8.36
C ALA A 202 -41.11 7.89 8.20
N ALA A 203 -40.26 7.25 8.98
CA ALA A 203 -40.15 5.78 8.92
C ALA A 203 -41.49 5.11 9.29
N LEU A 204 -42.09 5.54 10.40
CA LEU A 204 -43.36 4.94 10.79
C LEU A 204 -44.45 5.24 9.77
N ASP A 205 -44.44 6.46 9.21
CA ASP A 205 -45.40 6.79 8.15
C ASP A 205 -45.20 5.89 6.95
N ALA A 206 -43.95 5.68 6.53
CA ALA A 206 -43.69 4.78 5.40
C ALA A 206 -44.19 3.37 5.69
N LEU A 207 -43.89 2.84 6.88
CA LEU A 207 -44.32 1.48 7.20
C LEU A 207 -45.83 1.35 7.11
N GLN A 208 -46.56 2.36 7.61
CA GLN A 208 -48.03 2.32 7.57
C GLN A 208 -48.56 2.38 6.16
N SER A 209 -47.83 3.00 5.22
CA SER A 209 -48.32 3.15 3.86
C SER A 209 -48.09 1.90 3.02
N ALA A 210 -47.28 0.94 3.49
CA ALA A 210 -46.85 -0.18 2.65
C ALA A 210 -47.93 -1.25 2.57
N LYS A 211 -48.04 -1.88 1.40
CA LYS A 211 -48.94 -3.02 1.26
C LYS A 211 -48.26 -4.34 1.64
N ARG A 212 -46.94 -4.45 1.41
CA ARG A 212 -46.20 -5.69 1.63
C ARG A 212 -44.87 -5.36 2.30
N PRO A 213 -44.91 -4.85 3.53
CA PRO A 213 -43.67 -4.48 4.22
C PRO A 213 -42.89 -5.68 4.75
N LEU A 214 -41.56 -5.56 4.76
CA LEU A 214 -40.70 -6.58 5.35
C LEU A 214 -39.60 -5.91 6.15
N VAL A 215 -39.40 -6.37 7.38
CA VAL A 215 -38.31 -5.92 8.24
C VAL A 215 -37.17 -6.94 8.11
N ILE A 216 -35.97 -6.50 7.75
CA ILE A 216 -34.83 -7.43 7.70
C ILE A 216 -33.91 -7.15 8.88
N VAL A 217 -33.67 -8.19 9.69
CA VAL A 217 -32.92 -8.08 10.95
C VAL A 217 -31.51 -8.64 10.73
N GLY A 218 -30.51 -7.73 10.71
CA GLY A 218 -29.15 -8.10 10.43
C GLY A 218 -28.27 -8.13 11.66
N LYS A 219 -27.05 -8.62 11.46
CA LYS A 219 -26.15 -8.84 12.58
C LYS A 219 -25.60 -7.56 13.18
N GLY A 220 -25.80 -6.40 12.54
CA GLY A 220 -25.51 -5.14 13.18
C GLY A 220 -26.41 -4.90 14.38
N MET A 221 -27.63 -5.44 14.34
CA MET A 221 -28.48 -5.35 15.52
C MET A 221 -27.95 -6.25 16.64
N ALA A 222 -27.39 -7.41 16.28
CA ALA A 222 -26.77 -8.27 17.28
C ALA A 222 -25.57 -7.59 17.91
N TRP A 223 -24.70 -7.01 17.07
CA TRP A 223 -23.56 -6.25 17.60
C TRP A 223 -24.03 -5.13 18.53
N SER A 224 -25.06 -4.38 18.15
CA SER A 224 -25.57 -3.26 18.91
C SER A 224 -26.26 -3.68 20.22
N ARG A 225 -26.48 -4.99 20.45
CA ARG A 225 -27.22 -5.48 21.63
C ARG A 225 -28.63 -4.89 21.64
N ALA A 226 -29.23 -4.80 20.45
CA ALA A 226 -30.55 -4.23 20.29
C ALA A 226 -31.68 -5.27 20.38
N GLU A 227 -31.40 -6.50 20.84
CA GLU A 227 -32.44 -7.55 20.74
C GLU A 227 -33.72 -7.17 21.50
N ASN A 228 -33.60 -6.55 22.67
CA ASN A 228 -34.82 -6.21 23.41
C ASN A 228 -35.68 -5.21 22.64
N GLU A 229 -35.03 -4.17 22.08
CA GLU A 229 -35.76 -3.15 21.32
C GLU A 229 -36.37 -3.75 20.06
N VAL A 230 -35.64 -4.61 19.36
CA VAL A 230 -36.16 -5.20 18.13
C VAL A 230 -37.35 -6.11 18.42
N ARG A 231 -37.25 -6.94 19.45
CA ARG A 231 -38.37 -7.79 19.84
C ARG A 231 -39.59 -6.94 20.21
N GLN A 232 -39.37 -5.85 20.96
CA GLN A 232 -40.50 -4.99 21.28
C GLN A 232 -41.08 -4.37 20.02
N PHE A 233 -40.22 -3.98 19.07
CA PHE A 233 -40.69 -3.35 17.85
C PHE A 233 -41.53 -4.30 17.01
N ILE A 234 -41.08 -5.54 16.87
CA ILE A 234 -41.83 -6.50 16.04
C ILE A 234 -43.11 -6.91 16.76
N GLU A 235 -43.05 -7.07 18.07
CA GLU A 235 -44.28 -7.42 18.80
C GLU A 235 -45.30 -6.29 18.71
N ARG A 236 -44.84 -5.04 18.75
CA ARG A 236 -45.72 -3.88 18.66
C ARG A 236 -46.27 -3.66 17.26
N THR A 237 -45.43 -3.78 16.23
CA THR A 237 -45.89 -3.47 14.88
C THR A 237 -46.54 -4.66 14.20
N ARG A 238 -46.24 -5.89 14.64
CA ARG A 238 -46.69 -7.13 14.02
C ARG A 238 -46.21 -7.23 12.57
N LEU A 239 -45.04 -6.64 12.27
CA LEU A 239 -44.51 -6.72 10.89
C LEU A 239 -43.82 -8.06 10.61
N PRO A 240 -44.00 -8.63 9.42
CA PRO A 240 -43.19 -9.80 9.03
C PRO A 240 -41.72 -9.44 9.02
N PHE A 241 -40.88 -10.38 9.43
CA PHE A 241 -39.44 -10.09 9.41
C PHE A 241 -38.66 -11.26 8.85
N LEU A 242 -37.48 -10.95 8.31
CA LEU A 242 -36.53 -11.93 7.81
C LEU A 242 -35.21 -11.76 8.56
N ALA A 243 -34.66 -12.86 9.08
CA ALA A 243 -33.35 -12.80 9.72
C ALA A 243 -32.25 -13.07 8.69
N THR A 244 -31.13 -12.32 8.79
CA THR A 244 -29.94 -12.63 8.00
C THR A 244 -29.23 -13.81 8.67
N PRO A 245 -28.18 -14.38 8.04
CA PRO A 245 -27.59 -15.61 8.62
C PRO A 245 -27.08 -15.42 10.04
N MET A 246 -26.37 -14.34 10.34
CA MET A 246 -25.98 -14.18 11.75
C MET A 246 -26.87 -13.21 12.51
N GLY A 247 -27.85 -12.58 11.85
CA GLY A 247 -28.94 -11.91 12.53
C GLY A 247 -29.95 -12.86 13.16
N LYS A 248 -29.92 -14.15 12.81
CA LYS A 248 -30.78 -15.17 13.45
C LYS A 248 -30.61 -15.15 14.96
N GLY A 249 -31.73 -15.24 15.67
CA GLY A 249 -31.68 -15.19 17.11
C GLY A 249 -31.89 -13.82 17.72
N VAL A 250 -31.63 -12.73 16.99
CA VAL A 250 -32.03 -11.40 17.47
C VAL A 250 -33.54 -11.37 17.75
N MET A 251 -34.35 -11.76 16.74
CA MET A 251 -35.67 -12.35 16.96
C MET A 251 -35.50 -13.86 17.16
N PRO A 252 -36.28 -14.53 18.03
CA PRO A 252 -36.24 -16.00 18.07
C PRO A 252 -36.69 -16.55 16.73
N ASP A 253 -36.00 -17.59 16.27
CA ASP A 253 -36.26 -18.16 14.94
C ASP A 253 -37.62 -18.83 14.86
N ASP A 254 -38.25 -19.13 15.99
CA ASP A 254 -39.58 -19.73 15.96
C ASP A 254 -40.70 -18.71 16.06
N HIS A 255 -40.37 -17.43 15.96
CA HIS A 255 -41.38 -16.39 16.06
C HIS A 255 -42.38 -16.53 14.91
N PRO A 256 -43.69 -16.47 15.17
CA PRO A 256 -44.66 -16.67 14.08
C PRO A 256 -44.57 -15.64 12.96
N LEU A 257 -43.93 -14.49 13.17
CA LEU A 257 -43.80 -13.46 12.14
C LEU A 257 -42.61 -13.69 11.21
N SER A 258 -41.79 -14.71 11.44
CA SER A 258 -40.62 -14.90 10.59
C SER A 258 -41.02 -15.37 9.20
N VAL A 259 -40.40 -14.78 8.17
CA VAL A 259 -40.61 -15.20 6.79
C VAL A 259 -39.49 -16.13 6.32
N GLY A 260 -38.69 -16.66 7.25
CA GLY A 260 -37.53 -17.47 6.89
C GLY A 260 -37.84 -18.54 5.86
N GLY A 261 -38.98 -19.20 6.01
CA GLY A 261 -39.42 -20.27 5.12
C GLY A 261 -40.04 -19.80 3.84
N ALA A 262 -40.05 -18.48 3.57
CA ALA A 262 -40.59 -17.88 2.34
C ALA A 262 -39.69 -16.76 1.87
N ARG A 263 -38.39 -16.94 2.05
CA ARG A 263 -37.44 -15.85 1.87
C ARG A 263 -37.48 -15.27 0.47
N SER A 264 -37.41 -16.13 -0.56
CA SER A 264 -37.37 -15.62 -1.92
C SER A 264 -38.63 -14.84 -2.27
N HIS A 265 -39.80 -15.35 -1.85
CA HIS A 265 -41.04 -14.63 -2.10
C HIS A 265 -41.08 -13.29 -1.39
N ALA A 266 -40.68 -13.27 -0.12
CA ALA A 266 -40.75 -12.04 0.65
C ALA A 266 -39.88 -10.94 0.03
N LEU A 267 -38.64 -11.29 -0.34
CA LEU A 267 -37.77 -10.31 -0.99
C LEU A 267 -38.33 -9.88 -2.35
N GLN A 268 -38.83 -10.83 -3.14
CA GLN A 268 -39.29 -10.52 -4.50
C GLN A 268 -40.48 -9.55 -4.50
N GLU A 269 -41.43 -9.74 -3.57
CA GLU A 269 -42.73 -9.07 -3.60
C GLU A 269 -42.85 -7.92 -2.62
N ALA A 270 -41.96 -7.77 -1.65
CA ALA A 270 -42.08 -6.65 -0.74
C ALA A 270 -42.17 -5.33 -1.50
N ASP A 271 -43.09 -4.46 -1.09
CA ASP A 271 -43.02 -3.11 -1.62
C ASP A 271 -42.22 -2.18 -0.73
N LEU A 272 -41.89 -2.61 0.48
CA LEU A 272 -41.07 -1.79 1.36
C LEU A 272 -40.22 -2.70 2.22
N VAL A 273 -38.93 -2.42 2.27
CA VAL A 273 -37.98 -3.16 3.07
C VAL A 273 -37.41 -2.21 4.10
N PHE A 274 -37.38 -2.64 5.35
CA PHE A 274 -36.77 -1.89 6.45
C PHE A 274 -35.52 -2.65 6.87
N LEU A 275 -34.35 -2.19 6.44
CA LEU A 275 -33.09 -2.81 6.86
C LEU A 275 -32.72 -2.37 8.27
N LEU A 276 -32.50 -3.35 9.13
CA LEU A 276 -32.01 -3.09 10.50
C LEU A 276 -30.58 -3.64 10.63
N GLY A 277 -29.59 -2.76 10.43
CA GLY A 277 -28.22 -3.17 10.62
C GLY A 277 -27.84 -4.34 9.73
N ALA A 278 -28.21 -4.24 8.46
CA ALA A 278 -27.92 -5.24 7.45
C ALA A 278 -27.65 -4.51 6.14
N ARG A 279 -26.71 -5.02 5.35
CA ARG A 279 -26.34 -4.31 4.13
C ARG A 279 -26.95 -4.97 2.89
N PHE A 280 -27.23 -4.13 1.89
CA PHE A 280 -27.54 -4.62 0.55
C PHE A 280 -26.27 -5.04 -0.19
N ASN A 281 -25.52 -5.95 0.43
CA ASN A 281 -24.42 -6.60 -0.26
C ASN A 281 -24.92 -7.93 -0.85
N TRP A 282 -24.01 -8.87 -1.13
CA TRP A 282 -24.42 -10.11 -1.79
C TRP A 282 -25.37 -10.96 -0.92
N ILE A 283 -25.23 -10.91 0.42
CA ILE A 283 -26.10 -11.74 1.27
C ILE A 283 -27.56 -11.38 1.10
N LEU A 284 -27.85 -10.11 0.84
CA LEU A 284 -29.22 -9.66 0.56
C LEU A 284 -29.42 -9.35 -0.92
N HIS A 285 -28.55 -9.87 -1.79
CA HIS A 285 -28.75 -9.79 -3.25
C HIS A 285 -28.89 -8.34 -3.73
N PHE A 286 -28.19 -7.43 -3.05
CA PHE A 286 -27.99 -6.03 -3.46
C PHE A 286 -29.26 -5.19 -3.43
N GLY A 287 -30.39 -5.70 -2.90
CA GLY A 287 -31.56 -4.85 -2.96
C GLY A 287 -32.14 -4.58 -4.33
N LEU A 288 -31.78 -5.40 -5.33
CA LEU A 288 -32.01 -5.11 -6.73
C LEU A 288 -32.66 -6.29 -7.44
N PRO A 289 -33.27 -6.07 -8.60
CA PRO A 289 -33.67 -7.21 -9.43
C PRO A 289 -32.47 -8.08 -9.73
N PRO A 290 -32.68 -9.38 -9.97
CA PRO A 290 -33.98 -10.06 -10.11
C PRO A 290 -34.56 -10.50 -8.78
N ARG A 291 -34.02 -10.07 -7.63
CA ARG A 291 -34.45 -10.61 -6.34
C ARG A 291 -35.43 -9.70 -5.60
N TYR A 292 -35.62 -8.45 -6.05
CA TYR A 292 -36.50 -7.46 -5.44
C TYR A 292 -37.29 -6.78 -6.53
N SER A 293 -38.44 -6.21 -6.16
CA SER A 293 -39.09 -5.26 -7.04
C SER A 293 -38.12 -4.13 -7.43
N LYS A 294 -38.15 -3.72 -8.70
CA LYS A 294 -37.31 -2.61 -9.10
C LYS A 294 -37.71 -1.31 -8.43
N ASP A 295 -38.89 -1.27 -7.81
CA ASP A 295 -39.32 -0.05 -7.13
C ASP A 295 -39.41 -0.24 -5.62
N VAL A 296 -38.69 -1.21 -5.05
CA VAL A 296 -38.81 -1.44 -3.61
C VAL A 296 -38.42 -0.17 -2.87
N ARG A 297 -39.25 0.21 -1.91
CA ARG A 297 -38.94 1.34 -1.03
C ARG A 297 -38.13 0.86 0.15
N VAL A 298 -37.21 1.70 0.62
CA VAL A 298 -36.25 1.26 1.62
C VAL A 298 -36.17 2.25 2.77
N ILE A 299 -36.35 1.73 3.99
CA ILE A 299 -35.94 2.40 5.23
C ILE A 299 -34.66 1.71 5.66
N GLN A 300 -33.60 2.47 5.94
CA GLN A 300 -32.31 1.86 6.23
C GLN A 300 -31.74 2.40 7.52
N LEU A 301 -31.50 1.52 8.47
CA LEU A 301 -30.89 1.85 9.74
C LEU A 301 -29.48 1.28 9.74
N ASP A 302 -28.48 2.16 9.66
CA ASP A 302 -27.09 1.75 9.77
C ASP A 302 -26.31 2.79 10.54
N LEU A 303 -25.33 2.34 11.33
CA LEU A 303 -24.43 3.28 11.99
C LEU A 303 -23.60 4.07 10.97
N SER A 304 -23.36 3.50 9.79
CA SER A 304 -22.46 4.07 8.78
C SER A 304 -23.24 4.94 7.80
N ALA A 305 -23.04 6.26 7.86
CA ALA A 305 -23.70 7.16 6.92
C ALA A 305 -23.37 6.81 5.48
N GLU A 306 -22.11 6.47 5.21
CA GLU A 306 -21.70 6.19 3.84
C GLU A 306 -22.36 4.93 3.25
N GLU A 307 -22.87 4.02 4.09
CA GLU A 307 -23.56 2.82 3.61
C GLU A 307 -24.97 3.13 3.10
N ILE A 308 -25.57 4.25 3.52
CA ILE A 308 -26.97 4.56 3.21
C ILE A 308 -27.16 4.67 1.71
N GLY A 309 -28.11 3.91 1.16
CA GLY A 309 -28.39 3.99 -0.26
C GLY A 309 -27.44 3.27 -1.18
N ASN A 310 -26.50 2.49 -0.66
CA ASN A 310 -25.71 1.63 -1.53
C ASN A 310 -26.59 0.63 -2.31
N ASN A 311 -26.35 0.58 -3.62
CA ASN A 311 -27.05 -0.24 -4.62
C ASN A 311 -28.49 0.18 -4.87
N ARG A 312 -29.27 0.48 -3.82
CA ARG A 312 -30.66 0.90 -3.94
C ARG A 312 -30.89 2.09 -3.02
N GLN A 313 -31.42 3.18 -3.57
CA GLN A 313 -31.65 4.38 -2.76
C GLN A 313 -32.51 4.06 -1.53
N ALA A 314 -32.23 4.76 -0.45
CA ALA A 314 -33.05 4.68 0.77
C ALA A 314 -34.06 5.83 0.77
N GLU A 315 -35.34 5.48 0.94
CA GLU A 315 -36.36 6.52 1.06
C GLU A 315 -36.28 7.22 2.41
N VAL A 316 -36.05 6.47 3.49
CA VAL A 316 -35.83 7.05 4.81
C VAL A 316 -34.53 6.53 5.38
N ALA A 317 -33.60 7.43 5.70
CA ALA A 317 -32.33 7.07 6.30
C ALA A 317 -32.40 7.22 7.81
N LEU A 318 -31.94 6.20 8.53
CA LEU A 318 -31.86 6.23 10.00
C LEU A 318 -30.41 5.94 10.36
N VAL A 319 -29.59 7.00 10.38
CA VAL A 319 -28.15 6.85 10.64
C VAL A 319 -27.89 7.00 12.13
N GLY A 320 -27.34 5.96 12.73
CA GLY A 320 -27.04 5.95 14.14
C GLY A 320 -27.11 4.52 14.67
N ASP A 321 -27.20 4.42 16.00
CA ASP A 321 -27.09 3.14 16.69
C ASP A 321 -28.39 2.36 16.61
N GLY A 322 -28.25 1.05 16.39
CA GLY A 322 -29.43 0.21 16.22
C GLY A 322 -30.31 0.19 17.46
N LYS A 323 -29.72 -0.03 18.63
CA LYS A 323 -30.51 -0.04 19.88
C LYS A 323 -31.20 1.31 20.09
N ALA A 324 -30.45 2.40 19.95
CA ALA A 324 -31.00 3.72 20.27
C ALA A 324 -32.11 4.11 19.29
N ILE A 325 -31.91 3.86 17.99
CA ILE A 325 -32.90 4.28 17.01
C ILE A 325 -34.16 3.42 17.11
N VAL A 326 -34.02 2.11 17.32
CA VAL A 326 -35.25 1.31 17.50
C VAL A 326 -35.94 1.72 18.79
N GLY A 327 -35.18 2.13 19.81
CA GLY A 327 -35.79 2.75 20.99
C GLY A 327 -36.64 3.96 20.63
N GLN A 328 -36.10 4.85 19.77
CA GLN A 328 -36.86 6.00 19.27
C GLN A 328 -38.14 5.59 18.56
N LEU A 329 -38.06 4.55 17.72
CA LEU A 329 -39.24 4.08 16.99
C LEU A 329 -40.29 3.55 17.95
N ASN A 330 -39.87 2.73 18.92
CA ASN A 330 -40.80 2.18 19.91
C ASN A 330 -41.50 3.30 20.68
N GLN A 331 -40.75 4.36 21.04
CA GLN A 331 -41.32 5.50 21.73
C GLN A 331 -42.33 6.25 20.85
N ALA A 332 -41.98 6.48 19.59
CA ALA A 332 -42.90 7.18 18.70
C ALA A 332 -44.15 6.35 18.44
N LEU A 333 -44.01 5.01 18.45
CA LEU A 333 -45.14 4.11 18.28
C LEU A 333 -46.12 4.18 19.43
N SER A 334 -45.69 4.64 20.62
N SER A 334 -45.68 4.64 20.62
CA SER A 334 -46.63 4.76 21.72
CA SER A 334 -46.63 4.75 21.73
C SER A 334 -47.68 5.83 21.49
C SER A 334 -47.62 5.90 21.56
N SER A 335 -47.41 6.79 20.60
CA SER A 335 -48.34 7.87 20.29
C SER A 335 -49.17 7.57 19.04
N ARG A 336 -49.15 6.32 18.57
CA ARG A 336 -49.89 5.92 17.38
C ARG A 336 -50.66 4.65 17.70
N GLN A 337 -51.78 4.49 17.02
CA GLN A 337 -52.50 3.21 17.11
C GLN A 337 -52.03 2.22 16.06
N TRP A 338 -51.39 2.70 14.99
CA TRP A 338 -51.12 1.83 13.85
C TRP A 338 -50.37 0.56 14.25
N PHE A 339 -50.81 -0.58 13.71
CA PHE A 339 -50.02 -1.79 13.64
C PHE A 339 -50.36 -2.47 12.33
N TYR A 340 -49.48 -3.36 11.88
CA TYR A 340 -49.77 -4.11 10.65
C TYR A 340 -50.94 -5.06 10.89
N PRO A 341 -52.00 -4.98 10.09
CA PRO A 341 -53.25 -5.70 10.45
C PRO A 341 -53.08 -7.20 10.47
N ALA A 342 -54.00 -7.87 11.21
CA ALA A 342 -53.84 -9.31 11.43
C ALA A 342 -54.09 -10.11 10.16
N GLU A 343 -54.94 -9.62 9.26
CA GLU A 343 -55.27 -10.35 8.04
C GLU A 343 -55.05 -9.45 6.84
N THR A 344 -54.13 -9.83 5.97
CA THR A 344 -53.88 -9.12 4.73
C THR A 344 -53.49 -10.13 3.66
N PRO A 345 -53.66 -9.78 2.37
CA PRO A 345 -53.16 -10.67 1.30
C PRO A 345 -51.69 -11.02 1.45
N TRP A 346 -50.90 -10.10 1.99
CA TRP A 346 -49.47 -10.34 2.17
C TRP A 346 -49.21 -11.45 3.15
N ARG A 347 -49.93 -11.45 4.28
CA ARG A 347 -49.78 -12.54 5.23
C ARG A 347 -50.20 -13.86 4.61
N GLU A 348 -51.30 -13.85 3.84
CA GLU A 348 -51.77 -15.08 3.22
C GLU A 348 -50.75 -15.63 2.25
N ALA A 349 -50.11 -14.74 1.48
CA ALA A 349 -49.13 -15.17 0.49
C ALA A 349 -47.92 -15.76 1.18
N ILE A 350 -47.41 -15.07 2.21
CA ILE A 350 -46.28 -15.55 3.01
C ILE A 350 -46.57 -16.94 3.58
N ALA A 351 -47.74 -17.10 4.20
CA ALA A 351 -48.07 -18.38 4.83
C ALA A 351 -48.12 -19.51 3.80
N ALA A 352 -48.71 -19.26 2.63
CA ALA A 352 -48.79 -20.30 1.60
C ALA A 352 -47.40 -20.67 1.08
N LYS A 353 -46.52 -19.69 0.91
CA LYS A 353 -45.16 -20.02 0.49
C LYS A 353 -44.44 -20.81 1.57
N ILE A 354 -44.61 -20.44 2.84
CA ILE A 354 -44.01 -21.22 3.93
C ILE A 354 -44.49 -22.67 3.89
N ALA A 355 -45.80 -22.88 3.80
CA ALA A 355 -46.33 -24.24 3.73
C ALA A 355 -45.81 -24.99 2.52
N GLY A 356 -45.71 -24.31 1.37
CA GLY A 356 -45.20 -24.97 0.19
C GLY A 356 -43.76 -25.43 0.34
N ASN A 357 -42.93 -24.59 0.96
CA ASN A 357 -41.53 -24.97 1.15
C ASN A 357 -41.38 -26.04 2.23
N GLN A 358 -42.22 -26.00 3.27
CA GLN A 358 -42.18 -27.08 4.24
C GLN A 358 -42.53 -28.41 3.59
N ALA A 359 -43.56 -28.41 2.73
CA ALA A 359 -43.94 -29.63 2.02
C ALA A 359 -42.83 -30.12 1.11
N ALA A 360 -42.03 -29.21 0.57
CA ALA A 360 -40.98 -29.59 -0.38
C ALA A 360 -39.87 -30.38 0.32
N VAL A 361 -39.54 -30.02 1.56
CA VAL A 361 -38.46 -30.69 2.28
C VAL A 361 -38.97 -31.73 3.28
N ALA A 362 -40.27 -31.79 3.55
CA ALA A 362 -40.77 -32.78 4.50
C ALA A 362 -40.32 -34.21 4.19
N PRO A 363 -40.47 -34.73 2.97
CA PRO A 363 -40.01 -36.10 2.71
C PRO A 363 -38.50 -36.31 2.86
N MET A 364 -37.68 -35.29 2.57
N MET A 364 -37.67 -35.30 2.58
CA MET A 364 -36.24 -35.41 2.80
CA MET A 364 -36.23 -35.45 2.82
C MET A 364 -35.93 -35.50 4.30
C MET A 364 -35.93 -35.51 4.31
N ILE A 365 -36.57 -34.66 5.10
CA ILE A 365 -36.41 -34.71 6.55
C ILE A 365 -36.83 -36.09 7.10
N ALA A 366 -37.90 -36.68 6.53
CA ALA A 366 -38.46 -37.92 7.08
C ALA A 366 -37.74 -39.16 6.58
N ASP A 367 -36.93 -39.03 5.51
CA ASP A 367 -36.36 -40.16 4.79
C ASP A 367 -35.22 -40.73 5.61
N ASN A 368 -35.40 -41.95 6.10
CA ASN A 368 -34.39 -42.65 6.88
C ASN A 368 -33.41 -43.46 6.02
N THR A 369 -33.47 -43.33 4.70
CA THR A 369 -32.52 -44.03 3.83
C THR A 369 -31.07 -43.73 4.22
N SER A 370 -30.21 -44.76 4.14
CA SER A 370 -28.78 -44.57 4.27
C SER A 370 -28.12 -44.96 2.96
N PRO A 371 -27.08 -44.21 2.49
CA PRO A 371 -26.52 -42.99 3.12
C PRO A 371 -27.50 -41.83 3.17
N MET A 372 -27.44 -41.05 4.23
CA MET A 372 -28.46 -40.05 4.53
C MET A 372 -28.32 -38.79 3.67
N ASN A 373 -29.45 -38.09 3.50
CA ASN A 373 -29.44 -36.77 2.91
C ASN A 373 -29.25 -35.74 4.02
N TYR A 374 -28.99 -34.49 3.63
CA TYR A 374 -28.65 -33.46 4.62
C TYR A 374 -29.81 -33.19 5.57
N TYR A 375 -31.03 -33.15 5.03
CA TYR A 375 -32.20 -32.84 5.85
C TYR A 375 -32.45 -33.92 6.88
N ARG A 376 -32.29 -35.20 6.49
CA ARG A 376 -32.38 -36.28 7.48
C ARG A 376 -31.34 -36.11 8.57
N VAL A 377 -30.10 -35.77 8.19
CA VAL A 377 -29.08 -35.59 9.23
C VAL A 377 -29.49 -34.49 10.18
N TYR A 378 -29.98 -33.35 9.66
CA TYR A 378 -30.30 -32.26 10.56
C TYR A 378 -31.54 -32.54 11.39
N ARG A 379 -32.39 -33.47 11.00
CA ARG A 379 -33.52 -33.83 11.87
C ARG A 379 -33.00 -34.25 13.24
N ASP A 380 -31.95 -35.10 13.26
CA ASP A 380 -31.40 -35.53 14.53
C ASP A 380 -30.51 -34.46 15.18
N ILE A 381 -29.75 -33.70 14.38
CA ILE A 381 -28.88 -32.69 14.96
C ILE A 381 -29.69 -31.60 15.63
N ALA A 382 -30.67 -31.05 14.89
CA ALA A 382 -31.47 -29.95 15.44
C ALA A 382 -32.22 -30.39 16.70
N ALA A 383 -32.63 -31.65 16.77
CA ALA A 383 -33.34 -32.13 17.94
C ALA A 383 -32.46 -32.05 19.19
N ARG A 384 -31.14 -32.07 19.01
CA ARG A 384 -30.22 -32.15 20.13
C ARG A 384 -29.43 -30.87 20.38
N LEU A 385 -29.88 -29.73 19.83
CA LEU A 385 -29.25 -28.45 20.12
C LEU A 385 -29.92 -27.83 21.32
N PRO A 386 -29.22 -27.65 22.43
CA PRO A 386 -29.84 -26.97 23.57
C PRO A 386 -30.12 -25.52 23.22
N ARG A 387 -31.15 -24.96 23.87
N ARG A 387 -31.15 -24.98 23.88
CA ARG A 387 -31.56 -23.61 23.51
CA ARG A 387 -31.58 -23.62 23.60
C ARG A 387 -30.49 -22.56 23.83
C ARG A 387 -30.43 -22.62 23.76
N ASN A 388 -29.54 -22.84 24.73
CA ASN A 388 -28.45 -21.90 25.01
C ASN A 388 -27.17 -22.22 24.25
N ALA A 389 -27.22 -23.04 23.20
CA ALA A 389 -25.96 -23.42 22.58
C ALA A 389 -25.44 -22.28 21.72
N ILE A 390 -24.14 -22.32 21.45
CA ILE A 390 -23.54 -21.51 20.39
C ILE A 390 -23.28 -22.44 19.22
N ILE A 391 -23.81 -22.08 18.06
CA ILE A 391 -23.71 -22.91 16.87
C ILE A 391 -22.69 -22.28 15.92
N VAL A 392 -21.72 -23.08 15.47
CA VAL A 392 -20.77 -22.68 14.42
C VAL A 392 -21.11 -23.48 13.18
N GLY A 393 -21.29 -22.82 12.05
CA GLY A 393 -21.68 -23.50 10.82
C GLY A 393 -20.70 -23.11 9.73
N GLU A 394 -20.28 -24.10 8.95
CA GLU A 394 -19.20 -23.86 8.01
C GLU A 394 -19.19 -24.95 6.93
N GLY A 395 -19.15 -24.53 5.67
CA GLY A 395 -19.22 -25.40 4.52
C GLY A 395 -20.05 -24.73 3.45
N ALA A 396 -20.45 -25.50 2.44
CA ALA A 396 -21.40 -25.00 1.45
C ALA A 396 -22.79 -25.58 1.77
N ASN A 397 -23.11 -26.77 1.25
CA ASN A 397 -24.41 -27.36 1.59
C ASN A 397 -24.55 -27.61 3.09
N THR A 398 -23.50 -28.13 3.74
CA THR A 398 -23.58 -28.32 5.20
C THR A 398 -23.99 -27.03 5.88
N MET A 399 -23.32 -25.92 5.56
CA MET A 399 -23.61 -24.66 6.26
C MET A 399 -24.96 -24.10 5.85
N ASP A 400 -25.25 -24.08 4.55
CA ASP A 400 -26.46 -23.41 4.08
C ASP A 400 -27.72 -24.18 4.53
N ILE A 401 -27.72 -25.50 4.36
CA ILE A 401 -28.86 -26.28 4.83
C ILE A 401 -28.94 -26.23 6.35
N GLY A 402 -27.80 -26.21 7.02
CA GLY A 402 -27.82 -26.07 8.48
C GLY A 402 -28.41 -24.75 8.95
N ARG A 403 -28.21 -23.69 8.17
CA ARG A 403 -28.79 -22.39 8.50
C ARG A 403 -30.31 -22.46 8.59
N THR A 404 -30.96 -23.15 7.66
CA THR A 404 -32.42 -23.22 7.72
C THR A 404 -32.89 -24.27 8.73
N GLN A 405 -32.07 -25.31 9.00
CA GLN A 405 -32.52 -26.42 9.84
C GLN A 405 -32.13 -26.27 11.32
N MET A 406 -31.28 -25.30 11.66
CA MET A 406 -30.87 -25.06 13.04
C MET A 406 -31.34 -23.68 13.49
N PRO A 407 -32.46 -23.60 14.21
CA PRO A 407 -32.93 -22.31 14.70
C PRO A 407 -32.06 -21.82 15.85
N ASN A 408 -31.98 -20.49 15.99
CA ASN A 408 -31.42 -19.85 17.17
C ASN A 408 -32.49 -19.02 17.84
N PHE A 409 -32.46 -19.00 19.18
CA PHE A 409 -33.47 -18.34 19.99
C PHE A 409 -32.93 -17.15 20.77
N GLU A 410 -31.62 -16.99 20.84
CA GLU A 410 -30.93 -15.90 21.50
C GLU A 410 -29.96 -15.29 20.50
N PRO A 411 -29.69 -13.98 20.58
CA PRO A 411 -28.73 -13.35 19.64
C PRO A 411 -27.30 -13.82 19.90
N ARG A 412 -26.46 -13.54 18.91
CA ARG A 412 -25.02 -13.74 19.03
C ARG A 412 -24.70 -15.18 19.40
N SER A 413 -25.50 -16.12 18.87
CA SER A 413 -25.35 -17.53 19.17
C SER A 413 -25.15 -18.35 17.92
N ARG A 414 -24.89 -17.70 16.77
CA ARG A 414 -24.54 -18.40 15.55
C ARG A 414 -23.33 -17.70 14.97
N LEU A 415 -22.28 -18.47 14.72
CA LEU A 415 -21.07 -17.96 14.07
C LEU A 415 -20.84 -18.76 12.80
N ASP A 416 -20.69 -18.09 11.66
CA ASP A 416 -20.60 -18.86 10.42
C ASP A 416 -19.64 -18.18 9.48
N ALA A 417 -19.62 -18.66 8.23
CA ALA A 417 -18.59 -18.19 7.30
C ALA A 417 -18.69 -16.68 7.04
N GLY A 418 -19.83 -16.05 7.37
CA GLY A 418 -19.98 -14.58 7.35
C GLY A 418 -19.90 -13.84 5.99
N SER A 419 -19.69 -12.52 6.08
CA SER A 419 -19.81 -11.64 4.92
C SER A 419 -18.68 -11.86 3.91
N TYR A 420 -17.63 -12.56 4.30
CA TYR A 420 -16.51 -12.91 3.41
C TYR A 420 -16.62 -14.34 2.90
N GLY A 421 -17.63 -15.12 3.35
CA GLY A 421 -17.75 -16.47 2.83
C GLY A 421 -16.55 -17.36 3.10
N THR A 422 -15.98 -17.25 4.31
CA THR A 422 -14.67 -17.79 4.64
C THR A 422 -14.73 -19.24 5.14
N MET A 423 -14.03 -20.15 4.45
CA MET A 423 -13.68 -21.44 5.03
C MET A 423 -12.40 -21.29 5.84
N GLY A 424 -12.39 -21.86 7.04
CA GLY A 424 -11.25 -21.73 7.94
C GLY A 424 -11.59 -21.11 9.27
N ILE A 425 -12.81 -20.58 9.43
CA ILE A 425 -13.19 -19.96 10.70
C ILE A 425 -13.69 -20.97 11.73
N GLY A 426 -13.93 -22.22 11.33
CA GLY A 426 -14.73 -23.13 12.15
C GLY A 426 -14.27 -23.36 13.57
N LEU A 427 -13.14 -24.06 13.75
CA LEU A 427 -12.72 -24.41 15.10
C LEU A 427 -12.10 -23.23 15.85
N GLY A 428 -11.57 -22.22 15.15
CA GLY A 428 -11.22 -20.98 15.85
C GLY A 428 -12.45 -20.29 16.48
N PHE A 429 -13.53 -20.21 15.72
CA PHE A 429 -14.78 -19.67 16.27
C PHE A 429 -15.27 -20.55 17.44
N ALA A 430 -15.21 -21.88 17.28
CA ALA A 430 -15.65 -22.76 18.37
C ALA A 430 -14.79 -22.56 19.61
N VAL A 431 -13.47 -22.47 19.44
CA VAL A 431 -12.57 -22.26 20.58
C VAL A 431 -12.87 -20.92 21.26
N ALA A 432 -13.12 -19.87 20.47
CA ALA A 432 -13.49 -18.57 21.02
C ALA A 432 -14.79 -18.66 21.83
N ALA A 433 -15.81 -19.31 21.27
CA ALA A 433 -17.07 -19.46 22.00
C ALA A 433 -16.89 -20.23 23.30
N ALA A 434 -16.05 -21.29 23.29
CA ALA A 434 -15.89 -22.10 24.50
C ALA A 434 -15.06 -21.36 25.54
N ALA A 435 -14.17 -20.47 25.10
CA ALA A 435 -13.46 -19.63 26.05
C ALA A 435 -14.36 -18.56 26.66
N VAL A 436 -15.19 -17.90 25.84
CA VAL A 436 -16.00 -16.80 26.35
C VAL A 436 -17.21 -17.32 27.14
N HIS A 437 -17.82 -18.40 26.68
CA HIS A 437 -19.05 -18.91 27.29
C HIS A 437 -18.83 -20.35 27.76
N PRO A 438 -17.97 -20.58 28.75
CA PRO A 438 -17.70 -21.98 29.16
C PRO A 438 -18.91 -22.67 29.77
N GLY A 439 -19.95 -21.93 30.12
CA GLY A 439 -21.17 -22.51 30.66
C GLY A 439 -22.18 -22.89 29.61
N ARG A 440 -21.88 -22.67 28.34
CA ARG A 440 -22.80 -22.92 27.25
C ARG A 440 -22.23 -24.00 26.33
N PRO A 441 -23.09 -24.84 25.76
CA PRO A 441 -22.60 -25.85 24.80
C PRO A 441 -22.15 -25.18 23.50
N VAL A 442 -21.11 -25.76 22.91
CA VAL A 442 -20.55 -25.22 21.68
C VAL A 442 -20.52 -26.34 20.66
N ILE A 443 -21.31 -26.18 19.60
CA ILE A 443 -21.55 -27.23 18.62
C ILE A 443 -21.19 -26.67 17.25
N ALA A 444 -20.20 -27.29 16.59
CA ALA A 444 -19.73 -26.86 15.29
C ALA A 444 -20.11 -27.93 14.28
N VAL A 445 -20.90 -27.54 13.29
CA VAL A 445 -21.34 -28.46 12.26
C VAL A 445 -20.63 -28.03 10.98
N GLN A 446 -19.73 -28.86 10.52
CA GLN A 446 -18.83 -28.52 9.43
C GLN A 446 -18.93 -29.56 8.33
N GLY A 447 -18.78 -29.10 7.08
CA GLY A 447 -18.53 -30.00 5.96
C GLY A 447 -17.15 -30.62 6.06
N ASP A 448 -16.92 -31.66 5.26
CA ASP A 448 -15.63 -32.31 5.35
C ASP A 448 -14.51 -31.41 4.82
N SER A 449 -14.76 -30.63 3.77
CA SER A 449 -13.74 -29.67 3.32
C SER A 449 -13.48 -28.62 4.40
N ALA A 450 -14.56 -28.01 4.93
CA ALA A 450 -14.43 -26.99 5.97
C ALA A 450 -13.58 -27.48 7.14
N PHE A 451 -13.85 -28.70 7.63
CA PHE A 451 -13.11 -29.23 8.77
C PHE A 451 -11.61 -29.23 8.52
N GLY A 452 -11.19 -29.56 7.31
CA GLY A 452 -9.77 -29.68 7.04
C GLY A 452 -8.99 -28.38 7.18
N PHE A 453 -9.66 -27.22 7.11
CA PHE A 453 -8.95 -25.94 7.20
C PHE A 453 -8.46 -25.66 8.61
N SER A 454 -9.19 -26.12 9.63
CA SER A 454 -8.89 -25.74 11.01
C SER A 454 -8.90 -26.94 11.96
N GLY A 455 -8.96 -28.16 11.42
CA GLY A 455 -9.25 -29.34 12.24
C GLY A 455 -8.22 -29.59 13.32
N MET A 456 -6.97 -29.16 13.10
CA MET A 456 -5.95 -29.39 14.13
C MET A 456 -6.23 -28.66 15.45
N GLU A 457 -7.05 -27.60 15.44
CA GLU A 457 -7.38 -26.87 16.66
C GLU A 457 -8.21 -27.73 17.61
N PHE A 458 -8.57 -28.95 17.19
CA PHE A 458 -9.18 -29.87 18.14
C PHE A 458 -8.22 -30.16 19.28
N GLU A 459 -6.91 -30.18 19.00
CA GLU A 459 -5.98 -30.37 20.10
C GLU A 459 -5.98 -29.16 21.05
N THR A 460 -6.19 -27.95 20.53
CA THR A 460 -6.34 -26.77 21.39
C THR A 460 -7.54 -26.94 22.32
N ALA A 461 -8.68 -27.31 21.77
CA ALA A 461 -9.87 -27.50 22.60
C ALA A 461 -9.63 -28.55 23.69
N ALA A 462 -9.01 -29.67 23.33
CA ALA A 462 -8.72 -30.71 24.31
C ALA A 462 -7.75 -30.21 25.38
N ARG A 463 -6.71 -29.47 24.96
CA ARG A 463 -5.70 -29.00 25.89
C ARG A 463 -6.30 -28.05 26.93
N TYR A 464 -7.30 -27.27 26.55
CA TYR A 464 -7.94 -26.36 27.48
C TYR A 464 -9.22 -26.92 28.10
N GLY A 465 -9.55 -28.18 27.84
CA GLY A 465 -10.73 -28.78 28.43
C GLY A 465 -12.03 -28.17 27.92
N MET A 466 -12.02 -27.69 26.68
CA MET A 466 -13.18 -27.10 26.02
C MET A 466 -13.98 -28.22 25.38
N PRO A 467 -15.17 -28.55 25.87
CA PRO A 467 -15.90 -29.70 25.30
C PRO A 467 -16.68 -29.32 24.03
N ILE A 468 -15.96 -28.81 23.04
CA ILE A 468 -16.59 -28.49 21.77
C ILE A 468 -17.08 -29.77 21.12
N LYS A 469 -18.26 -29.71 20.49
CA LYS A 469 -18.86 -30.84 19.79
C LYS A 469 -18.80 -30.59 18.29
N VAL A 470 -17.92 -31.31 17.62
CA VAL A 470 -17.69 -31.12 16.20
C VAL A 470 -18.43 -32.22 15.46
N ILE A 471 -19.36 -31.83 14.60
CA ILE A 471 -20.11 -32.77 13.77
C ILE A 471 -19.72 -32.52 12.33
N ILE A 472 -19.15 -33.53 11.67
CA ILE A 472 -18.68 -33.42 10.29
C ILE A 472 -19.67 -34.13 9.40
N LEU A 473 -20.21 -33.43 8.41
CA LEU A 473 -21.02 -34.04 7.36
C LEU A 473 -20.09 -34.30 6.19
N ASN A 474 -19.78 -35.57 5.95
CA ASN A 474 -18.73 -35.96 5.00
C ASN A 474 -19.37 -36.53 3.73
N ASN A 475 -19.40 -35.73 2.66
CA ASN A 475 -19.80 -36.25 1.35
C ASN A 475 -18.61 -36.57 0.45
N GLY A 476 -17.39 -36.48 0.96
CA GLY A 476 -16.25 -36.80 0.14
C GLY A 476 -15.81 -35.69 -0.79
N GLY A 477 -16.18 -34.43 -0.52
CA GLY A 477 -15.64 -33.36 -1.35
C GLY A 477 -16.23 -32.00 -1.03
N ILE A 478 -15.91 -31.08 -1.94
CA ILE A 478 -16.24 -29.67 -1.85
C ILE A 478 -17.59 -29.47 -2.53
N GLY A 479 -18.65 -29.32 -1.74
CA GLY A 479 -19.99 -29.08 -2.27
C GLY A 479 -20.75 -30.35 -2.62
N MET A 480 -20.04 -31.37 -3.06
CA MET A 480 -20.62 -32.64 -3.49
C MET A 480 -19.49 -33.67 -3.50
N GLY A 481 -19.87 -34.94 -3.50
CA GLY A 481 -18.90 -36.01 -3.60
C GLY A 481 -18.50 -36.27 -5.04
N SER A 482 -17.85 -37.40 -5.25
CA SER A 482 -17.42 -37.81 -6.57
C SER A 482 -17.05 -39.28 -6.54
N PRO A 483 -17.22 -40.00 -7.65
CA PRO A 483 -16.75 -41.38 -7.69
C PRO A 483 -15.23 -41.42 -7.74
N ALA A 484 -14.68 -42.57 -7.34
CA ALA A 484 -13.23 -42.78 -7.39
C ALA A 484 -12.70 -42.64 -8.80
N GLY A 488 -7.37 -44.97 -15.18
CA GLY A 488 -6.27 -44.25 -14.55
C GLY A 488 -6.30 -42.75 -14.78
N GLN A 489 -7.40 -42.12 -14.40
CA GLN A 489 -7.61 -40.68 -14.47
C GLN A 489 -7.24 -40.03 -13.15
N PRO A 490 -6.91 -38.74 -13.15
CA PRO A 490 -6.66 -38.04 -11.89
C PRO A 490 -7.92 -37.87 -11.08
N GLY A 491 -7.73 -37.61 -9.78
CA GLY A 491 -8.86 -37.21 -8.97
C GLY A 491 -9.39 -35.85 -9.40
N MET A 492 -10.69 -35.68 -9.23
CA MET A 492 -11.32 -34.41 -9.56
C MET A 492 -10.83 -33.33 -8.59
N PRO A 493 -10.77 -32.06 -9.04
CA PRO A 493 -10.26 -30.99 -8.16
C PRO A 493 -11.07 -30.79 -6.89
N HIS A 494 -12.38 -31.04 -6.93
CA HIS A 494 -13.22 -30.87 -5.75
C HIS A 494 -13.27 -32.11 -4.86
N ALA A 495 -12.69 -33.24 -5.28
CA ALA A 495 -12.86 -34.49 -4.54
C ALA A 495 -12.01 -34.51 -3.30
N LEU A 496 -12.56 -35.05 -2.20
CA LEU A 496 -11.78 -35.33 -1.01
C LEU A 496 -11.85 -36.85 -0.73
N SER A 497 -12.07 -37.26 0.53
CA SER A 497 -12.02 -38.66 0.90
C SER A 497 -13.33 -39.04 1.57
N HIS A 498 -14.23 -39.65 0.81
CA HIS A 498 -15.53 -40.02 1.38
C HIS A 498 -15.40 -41.05 2.50
N ASP A 499 -14.36 -41.89 2.46
CA ASP A 499 -14.18 -42.91 3.48
C ASP A 499 -13.25 -42.48 4.60
N ALA A 500 -12.84 -41.21 4.61
CA ALA A 500 -11.99 -40.67 5.68
C ALA A 500 -12.64 -40.91 7.04
N ARG A 501 -11.82 -41.19 8.03
CA ARG A 501 -12.28 -41.42 9.39
C ARG A 501 -11.81 -40.28 10.30
N TYR A 502 -12.35 -39.09 10.03
CA TYR A 502 -11.95 -37.87 10.72
C TYR A 502 -12.10 -37.99 12.23
N GLU A 503 -13.03 -38.82 12.71
CA GLU A 503 -13.24 -38.88 14.16
C GLU A 503 -12.03 -39.46 14.89
N ARG A 504 -11.14 -40.19 14.19
CA ARG A 504 -9.95 -40.70 14.86
C ARG A 504 -9.01 -39.59 15.29
N ILE A 505 -9.17 -38.40 14.70
CA ILE A 505 -8.43 -37.21 15.12
C ILE A 505 -8.81 -36.82 16.55
N ALA A 506 -10.09 -36.95 16.90
CA ALA A 506 -10.46 -36.74 18.29
C ALA A 506 -9.67 -37.65 19.21
N GLU A 507 -9.47 -38.90 18.79
CA GLU A 507 -8.79 -39.91 19.56
C GLU A 507 -7.30 -39.66 19.67
N ALA A 508 -6.74 -38.90 18.75
CA ALA A 508 -5.35 -38.48 18.90
C ALA A 508 -5.15 -37.63 20.14
N PHE A 509 -6.20 -36.94 20.58
CA PHE A 509 -6.04 -35.90 21.60
C PHE A 509 -6.94 -36.14 22.81
N GLY A 510 -7.34 -37.38 23.05
CA GLY A 510 -8.08 -37.70 24.24
C GLY A 510 -9.56 -37.38 24.19
N GLY A 511 -10.09 -37.01 23.03
CA GLY A 511 -11.52 -36.76 22.89
C GLY A 511 -12.26 -38.00 22.42
N ALA A 512 -13.57 -37.86 22.22
CA ALA A 512 -14.38 -39.01 21.82
C ALA A 512 -14.70 -38.92 20.33
N GLY A 513 -14.46 -40.01 19.60
CA GLY A 513 -14.79 -40.11 18.18
C GLY A 513 -15.95 -41.04 17.91
N PHE A 514 -16.86 -40.61 17.03
CA PHE A 514 -17.98 -41.43 16.61
C PHE A 514 -18.06 -41.43 15.10
N TYR A 515 -18.34 -42.61 14.54
CA TYR A 515 -18.48 -42.77 13.10
C TYR A 515 -19.91 -43.21 12.80
N VAL A 516 -20.56 -42.49 11.89
CA VAL A 516 -21.96 -42.75 11.55
C VAL A 516 -22.07 -42.92 10.04
N THR A 517 -22.59 -44.06 9.60
CA THR A 517 -22.97 -44.30 8.21
C THR A 517 -24.45 -44.55 8.03
N ASP A 518 -25.15 -44.97 9.09
CA ASP A 518 -26.52 -45.46 9.01
C ASP A 518 -27.40 -44.58 9.89
N SER A 519 -28.60 -44.29 9.39
CA SER A 519 -29.45 -43.34 10.09
C SER A 519 -29.78 -43.81 11.49
N ALA A 520 -29.90 -45.13 11.70
CA ALA A 520 -30.19 -45.67 13.03
C ALA A 520 -29.05 -45.44 14.02
N GLU A 521 -27.82 -45.20 13.53
CA GLU A 521 -26.68 -44.92 14.40
C GLU A 521 -26.63 -43.47 14.85
N LEU A 522 -27.32 -42.56 14.16
CA LEU A 522 -27.05 -41.12 14.32
C LEU A 522 -27.52 -40.61 15.69
N GLY A 523 -28.76 -40.91 16.06
CA GLY A 523 -29.30 -40.47 17.33
C GLY A 523 -28.38 -40.86 18.48
N PRO A 524 -28.08 -42.16 18.59
CA PRO A 524 -27.18 -42.60 19.67
C PRO A 524 -25.80 -41.95 19.63
N ALA A 525 -25.21 -41.75 18.44
CA ALA A 525 -23.89 -41.11 18.36
C ALA A 525 -23.95 -39.67 18.85
N LEU A 526 -24.96 -38.91 18.42
CA LEU A 526 -25.10 -37.53 18.88
C LEU A 526 -25.33 -37.47 20.38
N ASP A 527 -26.19 -38.35 20.92
CA ASP A 527 -26.43 -38.33 22.36
C ASP A 527 -25.17 -38.66 23.13
N ALA A 528 -24.39 -39.65 22.65
CA ALA A 528 -23.16 -40.01 23.36
C ALA A 528 -22.14 -38.88 23.29
N ALA A 529 -22.00 -38.25 22.12
CA ALA A 529 -21.10 -37.12 21.97
C ALA A 529 -21.51 -35.95 22.87
N MET A 530 -22.82 -35.63 22.93
CA MET A 530 -23.25 -34.50 23.74
C MET A 530 -22.98 -34.75 25.23
N ALA A 531 -23.08 -36.02 25.68
CA ALA A 531 -22.91 -36.40 27.08
C ALA A 531 -21.44 -36.58 27.45
N PHE A 532 -20.57 -36.87 26.48
CA PHE A 532 -19.17 -37.05 26.80
C PHE A 532 -18.60 -35.80 27.43
N LYS A 533 -17.95 -35.95 28.58
CA LYS A 533 -17.41 -34.81 29.32
C LYS A 533 -16.06 -34.41 28.73
N GLY A 534 -16.12 -33.92 27.51
CA GLY A 534 -14.94 -33.51 26.76
C GLY A 534 -15.31 -33.15 25.34
N PRO A 535 -14.32 -32.77 24.55
CA PRO A 535 -14.58 -32.48 23.13
C PRO A 535 -14.80 -33.77 22.36
N ALA A 536 -15.52 -33.68 21.25
CA ALA A 536 -15.87 -34.86 20.48
C ALA A 536 -16.01 -34.54 18.98
N ILE A 537 -15.76 -35.55 18.16
CA ILE A 537 -16.05 -35.51 16.73
C ILE A 537 -17.04 -36.61 16.38
N VAL A 538 -18.14 -36.24 15.75
CA VAL A 538 -19.08 -37.16 15.12
C VAL A 538 -18.89 -37.02 13.62
N ASN A 539 -18.33 -38.06 13.00
CA ASN A 539 -18.07 -38.08 11.56
C ASN A 539 -19.23 -38.84 10.88
N ILE A 540 -20.02 -38.12 10.07
CA ILE A 540 -21.21 -38.68 9.42
C ILE A 540 -20.91 -38.80 7.94
N LYS A 541 -20.89 -40.02 7.43
CA LYS A 541 -20.72 -40.24 6.00
C LYS A 541 -22.09 -40.14 5.31
N ILE A 542 -22.29 -39.04 4.59
CA ILE A 542 -23.57 -38.76 3.96
C ILE A 542 -23.52 -39.16 2.49
N ALA A 543 -24.68 -39.10 1.84
CA ALA A 543 -24.76 -39.40 0.42
C ALA A 543 -23.92 -38.41 -0.39
N ALA A 544 -23.17 -38.94 -1.36
CA ALA A 544 -22.27 -38.13 -2.16
C ALA A 544 -23.04 -37.09 -2.96
N THR A 545 -24.29 -37.38 -3.34
CA THR A 545 -25.06 -36.49 -4.21
C THR A 545 -26.18 -35.75 -3.49
N ALA A 546 -26.25 -35.84 -2.16
CA ALA A 546 -27.21 -35.03 -1.41
C ALA A 546 -27.07 -33.53 -1.74
N ASP A 547 -28.19 -32.83 -1.84
CA ASP A 547 -28.21 -31.43 -2.21
C ASP A 547 -29.30 -30.69 -1.44
N ARG A 548 -29.30 -29.37 -1.60
CA ARG A 548 -30.26 -28.50 -0.94
C ARG A 548 -31.57 -28.47 -1.74
N LYS A 549 -32.62 -28.00 -1.07
CA LYS A 549 -33.92 -27.83 -1.72
C LYS A 549 -33.76 -27.01 -3.01
N PRO A 550 -34.45 -27.40 -4.09
CA PRO A 550 -34.43 -26.58 -5.31
C PRO A 550 -34.96 -25.18 -5.04
N GLN A 551 -34.39 -24.21 -5.75
CA GLN A 551 -34.83 -22.83 -5.62
C GLN A 551 -34.93 -22.20 -6.99
N GLN A 552 -35.73 -21.14 -7.07
CA GLN A 552 -35.84 -20.40 -8.30
C GLN A 552 -34.51 -19.74 -8.66
N PHE A 553 -33.76 -19.26 -7.66
CA PHE A 553 -32.54 -18.50 -7.89
C PHE A 553 -31.37 -19.16 -7.17
N ASN A 554 -30.21 -19.18 -7.83
CA ASN A 554 -28.98 -19.61 -7.19
C ASN A 554 -28.65 -18.61 -6.07
N TRP A 555 -27.97 -19.08 -5.04
CA TRP A 555 -27.70 -18.17 -3.91
C TRP A 555 -26.78 -17.01 -4.34
N HIS A 556 -25.91 -17.24 -5.32
CA HIS A 556 -24.96 -16.24 -5.80
C HIS A 556 -25.49 -15.53 -7.04
N GLY A 557 -25.91 -16.28 -8.05
CA GLY A 557 -26.52 -15.70 -9.23
C GLY A 557 -25.51 -15.16 -10.22
N SER B 1 -22.34 -36.70 -27.94
CA SER B 1 -22.19 -37.48 -29.17
C SER B 1 -21.43 -36.68 -30.20
N ASN B 2 -20.46 -37.34 -30.84
CA ASN B 2 -19.61 -36.71 -31.85
C ASN B 2 -20.33 -36.49 -33.17
N ALA B 3 -21.52 -37.04 -33.33
CA ALA B 3 -22.25 -36.96 -34.59
C ALA B 3 -22.86 -35.59 -34.83
N MET B 4 -23.05 -34.79 -33.79
CA MET B 4 -23.81 -33.56 -33.91
C MET B 4 -22.85 -32.38 -34.02
N ALA B 5 -23.22 -31.45 -34.88
CA ALA B 5 -22.42 -30.25 -35.13
C ALA B 5 -22.17 -29.49 -33.83
N LYS B 6 -20.89 -29.22 -33.55
CA LYS B 6 -20.46 -28.53 -32.34
C LYS B 6 -19.62 -27.31 -32.70
N SER B 7 -19.55 -26.35 -31.76
CA SER B 7 -19.13 -24.99 -32.05
C SER B 7 -17.63 -24.86 -32.25
N GLU B 8 -16.84 -25.19 -31.23
CA GLU B 8 -15.38 -25.32 -31.36
C GLU B 8 -14.60 -24.07 -31.78
N GLY B 9 -15.29 -23.02 -32.26
CA GLY B 9 -14.57 -21.82 -32.67
C GLY B 9 -14.16 -20.89 -31.53
N LYS B 10 -14.77 -21.03 -30.35
CA LYS B 10 -14.51 -20.13 -29.23
C LYS B 10 -13.80 -20.87 -28.11
N VAL B 11 -13.10 -20.10 -27.27
CA VAL B 11 -12.38 -20.62 -26.12
C VAL B 11 -12.62 -19.65 -24.97
N ASN B 12 -12.68 -20.16 -23.75
CA ASN B 12 -12.89 -19.29 -22.59
C ASN B 12 -11.59 -19.02 -21.86
N GLY B 13 -11.68 -18.12 -20.87
CA GLY B 13 -10.49 -17.69 -20.16
C GLY B 13 -9.84 -18.82 -19.38
N ALA B 14 -10.67 -19.71 -18.77
CA ALA B 14 -10.13 -20.86 -18.06
C ALA B 14 -9.25 -21.73 -18.97
N THR B 15 -9.73 -22.01 -20.19
CA THR B 15 -8.94 -22.83 -21.10
C THR B 15 -7.71 -22.07 -21.60
N LEU B 16 -7.85 -20.77 -21.88
CA LEU B 16 -6.67 -20.01 -22.33
C LEU B 16 -5.60 -20.00 -21.24
N MET B 17 -6.01 -19.95 -19.97
CA MET B 17 -5.04 -19.93 -18.90
C MET B 17 -4.36 -21.29 -18.75
N ALA B 18 -5.14 -22.38 -18.79
CA ALA B 18 -4.56 -23.72 -18.75
C ALA B 18 -3.53 -23.90 -19.85
N ARG B 19 -3.86 -23.48 -21.07
CA ARG B 19 -2.94 -23.65 -22.18
C ARG B 19 -1.68 -22.83 -21.99
N ALA B 20 -1.84 -21.58 -21.50
CA ALA B 20 -0.68 -20.72 -21.34
C ALA B 20 0.22 -21.24 -20.22
N LEU B 21 -0.37 -21.68 -19.10
CA LEU B 21 0.44 -22.25 -18.02
C LEU B 21 1.26 -23.45 -18.51
N GLN B 22 0.59 -24.40 -19.20
CA GLN B 22 1.29 -25.54 -19.77
C GLN B 22 2.39 -25.06 -20.72
N GLN B 23 2.08 -24.10 -21.60
CA GLN B 23 3.09 -23.63 -22.53
C GLN B 23 4.30 -23.08 -21.79
N GLN B 24 4.07 -22.39 -20.68
CA GLN B 24 5.16 -21.80 -19.93
C GLN B 24 5.82 -22.77 -18.93
N GLY B 25 5.55 -24.07 -19.03
CA GLY B 25 6.26 -25.01 -18.17
C GLY B 25 5.70 -25.19 -16.78
N VAL B 26 4.53 -24.62 -16.48
CA VAL B 26 3.84 -24.95 -15.24
C VAL B 26 3.33 -26.39 -15.33
N GLN B 27 3.81 -27.26 -14.45
CA GLN B 27 3.39 -28.67 -14.44
C GLN B 27 2.61 -29.04 -13.21
N TYR B 28 2.71 -28.24 -12.15
CA TYR B 28 2.06 -28.53 -10.87
C TYR B 28 1.26 -27.32 -10.46
N MET B 29 0.07 -27.59 -9.90
CA MET B 29 -0.84 -26.55 -9.47
C MET B 29 -1.46 -27.03 -8.16
N PHE B 30 -1.13 -26.34 -7.07
CA PHE B 30 -1.61 -26.65 -5.74
C PHE B 30 -2.69 -25.66 -5.35
N GLY B 31 -3.85 -26.13 -4.89
CA GLY B 31 -4.86 -25.15 -4.64
C GLY B 31 -6.04 -25.73 -3.88
N ILE B 32 -7.05 -24.89 -3.74
CA ILE B 32 -8.37 -25.33 -3.25
C ILE B 32 -9.41 -24.64 -4.10
N VAL B 33 -10.31 -25.42 -4.70
CA VAL B 33 -11.27 -24.85 -5.64
C VAL B 33 -12.53 -24.35 -4.94
N GLY B 34 -13.33 -23.62 -5.70
CA GLY B 34 -14.52 -22.96 -5.22
C GLY B 34 -14.76 -21.86 -6.24
N PHE B 35 -15.77 -21.05 -5.97
CA PHE B 35 -15.98 -19.87 -6.81
C PHE B 35 -14.75 -18.96 -6.76
N PRO B 36 -14.27 -18.43 -7.91
CA PRO B 36 -14.66 -18.66 -9.30
C PRO B 36 -13.71 -19.60 -10.05
N VAL B 37 -12.87 -20.36 -9.35
CA VAL B 37 -11.71 -20.97 -9.99
C VAL B 37 -11.91 -22.43 -10.35
N ILE B 38 -13.08 -23.02 -10.10
CA ILE B 38 -13.30 -24.41 -10.51
C ILE B 38 -12.94 -24.63 -11.98
N PRO B 39 -13.40 -23.83 -12.93
CA PRO B 39 -13.05 -24.11 -14.34
C PRO B 39 -11.54 -24.06 -14.61
N ILE B 40 -10.76 -23.31 -13.83
CA ILE B 40 -9.32 -23.25 -14.12
C ILE B 40 -8.67 -24.58 -13.75
N ALA B 41 -9.06 -25.14 -12.60
CA ALA B 41 -8.49 -26.42 -12.18
C ALA B 41 -8.84 -27.53 -13.17
N ILE B 42 -10.10 -27.58 -13.60
CA ILE B 42 -10.52 -28.57 -14.60
C ILE B 42 -9.76 -28.37 -15.92
N ALA B 43 -9.72 -27.12 -16.41
CA ALA B 43 -9.00 -26.85 -17.65
C ALA B 43 -7.52 -27.23 -17.53
N ALA B 44 -6.91 -26.98 -16.36
CA ALA B 44 -5.49 -27.31 -16.18
C ALA B 44 -5.26 -28.82 -16.30
N GLN B 45 -6.16 -29.63 -15.73
CA GLN B 45 -6.03 -31.08 -15.83
C GLN B 45 -6.19 -31.54 -17.27
N ARG B 46 -7.05 -30.88 -18.05
CA ARG B 46 -7.17 -31.30 -19.46
C ARG B 46 -5.91 -31.02 -20.26
N GLU B 47 -5.04 -30.12 -19.81
CA GLU B 47 -3.77 -29.92 -20.49
C GLU B 47 -2.66 -30.78 -19.89
N GLY B 48 -2.99 -31.70 -18.98
CA GLY B 48 -1.99 -32.54 -18.36
C GLY B 48 -1.25 -31.92 -17.19
N ILE B 49 -1.60 -30.71 -16.77
CA ILE B 49 -1.05 -30.18 -15.53
C ILE B 49 -1.54 -31.02 -14.37
N THR B 50 -0.68 -31.23 -13.37
CA THR B 50 -1.04 -32.02 -12.19
C THR B 50 -1.64 -31.10 -11.14
N TYR B 51 -2.92 -31.29 -10.83
CA TYR B 51 -3.61 -30.48 -9.84
C TYR B 51 -3.66 -31.24 -8.52
N ILE B 52 -3.20 -30.59 -7.45
CA ILE B 52 -3.15 -31.16 -6.12
C ILE B 52 -4.10 -30.31 -5.26
N GLY B 53 -5.25 -30.86 -4.88
CA GLY B 53 -6.18 -30.13 -4.05
C GLY B 53 -5.84 -30.34 -2.59
N MET B 54 -5.61 -29.27 -1.85
CA MET B 54 -5.04 -29.38 -0.52
C MET B 54 -6.11 -29.07 0.53
N ARG B 55 -5.69 -28.88 1.79
CA ARG B 55 -6.65 -28.63 2.86
C ARG B 55 -6.62 -27.21 3.43
N ASN B 56 -5.58 -26.42 3.16
CA ASN B 56 -5.60 -25.00 3.49
C ASN B 56 -4.70 -24.30 2.48
N GLU B 57 -5.14 -23.13 2.00
CA GLU B 57 -4.34 -22.40 1.00
C GLU B 57 -2.99 -22.00 1.53
N GLN B 58 -2.88 -21.81 2.83
CA GLN B 58 -1.59 -21.49 3.42
C GLN B 58 -0.54 -22.52 2.97
N SER B 59 -0.91 -23.80 3.10
CA SER B 59 -0.03 -24.91 2.69
C SER B 59 0.09 -24.99 1.18
N ALA B 60 -0.98 -24.75 0.44
CA ALA B 60 -0.89 -24.76 -1.01
C ALA B 60 0.09 -23.71 -1.52
N SER B 61 0.12 -22.53 -0.88
CA SER B 61 1.02 -21.45 -1.34
C SER B 61 2.47 -21.78 -1.04
N TYR B 62 2.73 -22.51 0.05
CA TYR B 62 4.05 -23.02 0.37
C TYR B 62 4.46 -24.16 -0.57
N ALA B 63 3.53 -25.07 -0.88
CA ALA B 63 3.85 -26.15 -1.84
C ALA B 63 4.26 -25.58 -3.20
N ALA B 64 3.56 -24.56 -3.67
CA ALA B 64 3.86 -24.04 -5.01
C ALA B 64 5.27 -23.51 -5.12
N GLN B 65 5.76 -22.77 -4.09
CA GLN B 65 7.13 -22.26 -4.16
C GLN B 65 8.17 -23.37 -4.01
N ALA B 66 7.89 -24.38 -3.17
CA ALA B 66 8.79 -25.52 -3.03
C ALA B 66 8.93 -26.25 -4.35
N ALA B 67 7.80 -26.51 -5.02
CA ALA B 67 7.83 -27.15 -6.34
C ALA B 67 8.63 -26.31 -7.34
N SER B 68 8.50 -24.98 -7.26
CA SER B 68 9.25 -24.06 -8.13
C SER B 68 10.75 -24.17 -7.91
N TYR B 69 11.19 -24.17 -6.66
CA TYR B 69 12.60 -24.38 -6.35
C TYR B 69 13.10 -25.72 -6.88
N LEU B 70 12.33 -26.80 -6.66
CA LEU B 70 12.78 -28.13 -7.07
C LEU B 70 12.81 -28.28 -8.58
N THR B 71 11.84 -27.70 -9.30
CA THR B 71 11.80 -27.88 -10.75
C THR B 71 12.60 -26.85 -11.51
N GLY B 72 12.84 -25.69 -10.91
CA GLY B 72 13.52 -24.60 -11.58
C GLY B 72 12.64 -23.67 -12.40
N ARG B 73 11.33 -23.77 -12.26
CA ARG B 73 10.40 -22.96 -13.01
C ARG B 73 9.23 -22.56 -12.11
N PRO B 74 8.61 -21.42 -12.35
CA PRO B 74 7.45 -21.06 -11.54
C PRO B 74 6.34 -22.12 -11.68
N GLN B 75 5.87 -22.62 -10.54
CA GLN B 75 4.72 -23.53 -10.46
C GLN B 75 3.59 -22.77 -9.79
N ALA B 76 2.36 -23.30 -9.90
CA ALA B 76 1.16 -22.52 -9.62
C ALA B 76 0.51 -22.88 -8.28
N CYS B 77 0.00 -21.86 -7.62
CA CYS B 77 -0.98 -21.99 -6.54
C CYS B 77 -2.29 -21.39 -7.02
N LEU B 78 -3.42 -22.09 -6.80
CA LEU B 78 -4.71 -21.63 -7.31
C LEU B 78 -5.65 -21.47 -6.13
N VAL B 79 -6.23 -20.29 -5.96
CA VAL B 79 -7.10 -20.03 -4.80
C VAL B 79 -8.33 -19.21 -5.19
N VAL B 80 -9.34 -19.29 -4.34
CA VAL B 80 -10.58 -18.57 -4.56
C VAL B 80 -10.39 -17.08 -4.23
N SER B 81 -11.40 -16.29 -4.57
CA SER B 81 -11.46 -14.88 -4.24
C SER B 81 -11.41 -14.64 -2.72
N GLY B 82 -11.18 -13.38 -2.36
CA GLY B 82 -11.26 -12.93 -0.98
C GLY B 82 -10.31 -13.67 -0.06
N PRO B 83 -10.84 -14.46 0.89
CA PRO B 83 -9.97 -15.13 1.87
C PRO B 83 -9.08 -16.22 1.26
N GLY B 84 -9.41 -16.76 0.08
CA GLY B 84 -8.46 -17.65 -0.56
C GLY B 84 -7.15 -16.93 -0.86
N VAL B 85 -7.25 -15.71 -1.40
CA VAL B 85 -6.03 -14.90 -1.65
C VAL B 85 -5.40 -14.49 -0.33
N VAL B 86 -6.21 -14.09 0.65
CA VAL B 86 -5.59 -13.63 1.89
C VAL B 86 -4.85 -14.76 2.56
N HIS B 87 -5.44 -15.97 2.60
CA HIS B 87 -4.74 -17.13 3.15
C HIS B 87 -3.42 -17.39 2.43
N ALA B 88 -3.39 -17.23 1.12
CA ALA B 88 -2.19 -17.50 0.33
C ALA B 88 -1.12 -16.41 0.41
N LEU B 89 -1.38 -15.29 1.08
CA LEU B 89 -0.32 -14.27 1.20
C LEU B 89 0.88 -14.80 1.97
N ALA B 90 0.63 -15.75 2.89
CA ALA B 90 1.65 -16.58 3.55
C ALA B 90 2.75 -17.04 2.58
N GLY B 91 2.33 -17.73 1.51
CA GLY B 91 3.31 -18.21 0.53
C GLY B 91 4.00 -17.09 -0.21
N LEU B 92 3.26 -16.04 -0.59
CA LEU B 92 3.93 -14.95 -1.30
C LEU B 92 5.06 -14.38 -0.45
N ALA B 93 4.79 -14.16 0.85
CA ALA B 93 5.81 -13.56 1.69
C ALA B 93 7.02 -14.46 1.83
N ASN B 94 6.79 -15.77 2.02
CA ASN B 94 7.92 -16.70 2.17
C ASN B 94 8.74 -16.78 0.88
N ALA B 95 8.08 -16.80 -0.28
CA ALA B 95 8.80 -16.85 -1.53
C ALA B 95 9.63 -15.58 -1.73
N GLN B 96 9.07 -14.41 -1.42
CA GLN B 96 9.81 -13.16 -1.55
C GLN B 96 11.09 -13.20 -0.73
N VAL B 97 10.97 -13.69 0.51
CA VAL B 97 12.06 -13.63 1.45
C VAL B 97 13.16 -14.62 1.10
N ASN B 98 12.81 -15.76 0.51
CA ASN B 98 13.81 -16.73 0.09
C ASN B 98 14.33 -16.54 -1.32
N CYS B 99 13.79 -15.59 -2.09
CA CYS B 99 14.12 -15.43 -3.51
C CYS B 99 13.74 -16.68 -4.32
N TRP B 100 12.56 -17.23 -4.03
CA TRP B 100 12.03 -18.39 -4.73
C TRP B 100 10.88 -17.94 -5.62
N PRO B 101 10.77 -18.46 -6.85
CA PRO B 101 9.65 -18.08 -7.71
C PRO B 101 8.40 -18.87 -7.33
N MET B 102 7.26 -18.28 -7.66
CA MET B 102 5.97 -18.97 -7.63
C MET B 102 4.98 -18.09 -8.39
N LEU B 103 3.86 -18.71 -8.80
CA LEU B 103 2.81 -18.00 -9.52
C LEU B 103 1.51 -18.27 -8.77
N LEU B 104 0.98 -17.24 -8.11
CA LEU B 104 -0.30 -17.37 -7.42
C LEU B 104 -1.38 -16.87 -8.36
N ILE B 105 -2.39 -17.70 -8.60
CA ILE B 105 -3.50 -17.38 -9.47
C ILE B 105 -4.70 -17.21 -8.54
N GLY B 106 -5.20 -15.99 -8.38
CA GLY B 106 -6.31 -15.73 -7.45
C GLY B 106 -7.56 -15.42 -8.23
N GLY B 107 -8.64 -16.18 -7.96
CA GLY B 107 -9.93 -15.81 -8.50
C GLY B 107 -10.41 -14.49 -7.94
N ALA B 108 -11.23 -13.80 -8.70
CA ALA B 108 -11.83 -12.55 -8.21
C ALA B 108 -13.32 -12.51 -8.53
N SER B 109 -14.07 -11.73 -7.75
CA SER B 109 -15.47 -11.52 -8.09
C SER B 109 -15.58 -10.81 -9.45
N ALA B 110 -16.75 -10.91 -10.05
CA ALA B 110 -16.91 -10.39 -11.41
C ALA B 110 -16.69 -8.88 -11.44
N ILE B 111 -15.96 -8.41 -12.46
CA ILE B 111 -15.74 -6.98 -12.61
C ILE B 111 -17.05 -6.20 -12.61
N GLU B 112 -18.08 -6.73 -13.26
CA GLU B 112 -19.30 -5.94 -13.38
C GLU B 112 -20.00 -5.71 -12.04
N GLN B 113 -19.66 -6.44 -10.97
CA GLN B 113 -20.23 -6.20 -9.65
C GLN B 113 -19.33 -5.38 -8.74
N ASN B 114 -18.19 -4.89 -9.24
CA ASN B 114 -17.29 -4.15 -8.36
C ASN B 114 -17.99 -2.92 -7.78
N GLY B 115 -17.72 -2.64 -6.50
CA GLY B 115 -18.39 -1.55 -5.83
C GLY B 115 -19.69 -1.94 -5.17
N MET B 116 -20.29 -3.07 -5.55
CA MET B 116 -21.61 -3.44 -5.00
C MET B 116 -21.55 -4.21 -3.70
N GLY B 117 -20.37 -4.62 -3.25
CA GLY B 117 -20.27 -5.56 -2.15
C GLY B 117 -20.55 -6.99 -2.59
N ALA B 118 -19.89 -7.42 -3.66
CA ALA B 118 -20.05 -8.76 -4.21
C ALA B 118 -19.48 -9.82 -3.27
N PHE B 119 -19.92 -11.05 -3.46
CA PHE B 119 -19.35 -12.19 -2.73
C PHE B 119 -17.84 -12.22 -2.94
N GLN B 120 -17.09 -11.98 -1.87
CA GLN B 120 -15.62 -12.03 -1.82
C GLN B 120 -14.97 -10.96 -2.68
N GLU B 121 -15.66 -9.85 -2.90
CA GLU B 121 -15.01 -8.69 -3.50
C GLU B 121 -13.88 -8.22 -2.62
N GLU B 122 -12.72 -7.90 -3.22
CA GLU B 122 -11.55 -7.59 -2.41
C GLU B 122 -10.53 -6.89 -3.31
N ARG B 123 -9.69 -6.06 -2.70
N ARG B 123 -9.70 -6.05 -2.71
CA ARG B 123 -8.59 -5.35 -3.40
CA ARG B 123 -8.58 -5.36 -3.38
C ARG B 123 -7.37 -6.28 -3.47
C ARG B 123 -7.37 -6.29 -3.44
N GLN B 124 -7.49 -7.32 -4.29
CA GLN B 124 -6.55 -8.44 -4.20
C GLN B 124 -5.16 -8.06 -4.70
N VAL B 125 -5.08 -7.38 -5.84
CA VAL B 125 -3.77 -6.93 -6.35
C VAL B 125 -3.09 -6.03 -5.33
N LEU B 126 -3.87 -5.14 -4.71
CA LEU B 126 -3.30 -4.22 -3.73
C LEU B 126 -2.74 -4.98 -2.54
N LEU B 127 -3.47 -6.00 -2.05
CA LEU B 127 -3.00 -6.77 -0.89
C LEU B 127 -1.75 -7.58 -1.23
N ALA B 128 -1.68 -8.13 -2.44
CA ALA B 128 -0.58 -9.01 -2.79
C ALA B 128 0.67 -8.23 -3.17
N SER B 129 0.50 -6.99 -3.62
CA SER B 129 1.61 -6.24 -4.25
C SER B 129 2.87 -6.13 -3.39
N PRO B 130 2.80 -5.80 -2.09
CA PRO B 130 4.05 -5.63 -1.33
C PRO B 130 4.80 -6.92 -1.14
N LEU B 131 4.18 -8.07 -1.41
CA LEU B 131 4.81 -9.37 -1.27
C LEU B 131 5.28 -9.97 -2.60
N CYS B 132 5.08 -9.28 -3.71
CA CYS B 132 5.29 -9.84 -5.05
C CYS B 132 6.29 -9.01 -5.84
N LYS B 133 7.05 -9.69 -6.72
CA LYS B 133 7.78 -8.99 -7.79
C LYS B 133 6.84 -8.45 -8.85
N TYR B 134 5.72 -9.13 -9.08
CA TYR B 134 4.84 -8.84 -10.19
C TYR B 134 3.44 -9.13 -9.71
N ALA B 135 2.51 -8.21 -9.91
CA ALA B 135 1.13 -8.45 -9.52
C ALA B 135 0.23 -7.70 -10.49
N HIS B 136 -0.74 -8.39 -11.09
CA HIS B 136 -1.59 -7.74 -12.05
C HIS B 136 -2.90 -8.50 -12.17
N GLN B 137 -3.98 -7.77 -12.42
CA GLN B 137 -5.23 -8.36 -12.82
C GLN B 137 -5.25 -8.59 -14.32
N VAL B 138 -5.89 -9.68 -14.73
CA VAL B 138 -6.14 -9.98 -16.14
C VAL B 138 -7.53 -9.44 -16.44
N GLU B 139 -7.62 -8.37 -17.22
CA GLU B 139 -8.88 -7.63 -17.33
C GLU B 139 -9.77 -8.14 -18.45
N ARG B 140 -9.21 -8.90 -19.40
CA ARG B 140 -9.91 -9.40 -20.58
C ARG B 140 -9.30 -10.74 -20.92
N PRO B 141 -10.11 -11.76 -21.27
CA PRO B 141 -9.54 -13.09 -21.54
C PRO B 141 -8.51 -13.10 -22.66
N GLU B 142 -8.71 -12.31 -23.70
CA GLU B 142 -7.74 -12.36 -24.81
C GLU B 142 -6.33 -11.95 -24.38
N ARG B 143 -6.17 -11.31 -23.21
CA ARG B 143 -4.86 -10.92 -22.69
C ARG B 143 -4.18 -12.03 -21.91
N ILE B 144 -4.85 -13.16 -21.67
CA ILE B 144 -4.29 -14.20 -20.82
C ILE B 144 -2.91 -14.68 -21.31
N PRO B 145 -2.70 -15.01 -22.58
CA PRO B 145 -1.35 -15.43 -22.96
C PRO B 145 -0.29 -14.39 -22.62
N TYR B 146 -0.60 -13.11 -22.87
CA TYR B 146 0.33 -12.03 -22.59
C TYR B 146 0.69 -12.00 -21.10
N TYR B 147 -0.34 -12.03 -20.24
CA TYR B 147 -0.07 -11.85 -18.82
C TYR B 147 0.63 -13.07 -18.23
N VAL B 148 0.26 -14.29 -18.65
CA VAL B 148 0.94 -15.47 -18.11
C VAL B 148 2.42 -15.45 -18.49
N GLU B 149 2.71 -15.13 -19.74
CA GLU B 149 4.11 -15.04 -20.15
C GLU B 149 4.86 -14.03 -19.30
N GLN B 150 4.29 -12.83 -19.13
CA GLN B 150 4.96 -11.76 -18.40
C GLN B 150 5.11 -12.12 -16.92
N ALA B 151 4.08 -12.72 -16.33
CA ALA B 151 4.16 -13.06 -14.93
C ALA B 151 5.20 -14.14 -14.69
N VAL B 152 5.24 -15.16 -15.55
CA VAL B 152 6.22 -16.25 -15.39
C VAL B 152 7.62 -15.71 -15.55
N ARG B 153 7.83 -14.89 -16.58
CA ARG B 153 9.15 -14.29 -16.80
C ARG B 153 9.58 -13.42 -15.63
N SER B 154 8.66 -12.62 -15.07
CA SER B 154 9.01 -11.76 -13.96
C SER B 154 9.38 -12.56 -12.72
N ALA B 155 8.63 -13.64 -12.44
CA ALA B 155 8.98 -14.48 -11.30
C ALA B 155 10.31 -15.20 -11.50
N LEU B 156 10.65 -15.60 -12.72
CA LEU B 156 11.79 -16.48 -12.92
C LEU B 156 13.10 -15.75 -13.20
N PHE B 157 13.04 -14.61 -13.88
CA PHE B 157 14.25 -13.92 -14.33
C PHE B 157 14.79 -13.04 -13.21
N GLY B 158 16.09 -12.71 -13.28
CA GLY B 158 16.57 -11.83 -12.22
C GLY B 158 16.63 -12.52 -10.86
N ARG B 159 16.54 -11.73 -9.80
CA ARG B 159 16.34 -12.32 -8.49
C ARG B 159 14.94 -12.89 -8.40
N PRO B 160 14.76 -14.20 -8.24
CA PRO B 160 13.41 -14.78 -8.32
C PRO B 160 12.54 -14.31 -7.18
N GLY B 161 11.23 -14.34 -7.43
CA GLY B 161 10.25 -13.87 -6.46
C GLY B 161 8.87 -14.26 -6.89
N ALA B 162 7.89 -13.81 -6.12
CA ALA B 162 6.52 -14.21 -6.37
C ALA B 162 5.87 -13.34 -7.44
N ALA B 163 5.07 -13.99 -8.30
CA ALA B 163 4.14 -13.32 -9.22
C ALA B 163 2.69 -13.65 -8.87
N TYR B 164 1.80 -12.66 -9.06
CA TYR B 164 0.38 -12.83 -8.76
C TYR B 164 -0.45 -12.43 -9.98
N LEU B 165 -1.42 -13.26 -10.38
CA LEU B 165 -2.36 -12.91 -11.42
C LEU B 165 -3.77 -12.97 -10.85
N ASP B 166 -4.52 -11.87 -10.98
CA ASP B 166 -5.92 -11.81 -10.51
C ASP B 166 -6.85 -12.17 -11.66
N MET B 167 -7.73 -13.16 -11.46
CA MET B 167 -8.61 -13.68 -12.52
C MET B 167 -10.06 -13.47 -12.14
N PRO B 168 -10.69 -12.37 -12.57
CA PRO B 168 -12.13 -12.17 -12.28
C PRO B 168 -13.00 -13.26 -12.92
N ASP B 169 -14.11 -13.57 -12.24
CA ASP B 169 -15.05 -14.58 -12.72
C ASP B 169 -15.43 -14.36 -14.19
N ASP B 170 -15.76 -13.12 -14.56
N ASP B 170 -15.77 -13.13 -14.56
CA ASP B 170 -16.21 -12.87 -15.93
CA ASP B 170 -16.22 -12.88 -15.93
C ASP B 170 -15.07 -12.97 -16.94
C ASP B 170 -15.08 -12.93 -16.94
N VAL B 171 -13.82 -12.93 -16.49
CA VAL B 171 -12.69 -13.19 -17.38
C VAL B 171 -12.48 -14.70 -17.56
N ILE B 172 -12.63 -15.45 -16.46
CA ILE B 172 -12.49 -16.91 -16.48
C ILE B 172 -13.51 -17.52 -17.42
N LEU B 173 -14.77 -17.05 -17.35
CA LEU B 173 -15.86 -17.59 -18.16
C LEU B 173 -16.06 -16.85 -19.48
N GLY B 174 -15.41 -15.70 -19.69
CA GLY B 174 -15.57 -14.99 -20.94
C GLY B 174 -14.99 -15.79 -22.08
N GLU B 175 -15.57 -15.63 -23.27
CA GLU B 175 -15.11 -16.37 -24.43
C GLU B 175 -14.55 -15.42 -25.47
N VAL B 176 -13.56 -15.92 -26.23
CA VAL B 176 -12.99 -15.21 -27.36
C VAL B 176 -12.85 -16.18 -28.51
N GLU B 177 -12.81 -15.64 -29.72
CA GLU B 177 -12.48 -16.45 -30.89
C GLU B 177 -11.06 -16.97 -30.78
N GLU B 178 -10.88 -18.29 -30.87
CA GLU B 178 -9.55 -18.84 -30.70
C GLU B 178 -8.58 -18.28 -31.73
N ALA B 179 -9.03 -18.08 -32.96
CA ALA B 179 -8.16 -17.51 -33.99
C ALA B 179 -7.72 -16.09 -33.67
N ALA B 180 -8.46 -15.37 -32.81
CA ALA B 180 -8.16 -13.98 -32.51
C ALA B 180 -7.18 -13.81 -31.35
N VAL B 181 -6.85 -14.87 -30.62
CA VAL B 181 -6.02 -14.73 -29.44
C VAL B 181 -4.57 -14.57 -29.88
N ARG B 182 -3.92 -13.51 -29.39
CA ARG B 182 -2.52 -13.28 -29.74
C ARG B 182 -1.63 -14.23 -28.96
N PRO B 183 -0.81 -15.05 -29.63
CA PRO B 183 0.12 -15.92 -28.90
C PRO B 183 1.19 -15.13 -28.16
N ALA B 184 1.86 -15.82 -27.24
CA ALA B 184 3.00 -15.30 -26.50
C ALA B 184 4.18 -16.25 -26.65
N ALA B 185 5.38 -15.71 -26.50
CA ALA B 185 6.59 -16.52 -26.57
C ALA B 185 6.71 -17.41 -25.34
N THR B 186 7.38 -18.55 -25.49
CA THR B 186 7.65 -19.43 -24.36
C THR B 186 8.85 -18.87 -23.57
N VAL B 187 8.66 -18.70 -22.27
CA VAL B 187 9.73 -18.23 -21.39
C VAL B 187 10.79 -19.32 -21.29
N GLY B 188 12.01 -19.00 -21.69
CA GLY B 188 13.12 -19.94 -21.60
C GLY B 188 13.78 -19.90 -20.24
N GLU B 189 15.07 -20.22 -20.23
CA GLU B 189 15.87 -20.23 -19.02
C GLU B 189 16.21 -18.80 -18.60
N PRO B 190 16.43 -18.58 -17.30
CA PRO B 190 16.81 -17.25 -16.83
C PRO B 190 18.12 -16.84 -17.48
N PRO B 191 18.24 -15.57 -17.88
CA PRO B 191 19.54 -15.09 -18.36
C PRO B 191 20.60 -15.25 -17.30
N ARG B 192 21.79 -15.63 -17.74
CA ARG B 192 22.93 -15.74 -16.86
C ARG B 192 23.87 -14.61 -17.23
N SER B 193 24.46 -13.97 -16.24
CA SER B 193 25.43 -12.91 -16.50
C SER B 193 26.75 -13.24 -15.83
N LEU B 194 27.84 -12.66 -16.35
CA LEU B 194 29.20 -12.94 -15.91
C LEU B 194 29.80 -11.72 -15.22
N ALA B 195 30.92 -11.96 -14.45
CA ALA B 195 31.64 -10.85 -13.85
C ALA B 195 32.72 -10.34 -14.80
N PRO B 196 33.10 -9.06 -14.69
CA PRO B 196 34.25 -8.57 -15.46
C PRO B 196 35.49 -9.37 -15.13
N GLN B 197 36.40 -9.49 -16.12
CA GLN B 197 37.57 -10.33 -15.91
C GLN B 197 38.42 -9.84 -14.75
N GLU B 198 38.55 -8.52 -14.61
CA GLU B 198 39.36 -7.94 -13.52
C GLU B 198 38.83 -8.39 -12.15
N ASN B 199 37.51 -8.55 -12.03
CA ASN B 199 36.94 -9.01 -10.77
C ASN B 199 37.26 -10.49 -10.52
N ILE B 200 37.17 -11.31 -11.57
CA ILE B 200 37.54 -12.73 -11.47
C ILE B 200 38.98 -12.85 -10.97
N GLU B 201 39.89 -12.10 -11.58
CA GLU B 201 41.29 -12.21 -11.21
C GLU B 201 41.53 -11.66 -9.81
N ALA B 202 40.84 -10.58 -9.45
CA ALA B 202 40.99 -10.02 -8.11
C ALA B 202 40.46 -10.97 -7.04
N ALA B 203 39.36 -11.65 -7.34
CA ALA B 203 38.84 -12.66 -6.42
C ALA B 203 39.88 -13.75 -6.18
N LEU B 204 40.53 -14.25 -7.24
CA LEU B 204 41.54 -15.29 -7.06
C LEU B 204 42.79 -14.74 -6.37
N ASP B 205 43.20 -13.50 -6.72
CA ASP B 205 44.29 -12.86 -5.98
C ASP B 205 44.01 -12.83 -4.47
N ALA B 206 42.79 -12.43 -4.10
CA ALA B 206 42.47 -12.29 -2.68
C ALA B 206 42.49 -13.65 -1.98
N LEU B 207 41.96 -14.68 -2.65
CA LEU B 207 42.02 -16.04 -2.09
C LEU B 207 43.45 -16.47 -1.82
N GLN B 208 44.36 -16.23 -2.78
CA GLN B 208 45.75 -16.60 -2.60
C GLN B 208 46.34 -15.90 -1.38
N SER B 209 45.90 -14.68 -1.09
CA SER B 209 46.54 -13.89 -0.04
C SER B 209 46.04 -14.26 1.36
N ALA B 210 44.93 -14.97 1.45
CA ALA B 210 44.31 -15.20 2.76
C ALA B 210 45.07 -16.25 3.56
N LYS B 211 45.13 -16.04 4.88
CA LYS B 211 45.69 -17.04 5.77
C LYS B 211 44.63 -18.02 6.26
N ARG B 212 43.39 -17.56 6.40
CA ARG B 212 42.31 -18.40 6.94
C ARG B 212 41.07 -18.23 6.09
N PRO B 213 41.10 -18.68 4.84
CA PRO B 213 39.96 -18.47 3.93
C PRO B 213 38.83 -19.45 4.17
N LEU B 214 37.60 -19.00 3.87
CA LEU B 214 36.41 -19.80 4.07
C LEU B 214 35.45 -19.51 2.93
N VAL B 215 35.00 -20.56 2.24
CA VAL B 215 33.98 -20.44 1.21
C VAL B 215 32.65 -20.81 1.85
N ILE B 216 31.63 -19.98 1.67
CA ILE B 216 30.29 -20.28 2.21
C ILE B 216 29.38 -20.56 1.03
N VAL B 217 28.76 -21.74 1.02
CA VAL B 217 27.97 -22.21 -0.10
C VAL B 217 26.50 -22.05 0.28
N GLY B 218 25.79 -21.12 -0.35
CA GLY B 218 24.43 -20.80 0.00
C GLY B 218 23.42 -21.34 -1.01
N LYS B 219 22.14 -21.24 -0.63
CA LYS B 219 21.12 -21.83 -1.49
C LYS B 219 20.92 -21.08 -2.80
N GLY B 220 21.56 -19.92 -3.02
CA GLY B 220 21.49 -19.32 -4.34
C GLY B 220 22.27 -20.14 -5.37
N MET B 221 23.29 -20.87 -4.91
CA MET B 221 23.97 -21.81 -5.81
C MET B 221 23.11 -23.03 -6.11
N ALA B 222 22.34 -23.49 -5.12
CA ALA B 222 21.38 -24.54 -5.41
C ALA B 222 20.39 -24.10 -6.46
N TRP B 223 19.86 -22.87 -6.33
CA TRP B 223 18.88 -22.39 -7.28
C TRP B 223 19.50 -22.26 -8.69
N SER B 224 20.75 -21.77 -8.77
CA SER B 224 21.45 -21.58 -10.04
C SER B 224 21.85 -22.90 -10.71
N ARG B 225 21.68 -24.06 -10.05
CA ARG B 225 22.15 -25.36 -10.53
C ARG B 225 23.66 -25.30 -10.78
N ALA B 226 24.39 -24.78 -9.80
CA ALA B 226 25.82 -24.56 -9.94
C ALA B 226 26.64 -25.63 -9.25
N GLU B 227 26.00 -26.73 -8.82
CA GLU B 227 26.69 -27.73 -8.00
C GLU B 227 27.90 -28.32 -8.74
N ASN B 228 27.79 -28.54 -10.06
CA ASN B 228 28.93 -29.10 -10.78
C ASN B 228 30.13 -28.17 -10.66
N GLU B 229 29.89 -26.86 -10.88
CA GLU B 229 30.94 -25.84 -10.90
C GLU B 229 31.49 -25.60 -9.50
N VAL B 230 30.62 -25.63 -8.49
CA VAL B 230 31.09 -25.46 -7.12
C VAL B 230 31.95 -26.65 -6.71
N ARG B 231 31.50 -27.89 -7.02
CA ARG B 231 32.30 -29.07 -6.68
C ARG B 231 33.67 -29.04 -7.36
N GLN B 232 33.69 -28.70 -8.64
CA GLN B 232 34.98 -28.55 -9.33
C GLN B 232 35.84 -27.46 -8.68
N PHE B 233 35.21 -26.35 -8.26
CA PHE B 233 35.95 -25.24 -7.67
C PHE B 233 36.57 -25.64 -6.34
N ILE B 234 35.81 -26.33 -5.50
CA ILE B 234 36.37 -26.72 -4.21
C ILE B 234 37.44 -27.79 -4.37
N GLU B 235 37.25 -28.71 -5.31
CA GLU B 235 38.28 -29.73 -5.52
C GLU B 235 39.57 -29.10 -6.06
N ARG B 236 39.42 -28.08 -6.89
CA ARG B 236 40.60 -27.42 -7.48
C ARG B 236 41.34 -26.57 -6.46
N THR B 237 40.61 -25.74 -5.70
CA THR B 237 41.25 -24.85 -4.75
C THR B 237 41.58 -25.54 -3.43
N ARG B 238 40.86 -26.61 -3.09
N ARG B 238 40.88 -26.63 -3.10
CA ARG B 238 41.05 -27.33 -1.83
CA ARG B 238 41.00 -27.34 -1.81
C ARG B 238 40.75 -26.44 -0.62
C ARG B 238 40.74 -26.41 -0.62
N LEU B 239 39.84 -25.43 -0.80
CA LEU B 239 39.44 -24.48 0.25
C LEU B 239 38.43 -25.11 1.21
N PRO B 240 38.56 -24.82 2.50
CA PRO B 240 37.46 -25.13 3.43
C PRO B 240 36.17 -24.47 3.01
N PHE B 241 35.03 -25.16 3.22
CA PHE B 241 33.74 -24.56 2.90
C PHE B 241 32.74 -24.84 4.01
N LEU B 242 31.77 -23.94 4.12
CA LEU B 242 30.60 -24.04 5.02
C LEU B 242 29.33 -23.96 4.19
N ALA B 243 28.47 -24.96 4.35
CA ALA B 243 27.14 -24.95 3.74
C ALA B 243 26.16 -24.20 4.65
N THR B 244 25.34 -23.33 4.04
CA THR B 244 24.17 -22.77 4.75
C THR B 244 23.11 -23.85 4.88
N PRO B 245 22.04 -23.60 5.65
CA PRO B 245 21.05 -24.67 5.88
C PRO B 245 20.51 -25.33 4.62
N MET B 246 20.04 -24.58 3.62
CA MET B 246 19.55 -25.24 2.41
C MET B 246 20.59 -25.26 1.29
N GLY B 247 21.77 -24.67 1.53
CA GLY B 247 22.91 -24.94 0.67
C GLY B 247 23.52 -26.32 0.90
N LYS B 248 23.12 -27.00 1.97
CA LYS B 248 23.57 -28.38 2.21
C LYS B 248 23.32 -29.21 0.96
N GLY B 249 24.33 -29.98 0.56
CA GLY B 249 24.19 -30.84 -0.59
C GLY B 249 24.71 -30.26 -1.90
N VAL B 250 24.82 -28.93 -2.03
CA VAL B 250 25.49 -28.39 -3.21
C VAL B 250 26.89 -28.99 -3.33
N MET B 251 27.65 -28.93 -2.24
CA MET B 251 28.72 -29.85 -1.90
C MET B 251 28.11 -31.02 -1.11
N PRO B 252 28.53 -32.27 -1.32
CA PRO B 252 28.07 -33.34 -0.43
C PRO B 252 28.50 -33.04 0.99
N ASP B 253 27.61 -33.35 1.95
CA ASP B 253 27.87 -33.03 3.34
C ASP B 253 28.97 -33.86 3.96
N ASP B 254 29.36 -34.98 3.37
CA ASP B 254 30.46 -35.78 3.88
C ASP B 254 31.81 -35.39 3.26
N HIS B 255 31.86 -34.33 2.47
CA HIS B 255 33.12 -33.92 1.84
C HIS B 255 34.13 -33.53 2.91
N PRO B 256 35.36 -34.05 2.84
CA PRO B 256 36.35 -33.80 3.90
C PRO B 256 36.67 -32.33 4.14
N LEU B 257 36.38 -31.43 3.19
CA LEU B 257 36.68 -30.01 3.36
C LEU B 257 35.54 -29.24 4.04
N SER B 258 34.43 -29.87 4.40
CA SER B 258 33.37 -29.15 5.10
C SER B 258 33.82 -28.73 6.50
N VAL B 259 33.48 -27.49 6.87
CA VAL B 259 33.72 -26.99 8.22
C VAL B 259 32.44 -27.01 9.05
N GLY B 260 31.41 -27.71 8.57
CA GLY B 260 30.11 -27.69 9.25
C GLY B 260 30.21 -27.97 10.75
N GLY B 261 31.09 -28.89 11.14
CA GLY B 261 31.26 -29.26 12.53
C GLY B 261 32.12 -28.32 13.36
N ALA B 262 32.60 -27.24 12.76
CA ALA B 262 33.40 -26.24 13.45
C ALA B 262 32.94 -24.85 13.03
N ARG B 263 31.62 -24.67 12.96
CA ARG B 263 31.03 -23.52 12.28
C ARG B 263 31.35 -22.20 12.97
N SER B 264 31.13 -22.12 14.28
N SER B 264 31.15 -22.13 14.28
CA SER B 264 31.42 -20.90 15.01
CA SER B 264 31.42 -20.88 15.00
C SER B 264 32.89 -20.50 14.86
C SER B 264 32.89 -20.49 14.87
N HIS B 265 33.81 -21.45 15.03
CA HIS B 265 35.23 -21.14 14.87
C HIS B 265 35.54 -20.67 13.47
N ALA B 266 34.98 -21.33 12.45
CA ALA B 266 35.31 -20.95 11.07
C ALA B 266 34.90 -19.51 10.78
N LEU B 267 33.69 -19.13 11.19
CA LEU B 267 33.18 -17.76 11.01
C LEU B 267 33.97 -16.74 11.81
N GLN B 268 34.29 -17.07 13.06
CA GLN B 268 34.97 -16.13 13.95
C GLN B 268 36.37 -15.81 13.47
N GLU B 269 37.11 -16.81 12.99
CA GLU B 269 38.54 -16.68 12.77
C GLU B 269 38.91 -16.48 11.31
N ALA B 270 38.03 -16.75 10.36
CA ALA B 270 38.40 -16.51 8.96
C ALA B 270 38.87 -15.06 8.75
N ASP B 271 39.94 -14.88 7.96
CA ASP B 271 40.33 -13.54 7.54
C ASP B 271 39.73 -13.18 6.18
N LEU B 272 39.17 -14.14 5.47
CA LEU B 272 38.50 -13.88 4.21
C LEU B 272 37.34 -14.84 4.08
N VAL B 273 36.16 -14.32 3.74
CA VAL B 273 34.97 -15.12 3.49
C VAL B 273 34.53 -14.93 2.05
N PHE B 274 34.32 -16.03 1.34
CA PHE B 274 33.83 -15.98 -0.03
C PHE B 274 32.38 -16.46 -0.02
N LEU B 275 31.43 -15.52 -0.13
CA LEU B 275 30.01 -15.80 -0.16
C LEU B 275 29.61 -16.23 -1.57
N LEU B 276 29.13 -17.48 -1.70
CA LEU B 276 28.56 -18.02 -2.94
C LEU B 276 27.03 -18.09 -2.81
N GLY B 277 26.35 -17.11 -3.36
CA GLY B 277 24.89 -17.17 -3.37
C GLY B 277 24.28 -17.29 -1.99
N ALA B 278 24.78 -16.50 -1.04
CA ALA B 278 24.35 -16.48 0.35
C ALA B 278 24.45 -15.05 0.90
N ARG B 279 23.55 -14.71 1.81
CA ARG B 279 23.48 -13.32 2.26
C ARG B 279 24.01 -13.17 3.68
N PHE B 280 24.63 -12.01 3.94
CA PHE B 280 24.93 -11.57 5.32
C PHE B 280 23.65 -11.03 5.99
N ASN B 281 22.63 -11.89 6.03
CA ASN B 281 21.44 -11.63 6.84
C ASN B 281 21.59 -12.39 8.16
N TRP B 282 20.47 -12.61 8.87
CA TRP B 282 20.57 -13.25 10.16
C TRP B 282 21.14 -14.67 10.10
N ILE B 283 20.92 -15.42 9.00
CA ILE B 283 21.40 -16.80 8.98
C ILE B 283 22.93 -16.86 9.01
N LEU B 284 23.60 -15.86 8.44
CA LEU B 284 25.05 -15.76 8.54
C LEU B 284 25.49 -14.65 9.51
N HIS B 285 24.61 -14.24 10.43
CA HIS B 285 24.99 -13.33 11.52
C HIS B 285 25.56 -12.00 11.01
N PHE B 286 25.08 -11.55 9.85
CA PHE B 286 25.30 -10.23 9.28
C PHE B 286 26.75 -10.00 8.84
N GLY B 287 27.64 -10.99 8.95
CA GLY B 287 29.05 -10.77 8.58
C GLY B 287 29.79 -9.88 9.55
N LEU B 288 29.29 -9.72 10.78
CA LEU B 288 29.74 -8.71 11.73
C LEU B 288 30.13 -9.32 13.06
N PRO B 289 30.91 -8.60 13.86
CA PRO B 289 31.08 -8.97 15.26
C PRO B 289 29.72 -9.10 15.93
N PRO B 290 29.60 -10.00 16.90
CA PRO B 290 30.65 -10.82 17.51
C PRO B 290 30.90 -12.15 16.83
N ARG B 291 30.33 -12.41 15.65
CA ARG B 291 30.49 -13.70 14.99
C ARG B 291 31.60 -13.72 13.95
N TYR B 292 32.13 -12.55 13.55
CA TYR B 292 33.22 -12.46 12.58
C TYR B 292 34.29 -11.52 13.11
N SER B 293 35.51 -11.68 12.58
CA SER B 293 36.50 -10.64 12.71
C SER B 293 35.96 -9.31 12.20
N LYS B 294 36.19 -8.24 12.95
CA LYS B 294 35.76 -6.93 12.48
C LYS B 294 36.43 -6.54 11.16
N ASP B 295 37.52 -7.21 10.80
CA ASP B 295 38.25 -6.85 9.59
C ASP B 295 38.13 -7.92 8.52
N VAL B 296 37.11 -8.79 8.60
CA VAL B 296 37.00 -9.87 7.63
C VAL B 296 36.85 -9.29 6.24
N ARG B 297 37.65 -9.81 5.31
CA ARG B 297 37.59 -9.43 3.91
C ARG B 297 36.56 -10.32 3.24
N VAL B 298 35.81 -9.76 2.30
CA VAL B 298 34.70 -10.49 1.71
C VAL B 298 34.79 -10.45 0.18
N ILE B 299 34.67 -11.63 -0.41
CA ILE B 299 34.34 -11.80 -1.83
C ILE B 299 32.87 -12.20 -1.86
N GLN B 300 32.07 -11.51 -2.66
CA GLN B 300 30.63 -11.74 -2.63
C GLN B 300 30.08 -11.98 -4.03
N LEU B 301 29.54 -13.17 -4.25
CA LEU B 301 28.90 -13.56 -5.51
C LEU B 301 27.39 -13.57 -5.30
N ASP B 302 26.70 -12.61 -5.92
CA ASP B 302 25.24 -12.58 -5.84
C ASP B 302 24.73 -12.04 -7.16
N LEU B 303 23.59 -12.56 -7.59
CA LEU B 303 22.93 -12.07 -8.79
C LEU B 303 22.40 -10.65 -8.60
N SER B 304 22.15 -10.25 -7.35
CA SER B 304 21.54 -8.96 -7.01
C SER B 304 22.64 -7.93 -6.71
N ALA B 305 22.80 -6.95 -7.59
CA ALA B 305 23.80 -5.91 -7.36
C ALA B 305 23.55 -5.18 -6.05
N GLU B 306 22.27 -4.94 -5.73
CA GLU B 306 21.94 -4.19 -4.54
C GLU B 306 22.34 -4.92 -3.25
N GLU B 307 22.46 -6.25 -3.31
CA GLU B 307 22.88 -7.02 -2.14
C GLU B 307 24.35 -6.80 -1.78
N ILE B 308 25.19 -6.38 -2.74
CA ILE B 308 26.64 -6.36 -2.52
C ILE B 308 27.01 -5.39 -1.39
N GLY B 309 27.75 -5.88 -0.39
CA GLY B 309 28.17 -5.03 0.70
C GLY B 309 27.11 -4.71 1.74
N ASN B 310 25.98 -5.38 1.74
CA ASN B 310 25.08 -5.20 2.86
C ASN B 310 25.76 -5.67 4.16
N ASN B 311 25.67 -4.80 5.17
CA ASN B 311 26.20 -4.99 6.53
C ASN B 311 27.71 -4.96 6.60
N ARG B 312 28.39 -5.73 5.74
CA ARG B 312 29.85 -5.74 5.67
C ARG B 312 30.30 -5.54 4.24
N GLN B 313 31.15 -4.53 4.03
CA GLN B 313 31.60 -4.16 2.70
C GLN B 313 32.24 -5.37 2.00
N ALA B 314 32.08 -5.43 0.68
CA ALA B 314 32.70 -6.49 -0.12
C ALA B 314 33.98 -5.94 -0.72
N GLU B 315 35.08 -6.68 -0.56
CA GLU B 315 36.34 -6.28 -1.18
C GLU B 315 36.32 -6.57 -2.67
N VAL B 316 35.69 -7.67 -3.07
CA VAL B 316 35.55 -8.05 -4.48
C VAL B 316 34.11 -8.43 -4.71
N ALA B 317 33.46 -7.74 -5.65
CA ALA B 317 32.06 -8.00 -5.99
C ALA B 317 32.00 -8.83 -7.26
N LEU B 318 31.17 -9.87 -7.25
CA LEU B 318 30.98 -10.74 -8.42
C LEU B 318 29.47 -10.80 -8.64
N VAL B 319 28.96 -9.85 -9.43
CA VAL B 319 27.53 -9.70 -9.65
C VAL B 319 27.17 -10.42 -10.95
N GLY B 320 26.35 -11.47 -10.81
CA GLY B 320 25.97 -12.29 -11.93
C GLY B 320 25.50 -13.65 -11.42
N ASP B 321 25.45 -14.61 -12.36
CA ASP B 321 24.90 -15.92 -12.08
C ASP B 321 25.94 -16.83 -11.44
N GLY B 322 25.49 -17.59 -10.44
CA GLY B 322 26.38 -18.43 -9.67
C GLY B 322 27.10 -19.46 -10.52
N LYS B 323 26.36 -20.18 -11.36
CA LYS B 323 26.99 -21.19 -12.21
C LYS B 323 27.97 -20.54 -13.19
N ALA B 324 27.56 -19.46 -13.83
CA ALA B 324 28.45 -18.81 -14.81
C ALA B 324 29.71 -18.28 -14.15
N ILE B 325 29.58 -17.61 -12.99
CA ILE B 325 30.75 -16.96 -12.42
C ILE B 325 31.73 -17.99 -11.87
N VAL B 326 31.24 -19.03 -11.18
CA VAL B 326 32.17 -20.07 -10.73
C VAL B 326 32.82 -20.74 -11.94
N GLY B 327 32.07 -20.91 -13.02
CA GLY B 327 32.69 -21.37 -14.26
C GLY B 327 33.85 -20.48 -14.67
N GLN B 328 33.67 -19.16 -14.59
CA GLN B 328 34.76 -18.24 -14.93
C GLN B 328 35.92 -18.40 -13.97
N LEU B 329 35.63 -18.54 -12.67
CA LEU B 329 36.69 -18.77 -11.70
C LEU B 329 37.43 -20.08 -11.98
N ASN B 330 36.71 -21.14 -12.32
CA ASN B 330 37.37 -22.40 -12.67
C ASN B 330 38.24 -22.24 -13.90
N GLN B 331 37.75 -21.52 -14.92
CA GLN B 331 38.55 -21.27 -16.11
C GLN B 331 39.82 -20.48 -15.77
N ALA B 332 39.70 -19.48 -14.90
CA ALA B 332 40.85 -18.64 -14.56
C ALA B 332 41.86 -19.40 -13.72
N LEU B 333 41.38 -20.34 -12.91
CA LEU B 333 42.26 -21.20 -12.11
C LEU B 333 43.09 -22.15 -12.96
N SER B 334 42.68 -22.42 -14.19
CA SER B 334 43.51 -23.27 -15.01
C SER B 334 44.73 -22.52 -15.53
N SER B 335 44.74 -21.19 -15.40
CA SER B 335 45.90 -20.37 -15.73
C SER B 335 46.71 -20.00 -14.50
N ARG B 336 46.47 -20.67 -13.37
CA ARG B 336 47.22 -20.40 -12.16
C ARG B 336 47.70 -21.70 -11.55
N GLN B 337 48.81 -21.62 -10.81
CA GLN B 337 49.28 -22.81 -10.09
C GLN B 337 48.79 -22.87 -8.65
N TRP B 338 48.28 -21.76 -8.10
CA TRP B 338 47.90 -21.70 -6.70
C TRP B 338 46.80 -22.69 -6.36
N PHE B 339 46.95 -23.34 -5.21
CA PHE B 339 45.84 -23.96 -4.51
C PHE B 339 46.10 -23.78 -3.01
N TYR B 340 45.07 -23.97 -2.21
CA TYR B 340 45.24 -23.79 -0.79
C TYR B 340 46.05 -24.96 -0.26
N PRO B 341 47.18 -24.73 0.41
CA PRO B 341 48.13 -25.81 0.67
C PRO B 341 47.56 -26.92 1.54
N ALA B 342 48.18 -28.11 1.42
CA ALA B 342 47.65 -29.31 2.05
C ALA B 342 47.72 -29.25 3.58
N GLU B 343 48.77 -28.62 4.12
CA GLU B 343 48.95 -28.45 5.56
C GLU B 343 49.05 -26.96 5.88
N THR B 344 48.14 -26.46 6.71
CA THR B 344 48.23 -25.10 7.23
C THR B 344 47.72 -25.09 8.67
N PRO B 345 48.09 -24.08 9.45
CA PRO B 345 47.54 -23.98 10.80
C PRO B 345 46.02 -23.84 10.84
N TRP B 346 45.43 -23.18 9.82
CA TRP B 346 43.98 -23.08 9.67
C TRP B 346 43.32 -24.44 9.58
N ARG B 347 43.86 -25.33 8.74
CA ARG B 347 43.35 -26.69 8.64
C ARG B 347 43.45 -27.43 9.97
N GLU B 348 44.58 -27.29 10.66
CA GLU B 348 44.75 -27.96 11.96
C GLU B 348 43.73 -27.45 12.97
N ALA B 349 43.52 -26.13 13.04
CA ALA B 349 42.55 -25.58 13.99
C ALA B 349 41.12 -26.01 13.65
N ILE B 350 40.74 -25.96 12.38
CA ILE B 350 39.43 -26.46 11.96
C ILE B 350 39.25 -27.93 12.37
N ALA B 351 40.26 -28.77 12.09
CA ALA B 351 40.16 -30.18 12.41
C ALA B 351 39.96 -30.41 13.90
N ALA B 352 40.75 -29.72 14.73
CA ALA B 352 40.62 -29.84 16.18
C ALA B 352 39.23 -29.46 16.65
N LYS B 353 38.65 -28.40 16.08
CA LYS B 353 37.32 -27.97 16.53
C LYS B 353 36.25 -28.99 16.15
N ILE B 354 36.36 -29.54 14.93
CA ILE B 354 35.46 -30.63 14.53
C ILE B 354 35.55 -31.78 15.51
N ALA B 355 36.78 -32.21 15.84
CA ALA B 355 36.94 -33.34 16.75
C ALA B 355 36.38 -33.01 18.14
N GLY B 356 36.59 -31.78 18.62
CA GLY B 356 36.03 -31.39 19.90
C GLY B 356 34.50 -31.39 19.91
N ASN B 357 33.88 -30.90 18.83
CA ASN B 357 32.42 -30.89 18.78
C ASN B 357 31.85 -32.29 18.63
N GLN B 358 32.53 -33.18 17.89
CA GLN B 358 32.10 -34.57 17.80
C GLN B 358 32.14 -35.22 19.17
N ALA B 359 33.21 -35.01 19.92
CA ALA B 359 33.28 -35.57 21.27
C ALA B 359 32.21 -34.97 22.18
N ALA B 360 31.81 -33.72 21.93
CA ALA B 360 30.81 -33.07 22.78
C ALA B 360 29.44 -33.73 22.61
N VAL B 361 29.08 -34.16 21.41
CA VAL B 361 27.76 -34.76 21.24
C VAL B 361 27.78 -36.29 21.21
N ALA B 362 28.96 -36.91 21.10
CA ALA B 362 29.03 -38.38 21.08
C ALA B 362 28.27 -39.05 22.21
N PRO B 363 28.37 -38.63 23.47
CA PRO B 363 27.61 -39.31 24.52
C PRO B 363 26.10 -39.19 24.37
N MET B 364 25.60 -38.08 23.79
N MET B 364 25.59 -38.08 23.81
CA MET B 364 24.16 -37.93 23.63
CA MET B 364 24.15 -37.95 23.64
C MET B 364 23.64 -38.82 22.52
C MET B 364 23.64 -38.84 22.52
N ILE B 365 24.42 -38.95 21.44
CA ILE B 365 24.04 -39.84 20.34
C ILE B 365 23.97 -41.29 20.82
N ALA B 366 24.91 -41.71 21.68
CA ALA B 366 24.97 -43.10 22.12
C ALA B 366 23.95 -43.43 23.22
N ASP B 367 23.45 -42.42 23.93
CA ASP B 367 22.65 -42.61 25.14
C ASP B 367 21.28 -43.19 24.78
N ASN B 368 21.05 -44.44 25.18
CA ASN B 368 19.79 -45.14 24.91
C ASN B 368 18.73 -44.90 25.98
N THR B 369 18.95 -43.96 26.88
CA THR B 369 17.98 -43.59 27.89
C THR B 369 16.63 -43.23 27.26
N SER B 370 15.55 -43.66 27.89
CA SER B 370 14.25 -43.20 27.47
C SER B 370 13.61 -42.46 28.64
N PRO B 371 12.91 -41.33 28.40
CA PRO B 371 12.62 -40.66 27.12
C PRO B 371 13.89 -40.19 26.43
N MET B 372 13.96 -40.35 25.12
CA MET B 372 15.19 -40.11 24.35
C MET B 372 15.49 -38.62 24.22
N ASN B 373 16.78 -38.33 24.00
CA ASN B 373 17.21 -37.00 23.62
C ASN B 373 17.21 -36.88 22.09
N TYR B 374 17.35 -35.64 21.60
CA TYR B 374 17.30 -35.41 20.15
C TYR B 374 18.37 -36.18 19.39
N TYR B 375 19.61 -36.17 19.89
CA TYR B 375 20.72 -36.81 19.18
C TYR B 375 20.54 -38.32 19.12
N ARG B 376 20.03 -38.92 20.20
CA ARG B 376 19.69 -40.34 20.16
C ARG B 376 18.64 -40.61 19.10
N VAL B 377 17.59 -39.80 19.05
CA VAL B 377 16.55 -40.04 18.06
C VAL B 377 17.15 -39.98 16.66
N TYR B 378 18.00 -38.99 16.41
CA TYR B 378 18.53 -38.82 15.07
C TYR B 378 19.49 -39.92 14.70
N ARG B 379 20.11 -40.58 15.67
CA ARG B 379 20.99 -41.71 15.35
C ARG B 379 20.23 -42.76 14.54
N ASP B 380 19.01 -43.10 14.99
CA ASP B 380 18.18 -44.04 14.23
C ASP B 380 17.61 -43.44 12.96
N ILE B 381 17.15 -42.18 13.01
CA ILE B 381 16.64 -41.55 11.79
C ILE B 381 17.73 -41.50 10.72
N ALA B 382 18.90 -40.97 11.07
CA ALA B 382 19.95 -40.78 10.08
C ALA B 382 20.46 -42.11 9.53
N ALA B 383 20.41 -43.17 10.35
CA ALA B 383 20.87 -44.47 9.89
C ALA B 383 19.97 -45.06 8.80
N ARG B 384 18.77 -44.51 8.63
CA ARG B 384 17.79 -45.06 7.70
C ARG B 384 17.37 -44.08 6.62
N LEU B 385 18.07 -42.95 6.46
CA LEU B 385 17.74 -41.98 5.43
C LEU B 385 18.37 -42.40 4.10
N PRO B 386 17.58 -42.65 3.06
CA PRO B 386 18.18 -42.95 1.75
C PRO B 386 19.04 -41.77 1.28
N ARG B 387 20.15 -42.09 0.62
N ARG B 387 20.14 -42.09 0.61
CA ARG B 387 21.07 -41.04 0.17
CA ARG B 387 21.07 -41.05 0.15
C ARG B 387 20.43 -40.08 -0.83
C ARG B 387 20.44 -40.09 -0.84
N ASN B 388 19.32 -40.48 -1.47
CA ASN B 388 18.65 -39.61 -2.43
C ASN B 388 17.31 -39.07 -1.91
N ALA B 389 17.11 -39.06 -0.60
CA ALA B 389 15.85 -38.55 -0.05
C ALA B 389 15.75 -37.05 -0.25
N ILE B 390 14.51 -36.56 -0.20
CA ILE B 390 14.22 -35.16 0.05
C ILE B 390 13.84 -35.03 1.51
N ILE B 391 14.54 -34.17 2.23
CA ILE B 391 14.36 -33.97 3.66
C ILE B 391 13.61 -32.67 3.87
N VAL B 392 12.54 -32.72 4.62
CA VAL B 392 11.82 -31.53 5.06
C VAL B 392 12.06 -31.41 6.55
N GLY B 393 12.57 -30.26 6.98
CA GLY B 393 12.85 -30.04 8.39
C GLY B 393 12.11 -28.85 8.94
N GLU B 394 11.50 -28.97 10.13
CA GLU B 394 10.70 -27.87 10.63
C GLU B 394 10.49 -28.01 12.13
N GLY B 395 10.65 -26.90 12.85
CA GLY B 395 10.62 -26.83 14.30
C GLY B 395 11.70 -25.90 14.77
N ALA B 396 12.03 -25.96 16.06
CA ALA B 396 13.16 -25.21 16.60
C ALA B 396 14.26 -26.21 16.86
N ASN B 397 14.29 -26.85 18.03
CA ASN B 397 15.31 -27.87 18.28
C ASN B 397 15.21 -29.04 17.30
N THR B 398 14.00 -29.56 17.04
CA THR B 398 13.84 -30.62 16.03
C THR B 398 14.55 -30.24 14.72
N MET B 399 14.27 -29.04 14.21
CA MET B 399 14.83 -28.65 12.91
C MET B 399 16.32 -28.39 13.01
N ASP B 400 16.76 -27.68 14.04
CA ASP B 400 18.16 -27.25 14.07
C ASP B 400 19.09 -28.44 14.35
N ILE B 401 18.68 -29.34 15.26
CA ILE B 401 19.50 -30.51 15.51
C ILE B 401 19.43 -31.45 14.32
N GLY B 402 18.27 -31.55 13.67
CA GLY B 402 18.19 -32.33 12.45
C GLY B 402 19.11 -31.84 11.35
N ARG B 403 19.36 -30.53 11.31
CA ARG B 403 20.20 -29.96 10.26
C ARG B 403 21.62 -30.46 10.38
N THR B 404 22.11 -30.61 11.61
CA THR B 404 23.45 -31.15 11.81
C THR B 404 23.50 -32.67 11.74
N GLN B 405 22.40 -33.37 12.02
CA GLN B 405 22.46 -34.83 12.09
C GLN B 405 22.01 -35.53 10.81
N MET B 406 21.42 -34.79 9.87
CA MET B 406 20.94 -35.39 8.62
C MET B 406 21.76 -34.81 7.46
N PRO B 407 22.75 -35.52 6.96
CA PRO B 407 23.54 -35.01 5.83
C PRO B 407 22.74 -35.11 4.53
N ASN B 408 22.96 -34.16 3.63
CA ASN B 408 22.49 -34.24 2.25
C ASN B 408 23.68 -34.37 1.30
N PHE B 409 23.53 -35.21 0.28
CA PHE B 409 24.62 -35.48 -0.64
C PHE B 409 24.39 -34.94 -2.04
N GLU B 410 23.15 -34.57 -2.37
CA GLU B 410 22.65 -33.99 -3.60
C GLU B 410 22.09 -32.60 -3.28
N PRO B 411 22.16 -31.65 -4.21
CA PRO B 411 21.57 -30.34 -3.95
C PRO B 411 20.06 -30.41 -4.00
N ARG B 412 19.44 -29.35 -3.48
CA ARG B 412 17.99 -29.11 -3.54
C ARG B 412 17.23 -30.31 -2.98
N SER B 413 17.81 -30.95 -1.96
CA SER B 413 17.21 -32.11 -1.29
C SER B 413 16.95 -31.84 0.18
N ARG B 414 17.07 -30.57 0.60
CA ARG B 414 16.62 -30.16 1.92
C ARG B 414 15.70 -28.96 1.77
N LEU B 415 14.51 -29.06 2.37
CA LEU B 415 13.53 -27.98 2.40
C LEU B 415 13.19 -27.69 3.86
N ASP B 416 13.40 -26.46 4.31
CA ASP B 416 13.21 -26.20 5.75
C ASP B 416 12.58 -24.83 5.95
N ALA B 417 12.57 -24.35 7.20
CA ALA B 417 11.84 -23.12 7.50
C ALA B 417 12.41 -21.89 6.82
N GLY B 418 13.65 -21.95 6.30
CA GLY B 418 14.11 -20.91 5.37
C GLY B 418 14.45 -19.55 5.97
N SER B 419 14.61 -18.57 5.07
CA SER B 419 15.10 -17.26 5.48
C SER B 419 14.07 -16.46 6.27
N TYR B 420 12.81 -16.91 6.30
CA TYR B 420 11.75 -16.26 7.06
C TYR B 420 11.46 -16.96 8.37
N GLY B 421 12.14 -18.08 8.66
CA GLY B 421 11.91 -18.84 9.87
C GLY B 421 10.49 -19.32 10.04
N THR B 422 9.87 -19.80 8.98
CA THR B 422 8.42 -20.02 8.97
C THR B 422 8.03 -21.40 9.50
N MET B 423 7.16 -21.43 10.50
CA MET B 423 6.44 -22.66 10.82
C MET B 423 5.18 -22.69 9.97
N GLY B 424 4.89 -23.85 9.41
CA GLY B 424 3.76 -23.98 8.51
C GLY B 424 4.13 -24.51 7.15
N ILE B 425 5.43 -24.54 6.79
CA ILE B 425 5.83 -25.03 5.48
C ILE B 425 5.90 -26.54 5.37
N GLY B 426 5.84 -27.28 6.48
CA GLY B 426 6.26 -28.68 6.51
C GLY B 426 5.56 -29.64 5.55
N LEU B 427 4.24 -29.85 5.71
CA LEU B 427 3.60 -30.82 4.83
C LEU B 427 3.34 -30.26 3.43
N GLY B 428 3.17 -28.95 3.27
CA GLY B 428 3.09 -28.39 1.94
C GLY B 428 4.37 -28.61 1.15
N PHE B 429 5.52 -28.43 1.81
CA PHE B 429 6.82 -28.73 1.16
C PHE B 429 6.94 -30.24 0.87
N ALA B 430 6.46 -31.08 1.79
CA ALA B 430 6.56 -32.53 1.58
C ALA B 430 5.67 -32.96 0.41
N VAL B 431 4.45 -32.38 0.31
CA VAL B 431 3.55 -32.72 -0.80
C VAL B 431 4.14 -32.27 -2.14
N ALA B 432 4.74 -31.08 -2.16
CA ALA B 432 5.40 -30.59 -3.38
C ALA B 432 6.54 -31.53 -3.77
N ALA B 433 7.37 -31.91 -2.80
CA ALA B 433 8.46 -32.84 -3.08
C ALA B 433 7.95 -34.18 -3.64
N ALA B 434 6.86 -34.72 -3.07
CA ALA B 434 6.37 -36.01 -3.55
C ALA B 434 5.73 -35.91 -4.93
N ALA B 435 5.14 -34.76 -5.24
CA ALA B 435 4.59 -34.54 -6.57
C ALA B 435 5.71 -34.40 -7.61
N VAL B 436 6.75 -33.65 -7.28
CA VAL B 436 7.79 -33.34 -8.28
C VAL B 436 8.74 -34.52 -8.46
N HIS B 437 9.08 -35.21 -7.37
CA HIS B 437 10.01 -36.34 -7.38
C HIS B 437 9.31 -37.59 -6.86
N PRO B 438 8.32 -38.11 -7.58
CA PRO B 438 7.62 -39.31 -7.08
C PRO B 438 8.53 -40.54 -6.99
N GLY B 439 9.69 -40.54 -7.65
CA GLY B 439 10.65 -41.63 -7.57
C GLY B 439 11.64 -41.55 -6.43
N ARG B 440 11.50 -40.57 -5.53
CA ARG B 440 12.43 -40.33 -4.43
C ARG B 440 11.68 -40.33 -3.09
N PRO B 441 12.29 -40.87 -2.04
CA PRO B 441 11.63 -40.85 -0.73
C PRO B 441 11.61 -39.44 -0.15
N VAL B 442 10.53 -39.15 0.58
CA VAL B 442 10.25 -37.81 1.10
C VAL B 442 10.00 -37.99 2.58
N ILE B 443 10.89 -37.45 3.41
CA ILE B 443 10.88 -37.64 4.85
C ILE B 443 10.79 -36.26 5.50
N ALA B 444 9.76 -36.07 6.31
CA ALA B 444 9.54 -34.79 6.97
C ALA B 444 9.76 -35.04 8.45
N VAL B 445 10.72 -34.34 9.03
CA VAL B 445 10.99 -34.46 10.46
C VAL B 445 10.58 -33.14 11.10
N GLN B 446 9.50 -33.20 11.88
CA GLN B 446 8.86 -32.02 12.42
C GLN B 446 8.77 -32.13 13.95
N GLY B 447 8.92 -30.98 14.62
CA GLY B 447 8.50 -30.89 16.00
C GLY B 447 6.99 -30.95 16.12
N ASP B 448 6.52 -31.14 17.35
CA ASP B 448 5.09 -31.28 17.54
C ASP B 448 4.36 -29.97 17.25
N SER B 449 4.93 -28.83 17.67
CA SER B 449 4.33 -27.55 17.30
C SER B 449 4.25 -27.41 15.79
N ALA B 450 5.40 -27.57 15.11
CA ALA B 450 5.43 -27.49 13.65
C ALA B 450 4.35 -28.36 13.00
N PHE B 451 4.21 -29.61 13.44
CA PHE B 451 3.27 -30.53 12.79
C PHE B 451 1.85 -29.98 12.82
N GLY B 452 1.46 -29.32 13.91
CA GLY B 452 0.12 -28.75 14.04
C GLY B 452 -0.22 -27.66 13.03
N PHE B 453 0.78 -27.00 12.41
CA PHE B 453 0.44 -25.95 11.46
C PHE B 453 -0.13 -26.54 10.18
N SER B 454 0.32 -27.72 9.76
CA SER B 454 -0.05 -28.20 8.44
C SER B 454 -0.44 -29.68 8.44
N GLY B 455 -0.73 -30.26 9.61
CA GLY B 455 -0.87 -31.70 9.70
C GLY B 455 -2.06 -32.26 8.95
N MET B 456 -3.11 -31.46 8.73
CA MET B 456 -4.25 -31.94 7.95
C MET B 456 -3.87 -32.26 6.51
N GLU B 457 -2.76 -31.71 5.99
CA GLU B 457 -2.36 -32.13 4.65
C GLU B 457 -1.89 -33.57 4.61
N PHE B 458 -1.82 -34.31 5.71
CA PHE B 458 -1.63 -35.76 5.61
C PHE B 458 -2.70 -36.37 4.74
N GLU B 459 -3.92 -35.82 4.79
CA GLU B 459 -5.02 -36.40 3.99
C GLU B 459 -4.78 -36.17 2.50
N THR B 460 -4.25 -35.00 2.15
CA THR B 460 -3.83 -34.73 0.78
C THR B 460 -2.83 -35.77 0.31
N ALA B 461 -1.78 -36.02 1.11
CA ALA B 461 -0.80 -37.06 0.76
C ALA B 461 -1.48 -38.40 0.53
N ALA B 462 -2.36 -38.81 1.43
CA ALA B 462 -3.00 -40.10 1.25
C ALA B 462 -3.87 -40.12 -0.01
N ARG B 463 -4.58 -39.03 -0.27
CA ARG B 463 -5.49 -38.96 -1.42
C ARG B 463 -4.75 -39.08 -2.74
N TYR B 464 -3.53 -38.54 -2.84
CA TYR B 464 -2.74 -38.66 -4.07
C TYR B 464 -1.72 -39.81 -4.03
N GLY B 465 -1.82 -40.70 -3.05
CA GLY B 465 -0.89 -41.83 -2.94
C GLY B 465 0.56 -41.42 -2.79
N MET B 466 0.83 -40.34 -2.07
CA MET B 466 2.18 -39.82 -1.85
C MET B 466 2.72 -40.45 -0.58
N PRO B 467 3.73 -41.33 -0.64
CA PRO B 467 4.20 -42.03 0.56
C PRO B 467 5.14 -41.19 1.43
N ILE B 468 4.68 -40.00 1.80
CA ILE B 468 5.48 -39.14 2.66
C ILE B 468 5.62 -39.79 4.03
N LYS B 469 6.84 -39.73 4.57
CA LYS B 469 7.15 -40.30 5.88
C LYS B 469 7.29 -39.14 6.87
N VAL B 470 6.34 -39.04 7.78
CA VAL B 470 6.29 -37.94 8.73
C VAL B 470 6.79 -38.45 10.06
N ILE B 471 7.85 -37.85 10.56
CA ILE B 471 8.42 -38.21 11.85
C ILE B 471 8.27 -37.00 12.77
N ILE B 472 7.46 -37.15 13.82
CA ILE B 472 7.23 -36.08 14.79
C ILE B 472 8.07 -36.34 16.04
N LEU B 473 8.86 -35.34 16.44
CA LEU B 473 9.55 -35.39 17.73
C LEU B 473 8.73 -34.55 18.69
N ASN B 474 8.09 -35.21 19.66
CA ASN B 474 7.07 -34.60 20.50
C ASN B 474 7.64 -34.40 21.90
N ASN B 475 8.06 -33.18 22.21
CA ASN B 475 8.42 -32.84 23.58
C ASN B 475 7.28 -32.16 24.32
N GLY B 476 6.11 -32.03 23.70
CA GLY B 476 4.99 -31.40 24.36
C GLY B 476 5.02 -29.89 24.45
N GLY B 477 5.73 -29.21 23.56
CA GLY B 477 5.57 -27.77 23.52
C GLY B 477 6.46 -27.13 22.48
N ILE B 478 6.42 -25.80 22.50
CA ILE B 478 7.13 -24.96 21.53
C ILE B 478 8.55 -24.82 22.05
N GLY B 479 9.50 -25.56 21.45
CA GLY B 479 10.91 -25.50 21.79
C GLY B 479 11.31 -26.39 22.96
N MET B 480 10.39 -26.62 23.89
CA MET B 480 10.64 -27.43 25.05
C MET B 480 9.29 -27.83 25.61
N GLY B 481 9.30 -28.87 26.44
CA GLY B 481 8.11 -29.33 27.12
C GLY B 481 7.80 -28.46 28.33
N SER B 482 6.85 -28.95 29.13
CA SER B 482 6.43 -28.16 30.27
C SER B 482 5.70 -29.13 31.19
N PRO B 483 5.91 -29.08 32.50
CA PRO B 483 5.17 -29.97 33.39
C PRO B 483 3.70 -29.59 33.41
N ALA B 484 2.85 -30.57 33.63
CA ALA B 484 1.41 -30.31 33.65
C ALA B 484 1.09 -29.29 34.74
N PRO B 485 0.14 -28.36 34.50
CA PRO B 485 -0.16 -27.32 35.49
C PRO B 485 -0.97 -27.84 36.69
N GLY B 488 -4.95 -25.26 39.80
CA GLY B 488 -4.33 -24.06 40.34
C GLY B 488 -4.02 -22.98 39.32
N GLN B 489 -3.24 -23.32 38.31
CA GLN B 489 -2.67 -22.33 37.41
C GLN B 489 -2.93 -22.69 35.96
N PRO B 490 -2.92 -21.71 35.06
CA PRO B 490 -3.15 -21.98 33.63
C PRO B 490 -1.98 -22.72 33.00
N GLY B 491 -2.28 -23.35 31.85
CA GLY B 491 -1.22 -23.92 31.05
C GLY B 491 -0.28 -22.84 30.55
N MET B 492 0.99 -23.19 30.44
CA MET B 492 1.95 -22.18 30.00
C MET B 492 1.77 -21.90 28.50
N PRO B 493 2.11 -20.69 28.05
CA PRO B 493 1.84 -20.33 26.65
C PRO B 493 2.52 -21.23 25.64
N HIS B 494 3.74 -21.70 25.93
CA HIS B 494 4.44 -22.58 24.98
C HIS B 494 4.03 -24.05 25.08
N ALA B 495 3.15 -24.42 26.01
CA ALA B 495 2.88 -25.84 26.25
C ALA B 495 1.90 -26.43 25.24
N LEU B 496 2.18 -27.66 24.82
CA LEU B 496 1.25 -28.40 23.97
C LEU B 496 0.91 -29.72 24.67
N SER B 497 0.75 -30.82 23.93
CA SER B 497 0.28 -32.07 24.54
C SER B 497 1.38 -33.13 24.42
N HIS B 498 2.10 -33.38 25.52
CA HIS B 498 3.15 -34.39 25.48
C HIS B 498 2.61 -35.77 25.20
N ASP B 499 1.41 -36.07 25.70
CA ASP B 499 0.84 -37.40 25.54
C ASP B 499 -0.01 -37.54 24.28
N ALA B 500 -0.04 -36.51 23.42
CA ALA B 500 -0.82 -36.57 22.20
C ALA B 500 -0.40 -37.77 21.34
N ARG B 501 -1.38 -38.38 20.69
CA ARG B 501 -1.14 -39.56 19.84
C ARG B 501 -1.32 -39.13 18.37
N TYR B 502 -0.40 -38.26 17.92
CA TYR B 502 -0.52 -37.66 16.59
C TYR B 502 -0.59 -38.73 15.52
N GLU B 503 0.04 -39.89 15.74
CA GLU B 503 0.04 -40.91 14.69
C GLU B 503 -1.38 -41.41 14.37
N ARG B 504 -2.36 -41.17 15.25
CA ARG B 504 -3.72 -41.58 14.92
C ARG B 504 -4.32 -40.77 13.80
N ILE B 505 -3.74 -39.60 13.51
CA ILE B 505 -4.19 -38.83 12.36
C ILE B 505 -3.90 -39.58 11.07
N ALA B 506 -2.82 -40.39 11.05
CA ALA B 506 -2.53 -41.19 9.86
C ALA B 506 -3.61 -42.23 9.64
N GLU B 507 -4.09 -42.83 10.73
CA GLU B 507 -5.13 -43.84 10.65
C GLU B 507 -6.46 -43.24 10.25
N ALA B 508 -6.65 -41.92 10.41
CA ALA B 508 -7.87 -41.30 9.90
C ALA B 508 -7.92 -41.36 8.38
N PHE B 509 -6.78 -41.46 7.72
CA PHE B 509 -6.73 -41.30 6.27
C PHE B 509 -6.09 -42.49 5.57
N GLY B 510 -6.03 -43.64 6.22
CA GLY B 510 -5.57 -44.86 5.60
C GLY B 510 -4.07 -45.04 5.57
N GLY B 511 -3.32 -44.16 6.24
CA GLY B 511 -1.89 -44.29 6.38
C GLY B 511 -1.53 -45.08 7.62
N ALA B 512 -0.24 -45.30 7.79
CA ALA B 512 0.27 -46.13 8.88
C ALA B 512 0.76 -45.21 9.99
N GLY B 513 0.31 -45.47 11.21
CA GLY B 513 0.72 -44.69 12.35
C GLY B 513 1.54 -45.55 13.30
N PHE B 514 2.58 -44.96 13.87
CA PHE B 514 3.41 -45.67 14.85
C PHE B 514 3.70 -44.76 16.04
N TYR B 515 3.73 -45.35 17.23
CA TYR B 515 3.95 -44.59 18.45
C TYR B 515 5.20 -45.14 19.14
N VAL B 516 6.12 -44.25 19.50
CA VAL B 516 7.39 -44.63 20.10
C VAL B 516 7.60 -43.82 21.38
N THR B 517 7.78 -44.52 22.50
CA THR B 517 8.24 -43.88 23.72
C THR B 517 9.58 -44.39 24.22
N ASP B 518 10.00 -45.61 23.86
CA ASP B 518 11.24 -46.20 24.33
C ASP B 518 12.22 -46.36 23.17
N SER B 519 13.51 -46.18 23.47
CA SER B 519 14.53 -46.24 22.42
C SER B 519 14.52 -47.59 21.68
N ALA B 520 14.19 -48.68 22.34
CA ALA B 520 14.21 -49.99 21.69
C ALA B 520 13.13 -50.11 20.61
N GLU B 521 12.06 -49.32 20.69
CA GLU B 521 10.98 -49.31 19.72
C GLU B 521 11.30 -48.53 18.45
N LEU B 522 12.26 -47.60 18.50
CA LEU B 522 12.37 -46.60 17.44
C LEU B 522 12.79 -47.22 16.11
N GLY B 523 13.89 -47.97 16.09
CA GLY B 523 14.35 -48.64 14.91
C GLY B 523 13.28 -49.45 14.19
N PRO B 524 12.65 -50.39 14.91
CA PRO B 524 11.57 -51.16 14.26
C PRO B 524 10.46 -50.28 13.70
N ALA B 525 10.03 -49.23 14.43
CA ALA B 525 8.99 -48.32 13.95
C ALA B 525 9.39 -47.65 12.65
N LEU B 526 10.59 -47.07 12.61
CA LEU B 526 11.04 -46.40 11.39
C LEU B 526 11.13 -47.37 10.22
N ASP B 527 11.67 -48.58 10.47
CA ASP B 527 11.72 -49.60 9.42
C ASP B 527 10.34 -49.91 8.86
N ALA B 528 9.35 -50.08 9.75
CA ALA B 528 7.99 -50.31 9.29
C ALA B 528 7.46 -49.12 8.48
N ALA B 529 7.69 -47.89 8.97
CA ALA B 529 7.14 -46.73 8.28
C ALA B 529 7.78 -46.56 6.90
N MET B 530 9.12 -46.71 6.83
CA MET B 530 9.79 -46.61 5.55
C MET B 530 9.31 -47.69 4.58
N ALA B 531 8.94 -48.87 5.10
CA ALA B 531 8.56 -50.00 4.26
C ALA B 531 7.10 -49.95 3.83
N PHE B 532 6.24 -49.26 4.57
CA PHE B 532 4.82 -49.17 4.22
C PHE B 532 4.61 -48.46 2.89
N LYS B 533 3.79 -49.05 2.02
CA LYS B 533 3.55 -48.48 0.69
C LYS B 533 2.44 -47.43 0.78
N GLY B 534 2.77 -46.35 1.46
CA GLY B 534 1.92 -45.20 1.55
C GLY B 534 2.47 -44.23 2.57
N PRO B 535 1.74 -43.16 2.86
CA PRO B 535 2.22 -42.18 3.85
C PRO B 535 2.11 -42.73 5.26
N ALA B 536 2.95 -42.21 6.14
CA ALA B 536 3.04 -42.73 7.50
C ALA B 536 3.40 -41.62 8.47
N ILE B 537 2.99 -41.80 9.73
CA ILE B 537 3.41 -40.94 10.84
C ILE B 537 4.07 -41.80 11.91
N VAL B 538 5.26 -41.39 12.31
CA VAL B 538 5.97 -41.96 13.44
C VAL B 538 6.02 -40.88 14.51
N ASN B 539 5.24 -41.07 15.59
CA ASN B 539 5.12 -40.10 16.68
C ASN B 539 6.04 -40.54 17.83
N ILE B 540 7.07 -39.74 18.12
CA ILE B 540 8.12 -40.07 19.09
C ILE B 540 7.99 -39.11 20.27
N LYS B 541 7.57 -39.62 21.42
CA LYS B 541 7.53 -38.81 22.64
C LYS B 541 8.94 -38.71 23.20
N ILE B 542 9.60 -37.58 22.96
CA ILE B 542 10.96 -37.36 23.44
C ILE B 542 10.96 -36.67 24.80
N ALA B 543 12.15 -36.51 25.38
CA ALA B 543 12.25 -35.95 26.71
C ALA B 543 11.84 -34.47 26.69
N ALA B 544 11.12 -34.03 27.73
CA ALA B 544 10.62 -32.65 27.74
C ALA B 544 11.74 -31.60 27.75
N THR B 545 12.89 -31.90 28.36
CA THR B 545 13.96 -30.92 28.48
C THR B 545 15.17 -31.26 27.60
N ALA B 546 14.99 -32.11 26.59
CA ALA B 546 16.10 -32.34 25.66
C ALA B 546 16.41 -31.04 24.93
N ASP B 547 17.69 -30.82 24.65
CA ASP B 547 18.16 -29.55 24.08
C ASP B 547 19.36 -29.81 23.17
N ARG B 548 19.78 -28.77 22.48
CA ARG B 548 20.89 -28.84 21.53
C ARG B 548 22.23 -28.75 22.27
N LYS B 549 23.31 -29.08 21.54
CA LYS B 549 24.65 -28.88 22.07
C LYS B 549 24.84 -27.43 22.50
N PRO B 550 25.45 -27.20 23.67
CA PRO B 550 25.78 -25.82 24.09
C PRO B 550 26.69 -25.15 23.07
N GLN B 551 26.49 -23.86 22.88
CA GLN B 551 27.39 -23.07 22.04
C GLN B 551 27.77 -21.78 22.72
N GLN B 552 28.86 -21.21 22.23
CA GLN B 552 29.28 -19.92 22.73
C GLN B 552 28.22 -18.86 22.46
N PHE B 553 27.52 -18.95 21.35
CA PHE B 553 26.56 -17.92 20.96
C PHE B 553 25.16 -18.52 20.78
N ASN B 554 24.16 -17.72 21.10
CA ASN B 554 22.78 -18.03 20.75
C ASN B 554 22.63 -17.91 19.24
N TRP B 555 21.80 -18.80 18.64
CA TRP B 555 21.62 -18.75 17.19
C TRP B 555 21.15 -17.38 16.70
N HIS B 556 20.32 -16.71 17.50
CA HIS B 556 19.78 -15.41 17.14
C HIS B 556 20.64 -14.27 17.72
N GLY B 557 21.00 -14.36 18.99
CA GLY B 557 21.79 -13.32 19.63
C GLY B 557 21.06 -11.99 19.73
N SER C 1 33.41 32.60 21.63
CA SER C 1 34.86 32.81 21.71
C SER C 1 35.58 31.47 21.73
N ASN C 2 36.70 31.37 21.00
CA ASN C 2 37.46 30.13 21.02
C ASN C 2 38.12 29.86 22.36
N ALA C 3 38.16 30.83 23.27
CA ALA C 3 38.89 30.69 24.54
C ALA C 3 38.14 29.86 25.58
N MET C 4 36.84 29.75 25.46
CA MET C 4 36.07 29.08 26.49
C MET C 4 35.96 27.61 26.13
N ALA C 5 36.04 26.76 27.17
CA ALA C 5 35.81 25.33 27.01
C ALA C 5 34.48 25.05 26.31
N LYS C 6 34.55 24.19 25.30
CA LYS C 6 33.38 23.82 24.52
C LYS C 6 33.34 22.31 24.43
N SER C 7 32.19 21.71 24.74
CA SER C 7 32.05 20.26 24.65
C SER C 7 31.89 19.86 23.20
N GLU C 8 32.76 18.97 22.73
CA GLU C 8 32.78 18.55 21.33
C GLU C 8 32.60 17.05 21.18
N GLY C 9 32.24 16.34 22.25
CA GLY C 9 32.14 14.90 22.16
C GLY C 9 30.91 14.40 21.41
N LYS C 10 29.87 15.23 21.30
CA LYS C 10 28.59 14.84 20.73
C LYS C 10 28.36 15.45 19.35
N VAL C 11 27.56 14.75 18.54
CA VAL C 11 27.13 15.17 17.20
C VAL C 11 25.64 14.86 17.07
N ASN C 12 24.89 15.70 16.35
CA ASN C 12 23.45 15.43 16.20
C ASN C 12 23.16 14.81 14.83
N GLY C 13 21.89 14.40 14.67
CA GLY C 13 21.50 13.69 13.45
C GLY C 13 21.72 14.52 12.21
N ALA C 14 21.37 15.82 12.26
CA ALA C 14 21.59 16.72 11.13
C ALA C 14 23.05 16.65 10.65
N THR C 15 24.00 16.69 11.59
CA THR C 15 25.40 16.71 11.21
C THR C 15 25.82 15.35 10.67
N LEU C 16 25.39 14.27 11.33
CA LEU C 16 25.71 12.92 10.86
C LEU C 16 25.19 12.68 9.46
N MET C 17 23.98 13.19 9.17
CA MET C 17 23.40 13.08 7.84
C MET C 17 24.24 13.84 6.81
N ALA C 18 24.58 15.09 7.11
CA ALA C 18 25.42 15.88 6.18
C ALA C 18 26.75 15.19 5.88
N ARG C 19 27.45 14.75 6.92
CA ARG C 19 28.69 14.00 6.74
C ARG C 19 28.49 12.76 5.87
N ALA C 20 27.47 11.94 6.17
CA ALA C 20 27.25 10.72 5.41
C ALA C 20 26.95 11.01 3.95
N LEU C 21 26.10 12.01 3.70
CA LEU C 21 25.80 12.39 2.31
C LEU C 21 27.09 12.78 1.59
N GLN C 22 27.92 13.58 2.24
CA GLN C 22 29.13 14.04 1.60
C GLN C 22 30.07 12.85 1.36
N GLN C 23 30.17 11.95 2.33
CA GLN C 23 31.01 10.76 2.12
C GLN C 23 30.53 9.95 0.92
N GLN C 24 29.22 9.86 0.72
CA GLN C 24 28.65 9.06 -0.35
C GLN C 24 28.54 9.82 -1.68
N GLY C 25 29.17 10.99 -1.79
CA GLY C 25 29.24 11.67 -3.08
C GLY C 25 28.04 12.51 -3.43
N VAL C 26 27.12 12.76 -2.50
CA VAL C 26 26.05 13.74 -2.73
C VAL C 26 26.68 15.14 -2.69
N GLN C 27 26.68 15.85 -3.82
CA GLN C 27 27.21 17.20 -3.85
C GLN C 27 26.11 18.26 -4.02
N TYR C 28 24.89 17.85 -4.34
CA TYR C 28 23.81 18.78 -4.66
C TYR C 28 22.59 18.37 -3.86
N MET C 29 21.97 19.34 -3.22
CA MET C 29 20.76 19.12 -2.42
C MET C 29 19.75 20.20 -2.82
N PHE C 30 18.62 19.79 -3.37
CA PHE C 30 17.60 20.71 -3.83
C PHE C 30 16.42 20.59 -2.89
N GLY C 31 15.87 21.70 -2.42
CA GLY C 31 14.72 21.54 -1.55
C GLY C 31 14.11 22.84 -1.09
N ILE C 32 13.29 22.71 -0.07
CA ILE C 32 12.68 23.88 0.57
C ILE C 32 12.69 23.61 2.06
N VAL C 33 13.29 24.50 2.84
CA VAL C 33 13.43 24.26 4.28
C VAL C 33 12.18 24.68 5.05
N GLY C 34 12.16 24.30 6.31
CA GLY C 34 11.04 24.48 7.22
C GLY C 34 11.17 23.40 8.28
N PHE C 35 10.25 23.40 9.24
CA PHE C 35 10.25 22.31 10.21
C PHE C 35 10.17 20.97 9.49
N PRO C 36 10.98 19.95 9.86
CA PRO C 36 12.06 19.92 10.86
C PRO C 36 13.45 19.88 10.19
N VAL C 37 13.55 20.29 8.93
CA VAL C 37 14.76 20.01 8.14
C VAL C 37 15.73 21.18 8.06
N ILE C 38 15.44 22.34 8.65
CA ILE C 38 16.41 23.45 8.57
C ILE C 38 17.82 22.99 9.00
N PRO C 39 18.00 22.28 10.11
CA PRO C 39 19.36 21.88 10.49
C PRO C 39 20.03 20.99 9.46
N ILE C 40 19.26 20.22 8.68
CA ILE C 40 19.92 19.37 7.69
C ILE C 40 20.53 20.23 6.59
N ALA C 41 19.79 21.23 6.12
CA ALA C 41 20.31 22.08 5.02
C ALA C 41 21.53 22.84 5.49
N ILE C 42 21.49 23.39 6.71
CA ILE C 42 22.64 24.12 7.26
C ILE C 42 23.85 23.21 7.42
N ALA C 43 23.64 22.03 8.02
CA ALA C 43 24.72 21.04 8.16
C ALA C 43 25.27 20.64 6.80
N ALA C 44 24.40 20.48 5.80
CA ALA C 44 24.90 20.09 4.48
C ALA C 44 25.84 21.14 3.93
N GLN C 45 25.51 22.43 4.10
CA GLN C 45 26.39 23.48 3.62
C GLN C 45 27.71 23.48 4.33
N ARG C 46 27.73 23.15 5.62
CA ARG C 46 28.99 23.13 6.36
C ARG C 46 29.90 22.01 5.91
N GLU C 47 29.36 20.96 5.30
CA GLU C 47 30.19 19.93 4.71
C GLU C 47 30.51 20.23 3.25
N GLY C 48 30.12 21.40 2.74
CA GLY C 48 30.42 21.77 1.37
C GLY C 48 29.42 21.31 0.33
N ILE C 49 28.34 20.67 0.73
CA ILE C 49 27.30 20.31 -0.23
C ILE C 49 26.63 21.59 -0.70
N THR C 50 26.23 21.62 -1.97
CA THR C 50 25.57 22.80 -2.55
C THR C 50 24.07 22.67 -2.32
N TYR C 51 23.51 23.57 -1.50
CA TYR C 51 22.08 23.59 -1.21
C TYR C 51 21.42 24.62 -2.11
N ILE C 52 20.42 24.18 -2.88
CA ILE C 52 19.63 25.02 -3.77
C ILE C 52 18.20 25.05 -3.23
N GLY C 53 17.79 26.19 -2.67
CA GLY C 53 16.41 26.30 -2.14
C GLY C 53 15.50 26.76 -3.25
N MET C 54 14.46 25.99 -3.53
CA MET C 54 13.60 26.22 -4.67
C MET C 54 12.25 26.79 -4.25
N ARG C 55 11.32 26.88 -5.21
CA ARG C 55 10.05 27.52 -4.94
C ARG C 55 8.89 26.54 -4.83
N ASN C 56 9.06 25.29 -5.30
CA ASN C 56 8.09 24.22 -5.07
C ASN C 56 8.84 22.88 -5.02
N GLU C 57 8.49 22.03 -4.03
CA GLU C 57 9.13 20.72 -3.89
C GLU C 57 8.98 19.88 -5.14
N GLN C 58 7.90 20.10 -5.88
CA GLN C 58 7.72 19.35 -7.12
C GLN C 58 8.93 19.56 -8.04
N SER C 59 9.34 20.81 -8.19
CA SER C 59 10.51 21.12 -9.02
C SER C 59 11.80 20.67 -8.36
N ALA C 60 11.87 20.76 -7.03
CA ALA C 60 13.07 20.29 -6.34
C ALA C 60 13.27 18.79 -6.55
N SER C 61 12.18 18.01 -6.52
CA SER C 61 12.35 16.56 -6.64
C SER C 61 12.70 16.17 -8.07
N TYR C 62 12.29 17.01 -9.02
CA TYR C 62 12.73 16.83 -10.41
C TYR C 62 14.19 17.24 -10.59
N ALA C 63 14.61 18.35 -9.97
CA ALA C 63 16.01 18.76 -10.09
C ALA C 63 16.94 17.68 -9.52
N ALA C 64 16.55 17.04 -8.41
CA ALA C 64 17.45 16.06 -7.79
C ALA C 64 17.74 14.89 -8.70
N GLN C 65 16.73 14.41 -9.43
CA GLN C 65 16.98 13.28 -10.33
C GLN C 65 17.76 13.72 -11.56
N ALA C 66 17.47 14.92 -12.09
CA ALA C 66 18.27 15.40 -13.24
C ALA C 66 19.74 15.50 -12.84
N ALA C 67 20.02 16.05 -11.66
CA ALA C 67 21.40 16.16 -11.18
C ALA C 67 22.04 14.77 -11.00
N SER C 68 21.23 13.79 -10.59
CA SER C 68 21.71 12.41 -10.45
C SER C 68 22.08 11.82 -11.80
N TYR C 69 21.24 12.03 -12.81
CA TYR C 69 21.54 11.54 -14.15
C TYR C 69 22.86 12.14 -14.66
N LEU C 70 23.02 13.44 -14.46
CA LEU C 70 24.17 14.17 -15.03
C LEU C 70 25.46 13.79 -14.31
N THR C 71 25.41 13.64 -12.98
CA THR C 71 26.61 13.33 -12.21
C THR C 71 26.93 11.85 -12.19
N GLY C 72 25.95 10.99 -12.41
CA GLY C 72 26.18 9.55 -12.29
C GLY C 72 26.07 9.02 -10.89
N ARG C 73 25.65 9.84 -9.92
CA ARG C 73 25.52 9.44 -8.53
C ARG C 73 24.23 10.02 -7.97
N PRO C 74 23.62 9.35 -6.98
CA PRO C 74 22.38 9.90 -6.40
C PRO C 74 22.65 11.27 -5.77
N GLN C 75 21.82 12.26 -6.13
CA GLN C 75 21.83 13.59 -5.53
C GLN C 75 20.53 13.77 -4.73
N ALA C 76 20.49 14.77 -3.87
CA ALA C 76 19.45 14.76 -2.85
C ALA C 76 18.36 15.81 -3.09
N CYS C 77 17.14 15.45 -2.66
CA CYS C 77 16.04 16.39 -2.53
C CYS C 77 15.68 16.43 -1.05
N LEU C 78 15.52 17.63 -0.49
CA LEU C 78 15.21 17.78 0.94
C LEU C 78 13.89 18.49 1.12
N VAL C 79 12.96 17.89 1.89
CA VAL C 79 11.63 18.46 2.01
C VAL C 79 11.14 18.31 3.44
N VAL C 80 10.18 19.15 3.80
CA VAL C 80 9.58 19.13 5.14
C VAL C 80 8.62 17.96 5.28
N SER C 81 8.14 17.73 6.50
CA SER C 81 7.13 16.72 6.75
C SER C 81 5.83 16.97 5.97
N GLY C 82 4.98 15.96 5.98
CA GLY C 82 3.64 16.08 5.46
C GLY C 82 3.63 16.50 4.00
N PRO C 83 3.07 17.69 3.73
CA PRO C 83 2.87 18.09 2.33
C PRO C 83 4.19 18.31 1.60
N GLY C 84 5.28 18.54 2.32
CA GLY C 84 6.56 18.59 1.62
C GLY C 84 6.87 17.27 0.92
N VAL C 85 6.68 16.17 1.65
CA VAL C 85 6.88 14.82 1.09
C VAL C 85 5.86 14.56 -0.03
N VAL C 86 4.58 14.88 0.23
CA VAL C 86 3.56 14.58 -0.78
C VAL C 86 3.82 15.37 -2.07
N HIS C 87 4.18 16.66 -1.97
CA HIS C 87 4.60 17.40 -3.17
C HIS C 87 5.76 16.71 -3.88
N ALA C 88 6.70 16.14 -3.13
CA ALA C 88 7.87 15.53 -3.77
C ALA C 88 7.62 14.16 -4.38
N LEU C 89 6.45 13.53 -4.09
CA LEU C 89 6.18 12.23 -4.72
C LEU C 89 6.24 12.33 -6.24
N ALA C 90 5.91 13.50 -6.80
CA ALA C 90 6.09 13.81 -8.22
C ALA C 90 7.42 13.30 -8.75
N GLY C 91 8.50 13.65 -8.08
CA GLY C 91 9.85 13.32 -8.55
C GLY C 91 10.17 11.86 -8.34
N LEU C 92 9.71 11.24 -7.24
CA LEU C 92 9.91 9.80 -7.06
C LEU C 92 9.32 9.04 -8.25
N ALA C 93 8.06 9.35 -8.61
CA ALA C 93 7.39 8.64 -9.71
C ALA C 93 8.18 8.80 -11.00
N ASN C 94 8.62 10.02 -11.29
CA ASN C 94 9.36 10.26 -12.53
C ASN C 94 10.69 9.52 -12.55
N ALA C 95 11.38 9.45 -11.41
CA ALA C 95 12.67 8.78 -11.37
C ALA C 95 12.50 7.27 -11.51
N GLN C 96 11.48 6.70 -10.87
CA GLN C 96 11.16 5.29 -11.05
C GLN C 96 10.96 4.96 -12.52
N VAL C 97 10.18 5.77 -13.21
CA VAL C 97 9.73 5.43 -14.55
C VAL C 97 10.91 5.57 -15.51
N ASN C 98 11.82 6.50 -15.23
CA ASN C 98 12.96 6.70 -16.12
C ASN C 98 14.17 5.85 -15.75
N CYS C 99 14.12 5.11 -14.63
CA CYS C 99 15.27 4.35 -14.11
C CYS C 99 16.45 5.27 -13.79
N TRP C 100 16.14 6.41 -13.17
CA TRP C 100 17.08 7.41 -12.71
C TRP C 100 17.18 7.35 -11.20
N PRO C 101 18.38 7.46 -10.64
CA PRO C 101 18.51 7.47 -9.18
C PRO C 101 18.19 8.84 -8.62
N MET C 102 17.79 8.85 -7.35
CA MET C 102 17.71 10.08 -6.58
C MET C 102 17.54 9.69 -5.12
N LEU C 103 17.82 10.65 -4.24
CA LEU C 103 17.62 10.44 -2.81
C LEU C 103 16.71 11.54 -2.27
N LEU C 104 15.48 11.16 -1.89
CA LEU C 104 14.56 12.07 -1.23
C LEU C 104 14.73 11.90 0.28
N ILE C 105 15.05 12.99 0.96
CA ILE C 105 15.14 13.05 2.42
C ILE C 105 13.95 13.88 2.90
N GLY C 106 13.01 13.22 3.59
CA GLY C 106 11.84 13.89 4.12
C GLY C 106 11.91 13.97 5.62
N GLY C 107 11.74 15.19 6.14
CA GLY C 107 11.56 15.34 7.57
C GLY C 107 10.24 14.74 7.98
N ALA C 108 10.14 14.39 9.26
CA ALA C 108 8.92 13.81 9.81
C ALA C 108 8.69 14.46 11.17
N SER C 109 7.42 14.49 11.61
CA SER C 109 7.15 14.93 12.96
C SER C 109 7.88 14.00 13.95
N ALA C 110 8.02 14.45 15.20
CA ALA C 110 8.78 13.70 16.19
C ALA C 110 8.11 12.36 16.50
N ILE C 111 8.93 11.31 16.64
CA ILE C 111 8.43 9.97 16.94
C ILE C 111 7.59 10.01 18.21
N GLU C 112 8.05 10.75 19.23
CA GLU C 112 7.37 10.69 20.52
C GLU C 112 5.94 11.25 20.46
N GLN C 113 5.56 11.96 19.38
CA GLN C 113 4.20 12.47 19.24
C GLN C 113 3.34 11.66 18.28
N ASN C 114 3.83 10.52 17.77
CA ASN C 114 3.04 9.74 16.82
C ASN C 114 1.71 9.32 17.45
N GLY C 115 0.64 9.36 16.65
CA GLY C 115 -0.68 9.06 17.13
C GLY C 115 -1.45 10.26 17.66
N MET C 116 -0.78 11.41 17.87
CA MET C 116 -1.44 12.49 18.59
C MET C 116 -2.12 13.49 17.67
N GLY C 117 -1.89 13.38 16.35
CA GLY C 117 -2.24 14.44 15.42
C GLY C 117 -1.22 15.57 15.47
N ALA C 118 0.06 15.20 15.41
CA ALA C 118 1.13 16.18 15.45
C ALA C 118 1.13 17.03 14.18
N PHE C 119 1.81 18.19 14.23
CA PHE C 119 1.93 19.02 13.05
C PHE C 119 2.64 18.25 11.93
N GLN C 120 1.93 18.03 10.82
CA GLN C 120 2.41 17.34 9.62
C GLN C 120 2.76 15.86 9.88
N GLU C 121 2.10 15.22 10.86
CA GLU C 121 2.19 13.78 11.05
C GLU C 121 1.64 13.09 9.81
N GLU C 122 2.37 12.12 9.27
CA GLU C 122 1.94 11.54 8.01
C GLU C 122 2.60 10.17 7.91
N ARG C 123 1.98 9.27 7.15
CA ARG C 123 2.52 7.93 6.93
C ARG C 123 3.46 8.00 5.73
N GLN C 124 4.61 8.64 5.94
CA GLN C 124 5.41 9.08 4.81
C GLN C 124 6.08 7.89 4.11
N VAL C 125 6.62 6.92 4.86
CA VAL C 125 7.25 5.78 4.18
C VAL C 125 6.21 4.99 3.42
N LEU C 126 5.00 4.86 3.99
CA LEU C 126 3.94 4.13 3.29
C LEU C 126 3.59 4.82 1.98
N LEU C 127 3.53 6.16 1.98
CA LEU C 127 3.16 6.92 0.78
C LEU C 127 4.23 6.81 -0.30
N ALA C 128 5.48 6.88 0.11
CA ALA C 128 6.60 6.89 -0.84
C ALA C 128 6.90 5.51 -1.41
N SER C 129 6.60 4.44 -0.65
CA SER C 129 7.12 3.11 -0.96
C SER C 129 6.76 2.59 -2.35
N PRO C 130 5.53 2.76 -2.87
CA PRO C 130 5.25 2.24 -4.23
C PRO C 130 6.00 2.98 -5.33
N LEU C 131 6.62 4.12 -5.02
CA LEU C 131 7.37 4.90 -6.02
C LEU C 131 8.88 4.76 -5.85
N CYS C 132 9.34 3.89 -4.94
CA CYS C 132 10.74 3.83 -4.55
C CYS C 132 11.28 2.41 -4.70
N LYS C 133 12.56 2.33 -5.08
CA LYS C 133 13.36 1.13 -4.89
C LYS C 133 13.65 0.88 -3.42
N TYR C 134 13.76 1.96 -2.65
CA TYR C 134 14.20 1.81 -1.28
C TYR C 134 13.49 2.90 -0.51
N ALA C 135 12.89 2.55 0.63
CA ALA C 135 12.28 3.54 1.49
C ALA C 135 12.40 3.08 2.93
N HIS C 136 12.88 3.96 3.81
CA HIS C 136 12.97 3.55 5.20
C HIS C 136 13.07 4.76 6.09
N GLN C 137 12.52 4.64 7.29
CA GLN C 137 12.68 5.68 8.28
C GLN C 137 13.98 5.44 9.06
N VAL C 138 14.65 6.53 9.40
CA VAL C 138 15.82 6.49 10.27
C VAL C 138 15.32 6.65 11.69
N GLU C 139 15.35 5.56 12.48
CA GLU C 139 14.71 5.55 13.80
C GLU C 139 15.63 6.08 14.90
N ARG C 140 16.94 6.05 14.70
CA ARG C 140 17.85 6.56 15.73
C ARG C 140 19.03 7.23 15.02
N PRO C 141 19.55 8.32 15.57
CA PRO C 141 20.61 9.06 14.84
C PRO C 141 21.87 8.23 14.60
N GLU C 142 22.23 7.33 15.51
CA GLU C 142 23.49 6.62 15.33
C GLU C 142 23.47 5.66 14.15
N ARG C 143 22.32 5.40 13.56
CA ARG C 143 22.25 4.55 12.38
C ARG C 143 22.20 5.35 11.08
N ILE C 144 22.39 6.68 11.13
CA ILE C 144 22.35 7.49 9.92
C ILE C 144 23.42 7.06 8.91
N PRO C 145 24.68 6.85 9.30
CA PRO C 145 25.66 6.36 8.30
C PRO C 145 25.22 5.06 7.65
N TYR C 146 24.65 4.13 8.44
CA TYR C 146 24.22 2.86 7.89
C TYR C 146 23.13 3.06 6.84
N TYR C 147 22.13 3.87 7.18
CA TYR C 147 20.99 4.04 6.28
C TYR C 147 21.34 4.85 5.04
N VAL C 148 22.16 5.91 5.19
CA VAL C 148 22.56 6.69 4.01
C VAL C 148 23.36 5.80 3.06
N GLU C 149 24.24 4.96 3.59
CA GLU C 149 24.99 4.07 2.70
C GLU C 149 24.05 3.11 1.99
N GLN C 150 23.13 2.50 2.74
CA GLN C 150 22.26 1.51 2.12
C GLN C 150 21.35 2.16 1.09
N ALA C 151 20.82 3.34 1.39
CA ALA C 151 19.92 4.03 0.45
C ALA C 151 20.65 4.48 -0.81
N VAL C 152 21.84 5.05 -0.67
CA VAL C 152 22.52 5.47 -1.88
C VAL C 152 22.85 4.25 -2.75
N ARG C 153 23.34 3.18 -2.13
CA ARG C 153 23.63 1.95 -2.87
C ARG C 153 22.40 1.40 -3.57
N SER C 154 21.24 1.38 -2.86
CA SER C 154 20.04 0.84 -3.49
C SER C 154 19.58 1.70 -4.66
N ALA C 155 19.69 3.03 -4.53
CA ALA C 155 19.31 3.92 -5.65
C ALA C 155 20.21 3.72 -6.86
N LEU C 156 21.50 3.55 -6.62
CA LEU C 156 22.53 3.57 -7.66
C LEU C 156 22.80 2.19 -8.29
N PHE C 157 22.74 1.11 -7.51
CA PHE C 157 23.13 -0.20 -8.05
C PHE C 157 21.96 -0.84 -8.81
N GLY C 158 22.30 -1.78 -9.70
CA GLY C 158 21.25 -2.45 -10.47
C GLY C 158 20.52 -1.48 -11.40
N ARG C 159 19.24 -1.76 -11.64
CA ARG C 159 18.45 -0.78 -12.36
C ARG C 159 18.19 0.40 -11.43
N PRO C 160 18.65 1.61 -11.76
CA PRO C 160 18.56 2.72 -10.81
C PRO C 160 17.12 3.14 -10.56
N GLY C 161 16.93 3.79 -9.42
CA GLY C 161 15.62 4.29 -9.06
C GLY C 161 15.70 5.15 -7.82
N ALA C 162 14.53 5.50 -7.29
CA ALA C 162 14.45 6.45 -6.20
C ALA C 162 14.61 5.76 -4.86
N ALA C 163 15.32 6.43 -3.95
CA ALA C 163 15.41 6.02 -2.55
C ALA C 163 14.90 7.14 -1.66
N TYR C 164 14.21 6.76 -0.59
CA TYR C 164 13.61 7.71 0.33
C TYR C 164 14.11 7.39 1.75
N LEU C 165 14.53 8.41 2.48
CA LEU C 165 14.85 8.27 3.89
C LEU C 165 14.00 9.26 4.70
N ASP C 166 13.31 8.72 5.72
CA ASP C 166 12.44 9.49 6.59
C ASP C 166 13.23 9.93 7.82
N MET C 167 13.21 11.24 8.12
CA MET C 167 14.06 11.83 9.17
C MET C 167 13.18 12.52 10.22
N PRO C 168 12.78 11.81 11.27
CA PRO C 168 11.96 12.45 12.32
C PRO C 168 12.73 13.54 13.05
N ASP C 169 11.97 14.58 13.45
CA ASP C 169 12.51 15.73 14.14
C ASP C 169 13.44 15.33 15.28
N ASP C 170 13.01 14.37 16.11
CA ASP C 170 13.80 13.95 17.27
C ASP C 170 15.05 13.17 16.88
N VAL C 171 15.11 12.62 15.67
CA VAL C 171 16.35 12.02 15.18
C VAL C 171 17.29 13.09 14.63
N ILE C 172 16.74 14.10 13.95
CA ILE C 172 17.55 15.20 13.42
C ILE C 172 18.29 15.90 14.54
N LEU C 173 17.59 16.18 15.64
CA LEU C 173 18.14 16.91 16.78
C LEU C 173 18.74 16.00 17.84
N GLY C 174 18.50 14.69 17.75
CA GLY C 174 19.10 13.78 18.69
C GLY C 174 20.61 13.77 18.58
N GLU C 175 21.27 13.55 19.72
CA GLU C 175 22.72 13.63 19.82
C GLU C 175 23.26 12.28 20.26
N VAL C 176 24.44 11.94 19.73
CA VAL C 176 25.15 10.73 20.09
C VAL C 176 26.63 11.06 20.24
N GLU C 177 27.34 10.20 20.96
CA GLU C 177 28.76 10.42 21.14
C GLU C 177 29.48 10.16 19.82
N GLU C 178 30.37 11.09 19.47
CA GLU C 178 31.14 11.01 18.23
C GLU C 178 31.78 9.64 18.05
N ALA C 179 32.58 9.23 19.03
CA ALA C 179 33.34 7.98 19.00
C ALA C 179 32.45 6.75 18.99
N ALA C 180 31.16 6.90 19.23
CA ALA C 180 30.24 5.78 19.26
C ALA C 180 29.64 5.44 17.91
N VAL C 181 29.73 6.32 16.93
CA VAL C 181 28.96 6.13 15.70
C VAL C 181 29.71 5.16 14.79
N ARG C 182 29.01 4.16 14.32
CA ARG C 182 29.63 3.13 13.51
C ARG C 182 29.75 3.65 12.08
N PRO C 183 30.95 3.66 11.51
CA PRO C 183 31.12 4.15 10.13
C PRO C 183 30.42 3.24 9.14
N ALA C 184 30.26 3.75 7.93
CA ALA C 184 29.78 2.97 6.80
C ALA C 184 30.79 3.07 5.68
N ALA C 185 30.76 2.09 4.78
CA ALA C 185 31.65 2.11 3.62
C ALA C 185 31.17 3.14 2.60
N THR C 186 32.10 3.67 1.80
CA THR C 186 31.69 4.54 0.71
C THR C 186 31.20 3.71 -0.47
N VAL C 187 30.00 4.01 -0.95
CA VAL C 187 29.44 3.33 -2.12
C VAL C 187 30.28 3.71 -3.34
N GLY C 188 30.82 2.71 -4.03
CA GLY C 188 31.62 2.92 -5.23
C GLY C 188 30.78 2.98 -6.49
N GLU C 189 31.38 2.57 -7.60
CA GLU C 189 30.62 2.62 -8.84
C GLU C 189 29.67 1.44 -8.93
N PRO C 190 28.58 1.60 -9.67
CA PRO C 190 27.67 0.47 -9.87
C PRO C 190 28.41 -0.71 -10.46
N PRO C 191 28.16 -1.92 -9.97
CA PRO C 191 28.74 -3.12 -10.60
C PRO C 191 28.27 -3.25 -12.03
N ARG C 192 29.18 -3.70 -12.88
CA ARG C 192 28.91 -3.97 -14.28
C ARG C 192 28.93 -5.48 -14.48
N SER C 193 28.00 -6.01 -15.27
CA SER C 193 28.00 -7.42 -15.61
C SER C 193 28.14 -7.61 -17.11
N LEU C 194 28.65 -8.79 -17.49
CA LEU C 194 28.91 -9.09 -18.90
C LEU C 194 27.97 -10.19 -19.39
N ALA C 195 27.90 -10.33 -20.72
CA ALA C 195 27.13 -11.45 -21.25
C ALA C 195 28.00 -12.66 -21.51
N PRO C 196 27.40 -13.87 -21.50
CA PRO C 196 28.18 -15.07 -21.85
C PRO C 196 28.68 -14.94 -23.29
N GLN C 197 29.82 -15.57 -23.54
CA GLN C 197 30.46 -15.40 -24.84
C GLN C 197 29.59 -15.92 -25.97
N GLU C 198 28.88 -17.04 -25.74
CA GLU C 198 27.98 -17.59 -26.75
C GLU C 198 26.95 -16.55 -27.19
N ASN C 199 26.46 -15.73 -26.26
CA ASN C 199 25.50 -14.68 -26.59
C ASN C 199 26.15 -13.57 -27.40
N ILE C 200 27.39 -13.21 -27.06
CA ILE C 200 28.11 -12.21 -27.84
C ILE C 200 28.26 -12.66 -29.28
N GLU C 201 28.67 -13.92 -29.48
CA GLU C 201 28.85 -14.41 -30.85
C GLU C 201 27.51 -14.55 -31.56
N ALA C 202 26.46 -14.94 -30.85
CA ALA C 202 25.15 -15.05 -31.48
C ALA C 202 24.62 -13.68 -31.90
N ALA C 203 24.85 -12.64 -31.10
CA ALA C 203 24.47 -11.29 -31.49
C ALA C 203 25.14 -10.88 -32.81
N LEU C 204 26.45 -11.15 -32.91
CA LEU C 204 27.18 -10.76 -34.12
C LEU C 204 26.72 -11.61 -35.31
N ASP C 205 26.52 -12.91 -35.09
CA ASP C 205 26.00 -13.76 -36.16
C ASP C 205 24.64 -13.24 -36.65
N ALA C 206 23.76 -12.86 -35.72
CA ALA C 206 22.47 -12.30 -36.11
C ALA C 206 22.62 -11.03 -36.94
N LEU C 207 23.48 -10.09 -36.52
CA LEU C 207 23.65 -8.85 -37.25
C LEU C 207 24.10 -9.11 -38.69
N GLN C 208 25.00 -10.07 -38.87
N GLN C 208 24.98 -10.08 -38.86
CA GLN C 208 25.51 -10.39 -40.19
CA GLN C 208 25.51 -10.39 -40.19
C GLN C 208 24.41 -10.96 -41.08
C GLN C 208 24.45 -11.01 -41.08
N SER C 209 23.45 -11.68 -40.50
CA SER C 209 22.44 -12.33 -41.30
C SER C 209 21.35 -11.37 -41.75
N ALA C 210 21.26 -10.18 -41.15
CA ALA C 210 20.10 -9.30 -41.36
C ALA C 210 20.22 -8.55 -42.67
N LYS C 211 19.09 -8.40 -43.35
CA LYS C 211 19.07 -7.59 -44.56
C LYS C 211 18.79 -6.13 -44.26
N ARG C 212 18.05 -5.84 -43.19
CA ARG C 212 17.68 -4.47 -42.86
C ARG C 212 17.86 -4.27 -41.36
N PRO C 213 19.10 -4.28 -40.88
CA PRO C 213 19.35 -4.12 -39.44
C PRO C 213 19.25 -2.66 -38.99
N LEU C 214 18.86 -2.49 -37.72
CA LEU C 214 18.74 -1.18 -37.09
C LEU C 214 19.20 -1.27 -35.64
N VAL C 215 20.19 -0.46 -35.28
CA VAL C 215 20.61 -0.29 -33.89
C VAL C 215 19.80 0.86 -33.29
N ILE C 216 19.23 0.65 -32.09
CA ILE C 216 18.49 1.69 -31.41
C ILE C 216 19.26 2.06 -30.16
N VAL C 217 19.65 3.32 -30.04
CA VAL C 217 20.55 3.81 -28.98
C VAL C 217 19.70 4.56 -27.96
N GLY C 218 19.52 3.96 -26.78
CA GLY C 218 18.65 4.52 -25.76
C GLY C 218 19.43 5.13 -24.60
N LYS C 219 18.67 5.73 -23.68
CA LYS C 219 19.30 6.51 -22.63
C LYS C 219 19.94 5.64 -21.55
N GLY C 220 19.65 4.34 -21.53
CA GLY C 220 20.43 3.42 -20.73
C GLY C 220 21.91 3.45 -21.09
N MET C 221 22.23 3.66 -22.36
CA MET C 221 23.65 3.76 -22.74
C MET C 221 24.25 5.07 -22.26
N ALA C 222 23.46 6.15 -22.25
CA ALA C 222 23.92 7.42 -21.70
C ALA C 222 24.15 7.31 -20.21
N TRP C 223 23.22 6.67 -19.48
CA TRP C 223 23.42 6.49 -18.06
C TRP C 223 24.65 5.64 -17.78
N SER C 224 24.88 4.61 -18.59
CA SER C 224 26.01 3.68 -18.45
C SER C 224 27.36 4.31 -18.83
N ARG C 225 27.37 5.51 -19.40
CA ARG C 225 28.61 6.14 -19.88
C ARG C 225 29.27 5.28 -20.95
N ALA C 226 28.45 4.71 -21.83
CA ALA C 226 28.91 3.78 -22.86
C ALA C 226 29.20 4.47 -24.19
N GLU C 227 29.23 5.80 -24.23
CA GLU C 227 29.27 6.50 -25.52
C GLU C 227 30.54 6.16 -26.32
N ASN C 228 31.68 5.99 -25.66
CA ASN C 228 32.90 5.64 -26.40
C ASN C 228 32.73 4.28 -27.08
N GLU C 229 32.18 3.31 -26.34
CA GLU C 229 32.02 1.95 -26.86
C GLU C 229 31.02 1.91 -27.99
N VAL C 230 29.91 2.65 -27.84
CA VAL C 230 28.88 2.73 -28.87
C VAL C 230 29.42 3.41 -30.13
N ARG C 231 30.16 4.51 -29.97
CA ARG C 231 30.73 5.17 -31.15
C ARG C 231 31.66 4.24 -31.89
N GLN C 232 32.48 3.49 -31.15
CA GLN C 232 33.38 2.54 -31.79
C GLN C 232 32.61 1.44 -32.49
N PHE C 233 31.53 0.96 -31.85
CA PHE C 233 30.73 -0.13 -32.41
C PHE C 233 30.06 0.29 -33.71
N ILE C 234 29.47 1.49 -33.77
CA ILE C 234 28.82 1.92 -35.00
C ILE C 234 29.86 2.19 -36.08
N GLU C 235 31.01 2.78 -35.72
CA GLU C 235 32.08 2.98 -36.72
C GLU C 235 32.60 1.65 -37.25
N ARG C 236 32.72 0.65 -36.39
CA ARG C 236 33.24 -0.65 -36.81
C ARG C 236 32.22 -1.41 -37.68
N THR C 237 30.95 -1.45 -37.25
CA THR C 237 29.95 -2.21 -37.98
C THR C 237 29.34 -1.45 -39.14
N ARG C 238 29.38 -0.12 -39.10
CA ARG C 238 28.72 0.75 -40.06
C ARG C 238 27.21 0.45 -40.15
N LEU C 239 26.56 0.09 -39.00
CA LEU C 239 25.12 -0.17 -38.99
C LEU C 239 24.31 1.14 -38.88
N PRO C 240 23.17 1.25 -39.55
CA PRO C 240 22.28 2.39 -39.31
C PRO C 240 21.81 2.38 -37.86
N PHE C 241 21.65 3.57 -37.28
CA PHE C 241 21.20 3.66 -35.89
C PHE C 241 20.13 4.74 -35.74
N LEU C 242 19.29 4.57 -34.72
CA LEU C 242 18.25 5.54 -34.38
C LEU C 242 18.44 5.89 -32.91
N ALA C 243 18.53 7.19 -32.61
CA ALA C 243 18.61 7.62 -31.21
C ALA C 243 17.21 7.80 -30.64
N THR C 244 17.03 7.42 -29.37
CA THR C 244 15.82 7.74 -28.65
C THR C 244 15.88 9.19 -28.18
N PRO C 245 14.79 9.74 -27.60
CA PRO C 245 14.81 11.18 -27.27
C PRO C 245 15.93 11.63 -26.35
N MET C 246 16.20 10.91 -25.26
CA MET C 246 17.36 11.26 -24.43
C MET C 246 18.57 10.40 -24.68
N GLY C 247 18.46 9.39 -25.56
CA GLY C 247 19.66 8.78 -26.11
C GLY C 247 20.37 9.64 -27.17
N LYS C 248 19.74 10.73 -27.65
CA LYS C 248 20.40 11.68 -28.54
C LYS C 248 21.75 12.10 -27.98
N GLY C 249 22.78 12.15 -28.84
CA GLY C 249 24.06 12.57 -28.38
C GLY C 249 25.00 11.46 -27.94
N VAL C 250 24.48 10.27 -27.60
CA VAL C 250 25.35 9.11 -27.36
C VAL C 250 26.18 8.83 -28.60
N MET C 251 25.52 8.67 -29.76
CA MET C 251 26.16 9.03 -31.03
C MET C 251 25.93 10.51 -31.29
N PRO C 252 26.87 11.24 -31.88
CA PRO C 252 26.57 12.61 -32.29
C PRO C 252 25.41 12.61 -33.27
N ASP C 253 24.52 13.60 -33.14
CA ASP C 253 23.30 13.62 -33.95
C ASP C 253 23.58 13.87 -35.43
N ASP C 254 24.73 14.42 -35.78
CA ASP C 254 25.07 14.63 -37.18
C ASP C 254 25.80 13.44 -37.77
N HIS C 255 25.82 12.30 -37.08
CA HIS C 255 26.55 11.17 -37.64
C HIS C 255 25.84 10.70 -38.90
N PRO C 256 26.57 10.48 -40.00
CA PRO C 256 25.91 10.09 -41.26
C PRO C 256 25.11 8.78 -41.20
N LEU C 257 25.25 7.94 -40.18
CA LEU C 257 24.48 6.70 -40.11
C LEU C 257 23.16 6.88 -39.38
N SER C 258 22.85 8.09 -38.91
CA SER C 258 21.59 8.26 -38.18
C SER C 258 20.41 8.13 -39.14
N VAL C 259 19.39 7.38 -38.73
CA VAL C 259 18.15 7.26 -39.47
C VAL C 259 17.07 8.18 -38.90
N GLY C 260 17.46 9.18 -38.09
CA GLY C 260 16.48 9.96 -37.36
C GLY C 260 15.46 10.62 -38.29
N GLY C 261 15.90 11.02 -39.47
CA GLY C 261 14.96 11.57 -40.43
C GLY C 261 14.19 10.56 -41.24
N ALA C 262 14.32 9.25 -40.94
CA ALA C 262 13.57 8.18 -41.60
C ALA C 262 13.02 7.23 -40.55
N ARG C 263 12.66 7.80 -39.40
CA ARG C 263 12.34 6.98 -38.23
C ARG C 263 11.22 6.00 -38.51
N SER C 264 10.10 6.48 -39.05
CA SER C 264 8.97 5.57 -39.21
C SER C 264 9.30 4.45 -40.20
N HIS C 265 9.99 4.76 -41.29
CA HIS C 265 10.34 3.69 -42.21
C HIS C 265 11.32 2.72 -41.58
N ALA C 266 12.29 3.22 -40.82
CA ALA C 266 13.31 2.32 -40.27
C ALA C 266 12.69 1.31 -39.31
N LEU C 267 11.77 1.76 -38.44
CA LEU C 267 11.11 0.83 -37.53
C LEU C 267 10.17 -0.10 -38.27
N GLN C 268 9.47 0.40 -39.29
CA GLN C 268 8.51 -0.42 -40.00
C GLN C 268 9.16 -1.57 -40.75
N GLU C 269 10.32 -1.32 -41.36
CA GLU C 269 10.88 -2.27 -42.31
C GLU C 269 12.10 -3.03 -41.82
N ALA C 270 12.68 -2.68 -40.68
CA ALA C 270 13.80 -3.46 -40.18
C ALA C 270 13.42 -4.93 -40.05
N ASP C 271 14.34 -5.83 -40.43
CA ASP C 271 14.14 -7.23 -40.09
C ASP C 271 14.85 -7.62 -38.80
N LEU C 272 15.69 -6.74 -38.27
CA LEU C 272 16.35 -6.97 -37.01
C LEU C 272 16.58 -5.63 -36.33
N VAL C 273 16.25 -5.58 -35.04
CA VAL C 273 16.46 -4.41 -34.20
C VAL C 273 17.39 -4.82 -33.07
N PHE C 274 18.41 -4.00 -32.84
CA PHE C 274 19.34 -4.18 -31.73
C PHE C 274 19.07 -3.06 -30.73
N LEU C 275 18.33 -3.39 -29.65
CA LEU C 275 18.05 -2.43 -28.60
C LEU C 275 19.29 -2.29 -27.72
N LEU C 276 19.82 -1.06 -27.62
CA LEU C 276 20.91 -0.74 -26.69
C LEU C 276 20.35 0.12 -25.56
N GLY C 277 20.02 -0.50 -24.43
CA GLY C 277 19.57 0.29 -23.30
C GLY C 277 18.36 1.16 -23.59
N ALA C 278 17.36 0.57 -24.24
CA ALA C 278 16.11 1.22 -24.66
C ALA C 278 15.02 0.17 -24.53
N ARG C 279 13.85 0.57 -24.07
CA ARG C 279 12.75 -0.36 -23.87
C ARG C 279 11.73 -0.33 -25.01
N PHE C 280 11.08 -1.48 -25.26
CA PHE C 280 9.91 -1.52 -26.12
C PHE C 280 8.67 -1.08 -25.34
N ASN C 281 8.75 0.11 -24.79
CA ASN C 281 7.58 0.71 -24.16
C ASN C 281 6.95 1.64 -25.21
N TRP C 282 6.14 2.62 -24.76
CA TRP C 282 5.42 3.49 -25.71
C TRP C 282 6.36 4.33 -26.58
N ILE C 283 7.51 4.75 -26.06
CA ILE C 283 8.42 5.60 -26.84
C ILE C 283 8.90 4.86 -28.09
N LEU C 284 9.09 3.55 -27.99
CA LEU C 284 9.44 2.77 -29.18
C LEU C 284 8.26 1.96 -29.70
N HIS C 285 7.02 2.35 -29.38
CA HIS C 285 5.82 1.75 -29.98
C HIS C 285 5.76 0.24 -29.77
N PHE C 286 6.32 -0.24 -28.65
CA PHE C 286 6.19 -1.60 -28.13
C PHE C 286 6.90 -2.67 -28.95
N GLY C 287 7.68 -2.30 -29.98
CA GLY C 287 8.27 -3.35 -30.80
C GLY C 287 7.28 -4.17 -31.62
N LEU C 288 6.07 -3.66 -31.86
CA LEU C 288 4.97 -4.41 -32.41
C LEU C 288 4.28 -3.68 -33.56
N PRO C 289 3.57 -4.42 -34.41
CA PRO C 289 2.70 -3.78 -35.39
C PRO C 289 1.73 -2.83 -34.70
N PRO C 290 1.32 -1.73 -35.37
CA PRO C 290 1.56 -1.38 -36.78
C PRO C 290 2.88 -0.64 -37.00
N ARG C 291 3.82 -0.60 -36.07
CA ARG C 291 5.03 0.22 -36.26
C ARG C 291 6.27 -0.61 -36.62
N TYR C 292 6.20 -1.93 -36.47
CA TYR C 292 7.26 -2.89 -36.75
C TYR C 292 6.70 -4.05 -37.57
N SER C 293 7.59 -4.71 -38.33
CA SER C 293 7.26 -6.02 -38.88
C SER C 293 6.81 -7.00 -37.79
N LYS C 294 5.76 -7.77 -38.08
CA LYS C 294 5.33 -8.73 -37.07
C LYS C 294 6.40 -9.78 -36.79
N ASP C 295 7.38 -9.92 -37.68
CA ASP C 295 8.43 -10.92 -37.49
C ASP C 295 9.79 -10.31 -37.16
N VAL C 296 9.82 -9.09 -36.61
CA VAL C 296 11.10 -8.42 -36.37
C VAL C 296 11.92 -9.23 -35.38
N ARG C 297 13.19 -9.48 -35.74
CA ARG C 297 14.14 -10.15 -34.85
C ARG C 297 14.77 -9.12 -33.92
N VAL C 298 15.08 -9.54 -32.69
CA VAL C 298 15.50 -8.59 -31.67
C VAL C 298 16.73 -9.10 -30.93
N ILE C 299 17.78 -8.28 -30.91
CA ILE C 299 18.87 -8.40 -29.96
C ILE C 299 18.64 -7.33 -28.91
N GLN C 300 18.66 -7.69 -27.63
CA GLN C 300 18.27 -6.75 -26.57
C GLN C 300 19.34 -6.70 -25.50
N LEU C 301 19.95 -5.52 -25.32
CA LEU C 301 20.93 -5.26 -24.26
C LEU C 301 20.23 -4.43 -23.20
N ASP C 302 20.01 -5.03 -22.02
CA ASP C 302 19.46 -4.33 -20.87
C ASP C 302 20.10 -4.88 -19.61
N LEU C 303 20.31 -4.01 -18.63
CA LEU C 303 20.77 -4.46 -17.33
C LEU C 303 19.71 -5.30 -16.62
N SER C 304 18.44 -5.08 -16.95
CA SER C 304 17.32 -5.72 -16.27
C SER C 304 16.91 -7.00 -17.01
N ALA C 305 17.23 -8.15 -16.41
CA ALA C 305 16.82 -9.43 -16.97
C ALA C 305 15.31 -9.48 -17.19
N GLU C 306 14.52 -8.98 -16.24
CA GLU C 306 13.07 -9.05 -16.35
C GLU C 306 12.51 -8.22 -17.52
N GLU C 307 13.27 -7.25 -18.03
CA GLU C 307 12.82 -6.49 -19.19
C GLU C 307 12.94 -7.28 -20.51
N ILE C 308 13.76 -8.33 -20.55
CA ILE C 308 14.07 -9.01 -21.81
C ILE C 308 12.82 -9.66 -22.40
N GLY C 309 12.52 -9.35 -23.66
CA GLY C 309 11.39 -9.97 -24.31
C GLY C 309 10.03 -9.35 -24.01
N ASN C 310 9.96 -8.26 -23.24
CA ASN C 310 8.69 -7.59 -23.04
C ASN C 310 8.07 -7.18 -24.39
N ASN C 311 6.78 -7.51 -24.56
CA ASN C 311 5.99 -7.21 -25.76
C ASN C 311 6.45 -7.96 -27.00
N ARG C 312 7.74 -7.92 -27.32
CA ARG C 312 8.29 -8.69 -28.44
C ARG C 312 9.45 -9.55 -27.98
N GLN C 313 9.38 -10.84 -28.29
CA GLN C 313 10.42 -11.78 -27.89
C GLN C 313 11.79 -11.31 -28.42
N ALA C 314 12.81 -11.55 -27.62
CA ALA C 314 14.19 -11.28 -28.05
C ALA C 314 14.82 -12.56 -28.54
N GLU C 315 15.43 -12.50 -29.71
CA GLU C 315 16.14 -13.64 -30.24
C GLU C 315 17.47 -13.84 -29.54
N VAL C 316 18.16 -12.76 -29.20
CA VAL C 316 19.40 -12.83 -28.46
C VAL C 316 19.30 -11.86 -27.30
N ALA C 317 19.51 -12.37 -26.09
CA ALA C 317 19.48 -11.56 -24.87
C ALA C 317 20.90 -11.22 -24.45
N LEU C 318 21.13 -9.94 -24.11
CA LEU C 318 22.42 -9.44 -23.66
C LEU C 318 22.15 -8.74 -22.32
N VAL C 319 22.15 -9.51 -21.23
CA VAL C 319 21.79 -8.94 -19.93
C VAL C 319 23.06 -8.49 -19.20
N GLY C 320 23.14 -7.20 -18.92
CA GLY C 320 24.33 -6.68 -18.28
C GLY C 320 24.47 -5.20 -18.57
N ASP C 321 25.68 -4.71 -18.33
CA ASP C 321 25.96 -3.28 -18.43
C ASP C 321 26.25 -2.88 -19.89
N GLY C 322 25.69 -1.74 -20.29
CA GLY C 322 25.80 -1.34 -21.68
C GLY C 322 27.23 -1.10 -22.12
N LYS C 323 28.02 -0.44 -21.28
CA LYS C 323 29.42 -0.17 -21.62
C LYS C 323 30.21 -1.48 -21.70
N ALA C 324 30.04 -2.36 -20.72
CA ALA C 324 30.81 -3.60 -20.67
C ALA C 324 30.44 -4.52 -21.82
N ILE C 325 29.15 -4.65 -22.11
CA ILE C 325 28.71 -5.57 -23.17
C ILE C 325 29.11 -5.04 -24.55
N VAL C 326 28.88 -3.76 -24.83
CA VAL C 326 29.34 -3.24 -26.13
C VAL C 326 30.86 -3.39 -26.24
N GLY C 327 31.59 -3.25 -25.13
CA GLY C 327 33.02 -3.58 -25.13
C GLY C 327 33.29 -5.02 -25.59
N GLN C 328 32.50 -5.97 -25.10
CA GLN C 328 32.65 -7.36 -25.53
C GLN C 328 32.39 -7.52 -27.01
N LEU C 329 31.33 -6.85 -27.51
CA LEU C 329 31.02 -6.92 -28.93
C LEU C 329 32.16 -6.34 -29.75
N ASN C 330 32.73 -5.20 -29.31
CA ASN C 330 33.83 -4.60 -30.08
C ASN C 330 35.03 -5.52 -30.11
N GLN C 331 35.32 -6.17 -28.98
CA GLN C 331 36.42 -7.13 -28.93
C GLN C 331 36.15 -8.32 -29.83
N ALA C 332 34.92 -8.83 -29.82
CA ALA C 332 34.61 -9.97 -30.68
C ALA C 332 34.67 -9.61 -32.15
N LEU C 333 34.33 -8.38 -32.50
CA LEU C 333 34.38 -7.94 -33.89
C LEU C 333 35.80 -7.89 -34.42
N SER C 334 36.81 -7.76 -33.55
CA SER C 334 38.17 -7.64 -34.05
C SER C 334 38.68 -8.93 -34.67
N SER C 335 38.03 -10.06 -34.45
CA SER C 335 38.40 -11.30 -35.11
C SER C 335 37.50 -11.65 -36.29
N ARG C 336 36.61 -10.74 -36.69
CA ARG C 336 35.72 -10.97 -37.82
C ARG C 336 35.97 -10.00 -38.96
N GLN C 337 35.73 -10.47 -40.19
CA GLN C 337 35.85 -9.63 -41.37
C GLN C 337 34.59 -8.83 -41.65
N TRP C 338 33.45 -9.27 -41.14
CA TRP C 338 32.18 -8.67 -41.52
C TRP C 338 32.07 -7.23 -41.07
N PHE C 339 31.47 -6.43 -41.94
CA PHE C 339 30.89 -5.14 -41.58
C PHE C 339 29.67 -4.96 -42.46
N TYR C 340 28.74 -4.09 -42.03
CA TYR C 340 27.58 -3.84 -42.88
C TYR C 340 28.00 -3.13 -44.17
N PRO C 341 27.69 -3.68 -45.35
CA PRO C 341 28.31 -3.18 -46.60
C PRO C 341 27.95 -1.73 -46.92
N ALA C 342 28.87 -1.07 -47.66
CA ALA C 342 28.72 0.36 -47.94
C ALA C 342 27.48 0.66 -48.76
N GLU C 343 27.07 -0.24 -49.66
CA GLU C 343 25.87 -0.04 -50.48
C GLU C 343 24.91 -1.20 -50.27
N THR C 344 23.70 -0.91 -49.81
CA THR C 344 22.63 -1.90 -49.77
C THR C 344 21.30 -1.25 -50.15
N PRO C 345 20.31 -2.06 -50.56
CA PRO C 345 18.96 -1.50 -50.74
C PRO C 345 18.41 -0.81 -49.49
N TRP C 346 18.71 -1.36 -48.32
CA TRP C 346 18.30 -0.74 -47.06
C TRP C 346 18.87 0.66 -46.93
N ARG C 347 20.16 0.80 -47.23
CA ARG C 347 20.75 2.14 -47.15
C ARG C 347 20.05 3.10 -48.10
N GLU C 348 19.71 2.62 -49.31
CA GLU C 348 19.09 3.48 -50.31
C GLU C 348 17.68 3.87 -49.88
N ALA C 349 16.94 2.93 -49.26
CA ALA C 349 15.59 3.24 -48.84
C ALA C 349 15.61 4.26 -47.72
N ILE C 350 16.54 4.08 -46.77
CA ILE C 350 16.70 5.03 -45.67
C ILE C 350 17.05 6.42 -46.22
N ALA C 351 18.02 6.50 -47.14
CA ALA C 351 18.38 7.79 -47.69
C ALA C 351 17.20 8.45 -48.39
N ALA C 352 16.40 7.66 -49.10
CA ALA C 352 15.28 8.26 -49.83
C ALA C 352 14.25 8.82 -48.87
N LYS C 353 13.99 8.11 -47.76
CA LYS C 353 13.01 8.61 -46.81
C LYS C 353 13.52 9.85 -46.09
N ILE C 354 14.82 9.91 -45.76
CA ILE C 354 15.37 11.13 -45.18
C ILE C 354 15.17 12.29 -46.14
N ALA C 355 15.47 12.07 -47.43
CA ALA C 355 15.31 13.15 -48.41
C ALA C 355 13.86 13.61 -48.51
N GLY C 356 12.90 12.68 -48.46
CA GLY C 356 11.50 13.07 -48.51
C GLY C 356 11.09 13.91 -47.32
N ASN C 357 11.52 13.51 -46.13
CA ASN C 357 11.16 14.24 -44.92
C ASN C 357 11.87 15.60 -44.89
N GLN C 358 13.13 15.65 -45.38
CA GLN C 358 13.80 16.94 -45.52
C GLN C 358 13.01 17.87 -46.44
N ALA C 359 12.57 17.35 -47.59
CA ALA C 359 11.75 18.13 -48.50
C ALA C 359 10.44 18.57 -47.85
N ALA C 360 9.83 17.74 -47.00
CA ALA C 360 8.58 18.13 -46.36
C ALA C 360 8.78 19.33 -45.42
N VAL C 361 9.89 19.38 -44.69
CA VAL C 361 10.04 20.47 -43.73
C VAL C 361 10.79 21.66 -44.30
N ALA C 362 11.43 21.54 -45.46
CA ALA C 362 12.20 22.65 -46.00
C ALA C 362 11.40 23.94 -46.16
N PRO C 363 10.18 23.94 -46.70
CA PRO C 363 9.47 25.22 -46.83
C PRO C 363 9.08 25.82 -45.50
N MET C 364 8.80 24.99 -44.48
CA MET C 364 8.44 25.52 -43.16
C MET C 364 9.65 26.17 -42.51
N ILE C 365 10.79 25.50 -42.58
CA ILE C 365 12.04 26.09 -42.07
C ILE C 365 12.30 27.43 -42.74
N ALA C 366 12.06 27.52 -44.06
CA ALA C 366 12.43 28.75 -44.75
C ALA C 366 11.38 29.85 -44.60
N ASP C 367 10.19 29.53 -44.11
CA ASP C 367 9.10 30.50 -44.14
C ASP C 367 9.25 31.52 -43.01
N ASN C 368 9.42 32.79 -43.37
CA ASN C 368 9.54 33.87 -42.39
C ASN C 368 8.21 34.52 -42.03
N THR C 369 7.08 33.98 -42.51
CA THR C 369 5.76 34.50 -42.17
C THR C 369 5.60 34.64 -40.65
N SER C 370 4.95 35.72 -40.22
CA SER C 370 4.61 35.92 -38.81
C SER C 370 3.10 36.02 -38.68
N PRO C 371 2.52 35.40 -37.66
CA PRO C 371 3.12 34.55 -36.61
C PRO C 371 3.84 33.30 -37.13
N MET C 372 4.98 33.00 -36.51
CA MET C 372 5.88 31.97 -37.00
C MET C 372 5.36 30.56 -36.75
N ASN C 373 5.82 29.64 -37.59
CA ASN C 373 5.63 28.22 -37.36
C ASN C 373 6.79 27.70 -36.54
N TYR C 374 6.64 26.46 -36.06
CA TYR C 374 7.65 25.89 -35.16
C TYR C 374 9.00 25.73 -35.85
N TYR C 375 9.01 25.25 -37.09
CA TYR C 375 10.26 25.01 -37.81
C TYR C 375 11.01 26.31 -38.06
N ARG C 376 10.30 27.39 -38.37
CA ARG C 376 10.95 28.69 -38.51
C ARG C 376 11.55 29.12 -37.18
N VAL C 377 10.80 28.96 -36.10
CA VAL C 377 11.34 29.39 -34.82
C VAL C 377 12.64 28.65 -34.52
N TYR C 378 12.66 27.33 -34.74
CA TYR C 378 13.84 26.56 -34.38
C TYR C 378 15.02 26.85 -35.31
N ARG C 379 14.76 27.37 -36.51
CA ARG C 379 15.88 27.77 -37.38
C ARG C 379 16.76 28.80 -36.67
N ASP C 380 16.15 29.79 -36.00
CA ASP C 380 16.92 30.78 -35.24
C ASP C 380 17.47 30.20 -33.94
N ILE C 381 16.67 29.38 -33.22
CA ILE C 381 17.13 28.83 -31.95
C ILE C 381 18.33 27.91 -32.16
N ALA C 382 18.24 27.00 -33.13
CA ALA C 382 19.31 26.04 -33.33
C ALA C 382 20.63 26.73 -33.62
N ALA C 383 20.57 27.91 -34.24
CA ALA C 383 21.77 28.64 -34.66
C ALA C 383 22.49 29.27 -33.47
N ARG C 384 21.83 29.39 -32.33
CA ARG C 384 22.43 29.97 -31.14
C ARG C 384 22.88 28.94 -30.11
N LEU C 385 22.60 27.65 -30.33
CA LEU C 385 22.95 26.61 -29.35
C LEU C 385 24.42 26.21 -29.49
N PRO C 386 25.27 26.45 -28.51
CA PRO C 386 26.65 25.96 -28.62
C PRO C 386 26.68 24.44 -28.53
N ARG C 387 27.76 23.88 -29.08
CA ARG C 387 27.84 22.43 -29.16
C ARG C 387 27.92 21.78 -27.77
N ASN C 388 28.32 22.51 -26.73
CA ASN C 388 28.40 21.92 -25.39
C ASN C 388 27.23 22.31 -24.49
N ALA C 389 26.14 22.79 -25.06
CA ALA C 389 24.99 23.19 -24.25
C ALA C 389 24.29 21.97 -23.66
N ILE C 390 23.57 22.21 -22.56
CA ILE C 390 22.55 21.30 -22.04
C ILE C 390 21.20 21.87 -22.43
N ILE C 391 20.39 21.04 -23.08
CA ILE C 391 19.12 21.43 -23.66
C ILE C 391 18.03 20.79 -22.82
N VAL C 392 17.08 21.59 -22.34
CA VAL C 392 15.88 21.12 -21.65
C VAL C 392 14.72 21.38 -22.59
N GLY C 393 13.95 20.35 -22.93
CA GLY C 393 12.81 20.50 -23.83
C GLY C 393 11.55 20.01 -23.14
N GLU C 394 10.46 20.77 -23.27
CA GLU C 394 9.25 20.47 -22.51
C GLU C 394 8.06 21.11 -23.20
N GLY C 395 6.99 20.33 -23.39
CA GLY C 395 5.83 20.75 -24.11
C GLY C 395 5.29 19.59 -24.91
N ALA C 396 4.37 19.87 -25.84
CA ALA C 396 3.96 18.85 -26.79
C ALA C 396 4.63 19.15 -28.12
N ASN C 397 4.01 20.00 -28.96
CA ASN C 397 4.66 20.39 -30.21
C ASN C 397 6.01 21.07 -29.97
N THR C 398 6.09 21.97 -28.99
CA THR C 398 7.37 22.65 -28.74
C THR C 398 8.48 21.63 -28.49
N MET C 399 8.18 20.61 -27.70
CA MET C 399 9.18 19.62 -27.31
C MET C 399 9.48 18.66 -28.45
N ASP C 400 8.42 18.14 -29.10
CA ASP C 400 8.62 17.12 -30.11
C ASP C 400 9.33 17.70 -31.33
N ILE C 401 8.92 18.89 -31.79
CA ILE C 401 9.62 19.50 -32.92
C ILE C 401 11.01 19.96 -32.49
N GLY C 402 11.15 20.43 -31.25
CA GLY C 402 12.47 20.75 -30.73
C GLY C 402 13.41 19.56 -30.78
N ARG C 403 12.88 18.36 -30.53
CA ARG C 403 13.72 17.14 -30.50
C ARG C 403 14.35 16.87 -31.87
N THR C 404 13.62 17.10 -32.94
CA THR C 404 14.24 16.86 -34.24
C THR C 404 15.09 18.04 -34.68
N GLN C 405 14.80 19.26 -34.23
CA GLN C 405 15.47 20.45 -34.76
C GLN C 405 16.66 20.90 -33.94
N MET C 406 16.85 20.34 -32.73
CA MET C 406 17.99 20.66 -31.88
C MET C 406 18.89 19.45 -31.74
N PRO C 407 19.96 19.35 -32.52
CA PRO C 407 20.86 18.19 -32.41
C PRO C 407 21.69 18.28 -31.14
N ASN C 408 22.06 17.12 -30.61
CA ASN C 408 23.01 17.01 -29.52
C ASN C 408 24.21 16.23 -30.01
N PHE C 409 25.40 16.67 -29.62
CA PHE C 409 26.64 16.08 -30.10
C PHE C 409 27.39 15.28 -29.05
N GLU C 410 27.03 15.44 -27.77
CA GLU C 410 27.61 14.75 -26.63
C GLU C 410 26.47 14.18 -25.81
N PRO C 411 26.70 13.07 -25.12
CA PRO C 411 25.61 12.41 -24.38
C PRO C 411 25.20 13.22 -23.15
N ARG C 412 24.06 12.84 -22.60
CA ARG C 412 23.55 13.40 -21.35
C ARG C 412 23.45 14.91 -21.42
N SER C 413 23.14 15.43 -22.61
CA SER C 413 23.06 16.87 -22.81
C SER C 413 21.66 17.30 -23.22
N ARG C 414 20.67 16.41 -23.04
CA ARG C 414 19.30 16.73 -23.34
C ARG C 414 18.46 16.18 -22.19
N LEU C 415 17.64 17.03 -21.58
CA LEU C 415 16.69 16.60 -20.55
C LEU C 415 15.28 17.00 -20.96
N ASP C 416 14.33 16.05 -20.93
CA ASP C 416 13.03 16.37 -21.47
C ASP C 416 11.98 15.59 -20.67
N ALA C 417 10.76 15.61 -21.17
CA ALA C 417 9.62 15.08 -20.42
C ALA C 417 9.73 13.58 -20.16
N GLY C 418 10.58 12.85 -20.91
CA GLY C 418 10.99 11.50 -20.51
C GLY C 418 9.90 10.40 -20.59
N SER C 419 10.20 9.27 -19.96
CA SER C 419 9.39 8.06 -20.12
C SER C 419 8.01 8.17 -19.48
N TYR C 420 7.78 9.23 -18.70
CA TYR C 420 6.49 9.50 -18.03
C TYR C 420 5.73 10.62 -18.74
N GLY C 421 6.34 11.25 -19.75
CA GLY C 421 5.63 12.33 -20.42
C GLY C 421 5.28 13.49 -19.50
N THR C 422 6.18 13.84 -18.58
CA THR C 422 5.84 14.76 -17.50
C THR C 422 5.97 16.24 -17.90
N MET C 423 4.87 17.01 -17.79
CA MET C 423 4.97 18.45 -17.71
C MET C 423 5.27 18.86 -16.26
N GLY C 424 6.21 19.78 -16.09
CA GLY C 424 6.63 20.23 -14.77
C GLY C 424 8.11 20.02 -14.49
N ILE C 425 8.84 19.34 -15.37
CA ILE C 425 10.25 19.09 -15.13
C ILE C 425 11.13 20.24 -15.58
N GLY C 426 10.58 21.24 -16.26
CA GLY C 426 11.41 22.11 -17.09
C GLY C 426 12.43 22.92 -16.31
N LEU C 427 11.98 23.84 -15.44
CA LEU C 427 12.99 24.69 -14.82
C LEU C 427 13.72 23.97 -13.69
N GLY C 428 13.09 22.94 -13.06
CA GLY C 428 13.85 22.08 -12.17
C GLY C 428 15.05 21.45 -12.87
N PHE C 429 14.83 20.89 -14.05
CA PHE C 429 15.90 20.29 -14.81
C PHE C 429 16.95 21.34 -15.18
N ALA C 430 16.50 22.56 -15.52
CA ALA C 430 17.48 23.58 -15.95
C ALA C 430 18.33 24.03 -14.76
N VAL C 431 17.69 24.22 -13.59
CA VAL C 431 18.40 24.58 -12.38
C VAL C 431 19.41 23.50 -12.02
N ALA C 432 19.03 22.22 -12.17
CA ALA C 432 19.96 21.12 -11.92
C ALA C 432 21.16 21.19 -12.86
N ALA C 433 20.88 21.33 -14.16
CA ALA C 433 21.96 21.41 -15.14
C ALA C 433 22.92 22.57 -14.84
N ALA C 434 22.38 23.71 -14.40
CA ALA C 434 23.23 24.88 -14.14
C ALA C 434 24.04 24.71 -12.87
N ALA C 435 23.52 23.98 -11.87
CA ALA C 435 24.28 23.69 -10.66
C ALA C 435 25.40 22.70 -10.94
N VAL C 436 25.12 21.67 -11.75
CA VAL C 436 26.08 20.61 -12.00
C VAL C 436 27.13 21.05 -13.02
N HIS C 437 26.71 21.80 -14.03
CA HIS C 437 27.60 22.21 -15.13
C HIS C 437 27.63 23.74 -15.26
N PRO C 438 28.13 24.46 -14.24
CA PRO C 438 28.06 25.93 -14.31
C PRO C 438 28.91 26.50 -15.45
N GLY C 439 29.87 25.73 -15.96
CA GLY C 439 30.67 26.17 -17.10
C GLY C 439 30.02 25.96 -18.46
N ARG C 440 28.86 25.32 -18.51
CA ARG C 440 28.20 25.07 -19.78
C ARG C 440 26.91 25.87 -19.90
N PRO C 441 26.53 26.27 -21.11
CA PRO C 441 25.27 27.01 -21.27
C PRO C 441 24.09 26.06 -21.12
N VAL C 442 23.01 26.59 -20.56
CA VAL C 442 21.79 25.83 -20.26
C VAL C 442 20.61 26.57 -20.88
N ILE C 443 19.92 25.91 -21.81
CA ILE C 443 18.84 26.51 -22.58
C ILE C 443 17.65 25.58 -22.44
N ALA C 444 16.56 26.10 -21.88
CA ALA C 444 15.28 25.39 -21.77
C ALA C 444 14.33 25.99 -22.79
N VAL C 445 13.78 25.16 -23.67
CA VAL C 445 12.81 25.60 -24.65
C VAL C 445 11.47 24.92 -24.28
N GLN C 446 10.53 25.74 -23.82
CA GLN C 446 9.27 25.29 -23.23
C GLN C 446 8.08 25.81 -24.03
N GLY C 447 7.01 25.01 -24.07
CA GLY C 447 5.72 25.52 -24.50
C GLY C 447 5.15 26.45 -23.44
N ASP C 448 4.13 27.21 -23.81
CA ASP C 448 3.56 28.14 -22.84
C ASP C 448 2.86 27.38 -21.72
N SER C 449 2.22 26.27 -22.04
CA SER C 449 1.59 25.47 -20.97
C SER C 449 2.65 24.91 -20.05
N ALA C 450 3.68 24.27 -20.62
CA ALA C 450 4.80 23.73 -19.85
C ALA C 450 5.39 24.76 -18.90
N PHE C 451 5.70 25.97 -19.42
CA PHE C 451 6.34 27.00 -18.60
C PHE C 451 5.53 27.32 -17.35
N GLY C 452 4.20 27.27 -17.43
CA GLY C 452 3.39 27.54 -16.25
C GLY C 452 3.55 26.59 -15.07
N PHE C 453 4.03 25.35 -15.30
CA PHE C 453 4.15 24.36 -14.21
C PHE C 453 5.30 24.70 -13.28
N SER C 454 6.38 25.28 -13.80
CA SER C 454 7.57 25.49 -12.99
C SER C 454 8.17 26.89 -13.15
N GLY C 455 7.47 27.83 -13.82
CA GLY C 455 8.09 29.10 -14.18
C GLY C 455 8.58 29.92 -12.99
N MET C 456 7.96 29.75 -11.80
CA MET C 456 8.44 30.48 -10.63
C MET C 456 9.87 30.13 -10.23
N GLU C 457 10.42 28.98 -10.63
CA GLU C 457 11.83 28.66 -10.37
C GLU C 457 12.77 29.58 -11.11
N PHE C 458 12.27 30.48 -11.94
CA PHE C 458 13.17 31.50 -12.48
C PHE C 458 13.78 32.32 -11.35
N GLU C 459 13.04 32.55 -10.28
CA GLU C 459 13.62 33.32 -9.18
C GLU C 459 14.78 32.56 -8.56
N THR C 460 14.64 31.24 -8.47
CA THR C 460 15.71 30.39 -7.98
C THR C 460 16.97 30.57 -8.83
N ALA C 461 16.83 30.40 -10.15
CA ALA C 461 17.97 30.62 -11.05
C ALA C 461 18.62 31.98 -10.77
N ALA C 462 17.82 33.05 -10.72
CA ALA C 462 18.37 34.39 -10.51
C ALA C 462 19.09 34.51 -9.17
N ARG C 463 18.52 33.90 -8.12
CA ARG C 463 19.09 33.97 -6.79
C ARG C 463 20.45 33.28 -6.71
N TYR C 464 20.67 32.22 -7.48
CA TYR C 464 21.95 31.53 -7.45
C TYR C 464 22.85 31.94 -8.63
N GLY C 465 22.47 32.99 -9.35
CA GLY C 465 23.33 33.46 -10.44
C GLY C 465 23.43 32.49 -11.60
N MET C 466 22.42 31.67 -11.80
CA MET C 466 22.40 30.67 -12.88
C MET C 466 21.87 31.33 -14.14
N PRO C 467 22.69 31.55 -15.16
CA PRO C 467 22.24 32.24 -16.37
C PRO C 467 21.49 31.34 -17.34
N ILE C 468 20.45 30.67 -16.84
CA ILE C 468 19.63 29.82 -17.69
C ILE C 468 18.90 30.68 -18.72
N LYS C 469 18.82 30.17 -19.96
CA LYS C 469 18.13 30.86 -21.04
C LYS C 469 16.81 30.16 -21.33
N VAL C 470 15.70 30.80 -20.97
CA VAL C 470 14.37 30.19 -21.08
C VAL C 470 13.72 30.77 -22.31
N ILE C 471 13.36 29.91 -23.25
CA ILE C 471 12.71 30.33 -24.48
C ILE C 471 11.32 29.72 -24.47
N ILE C 472 10.28 30.56 -24.51
CA ILE C 472 8.90 30.07 -24.46
C ILE C 472 8.29 30.22 -25.84
N LEU C 473 7.76 29.13 -26.38
CA LEU C 473 6.99 29.18 -27.62
C LEU C 473 5.53 29.20 -27.21
N ASN C 474 4.87 30.35 -27.40
CA ASN C 474 3.55 30.62 -26.83
C ASN C 474 2.53 30.56 -27.97
N ASN C 475 1.78 29.45 -28.07
CA ASN C 475 0.68 29.45 -29.01
C ASN C 475 -0.67 29.70 -28.32
N GLY C 476 -0.65 30.04 -27.04
CA GLY C 476 -1.88 30.34 -26.34
C GLY C 476 -2.65 29.13 -25.90
N GLY C 477 -1.99 27.98 -25.72
CA GLY C 477 -2.76 26.83 -25.24
C GLY C 477 -1.89 25.58 -25.14
N ILE C 478 -2.58 24.51 -24.74
CA ILE C 478 -2.05 23.16 -24.57
C ILE C 478 -2.09 22.47 -25.94
N GLY C 479 -0.94 22.36 -26.60
CA GLY C 479 -0.85 21.69 -27.88
C GLY C 479 -1.24 22.52 -29.07
N MET C 480 -2.02 23.58 -28.87
CA MET C 480 -2.54 24.43 -29.94
C MET C 480 -3.22 25.62 -29.29
N GLY C 481 -3.39 26.68 -30.07
CA GLY C 481 -4.10 27.86 -29.63
C GLY C 481 -5.61 27.68 -29.70
N SER C 482 -6.29 28.81 -29.58
CA SER C 482 -7.73 28.83 -29.45
C SER C 482 -8.23 30.23 -29.76
N PRO C 483 -9.27 30.38 -30.56
CA PRO C 483 -9.86 31.71 -30.76
C PRO C 483 -10.37 32.24 -29.43
N ALA C 484 -10.37 33.57 -29.31
CA ALA C 484 -11.01 34.18 -28.15
C ALA C 484 -12.48 33.76 -28.10
N PRO C 485 -13.01 33.45 -26.92
CA PRO C 485 -14.37 32.90 -26.77
C PRO C 485 -15.49 33.79 -27.35
N GLN C 489 -19.87 32.59 -23.98
CA GLN C 489 -19.14 31.35 -24.24
C GLN C 489 -17.89 31.24 -23.37
N PRO C 490 -17.74 30.11 -22.68
CA PRO C 490 -16.55 29.91 -21.84
C PRO C 490 -15.32 29.58 -22.66
N GLY C 491 -14.16 29.86 -22.07
CA GLY C 491 -12.92 29.48 -22.71
C GLY C 491 -12.80 27.97 -22.86
N MET C 492 -12.19 27.55 -23.95
CA MET C 492 -11.94 26.13 -24.15
C MET C 492 -11.01 25.61 -23.04
N PRO C 493 -11.17 24.33 -22.66
CA PRO C 493 -10.33 23.77 -21.59
C PRO C 493 -8.85 23.78 -21.91
N HIS C 494 -8.46 23.68 -23.17
CA HIS C 494 -7.04 23.67 -23.50
C HIS C 494 -6.47 25.07 -23.71
N ALA C 495 -7.30 26.12 -23.64
CA ALA C 495 -6.85 27.47 -23.96
C ALA C 495 -6.05 28.11 -22.83
N LEU C 496 -4.98 28.82 -23.19
CA LEU C 496 -4.29 29.68 -22.24
C LEU C 496 -4.35 31.14 -22.73
N SER C 497 -3.26 31.90 -22.63
CA SER C 497 -3.28 33.34 -22.89
C SER C 497 -2.28 33.60 -24.01
N HIS C 498 -2.78 33.78 -25.22
CA HIS C 498 -1.87 33.97 -26.36
C HIS C 498 -1.12 35.28 -26.26
N ASP C 499 -1.69 36.28 -25.59
CA ASP C 499 -1.04 37.57 -25.43
C ASP C 499 -0.30 37.73 -24.11
N ALA C 500 -0.17 36.65 -23.32
CA ALA C 500 0.59 36.70 -22.09
C ALA C 500 2.02 37.18 -22.35
N ARG C 501 2.52 38.02 -21.44
CA ARG C 501 3.85 38.58 -21.56
C ARG C 501 4.72 37.93 -20.48
N TYR C 502 4.95 36.62 -20.68
CA TYR C 502 5.69 35.81 -19.70
C TYR C 502 7.06 36.39 -19.44
N GLU C 503 7.66 37.05 -20.44
CA GLU C 503 9.01 37.54 -20.23
C GLU C 503 9.07 38.58 -19.11
N ARG C 504 7.94 39.21 -18.73
CA ARG C 504 8.03 40.14 -17.60
C ARG C 504 8.33 39.44 -16.28
N ILE C 505 8.15 38.11 -16.22
CA ILE C 505 8.54 37.37 -15.02
C ILE C 505 10.06 37.46 -14.83
N ALA C 506 10.82 37.45 -15.92
CA ALA C 506 12.25 37.63 -15.77
C ALA C 506 12.54 38.94 -15.05
N GLU C 507 11.78 39.98 -15.40
CA GLU C 507 12.04 41.31 -14.90
C GLU C 507 11.64 41.44 -13.45
N ALA C 508 10.78 40.55 -12.95
CA ALA C 508 10.51 40.51 -11.54
C ALA C 508 11.73 40.12 -10.72
N PHE C 509 12.69 39.42 -11.32
CA PHE C 509 13.76 38.77 -10.58
C PHE C 509 15.15 39.20 -11.04
N GLY C 510 15.24 40.32 -11.75
CA GLY C 510 16.52 40.85 -12.18
C GLY C 510 17.06 40.24 -13.45
N GLY C 511 16.29 39.36 -14.12
CA GLY C 511 16.68 38.84 -15.41
C GLY C 511 16.26 39.74 -16.56
N ALA C 512 16.64 39.34 -17.77
CA ALA C 512 16.31 40.10 -18.97
C ALA C 512 15.12 39.43 -19.64
N GLY C 513 14.14 40.23 -20.04
CA GLY C 513 12.97 39.74 -20.75
C GLY C 513 12.92 40.26 -22.17
N PHE C 514 12.54 39.40 -23.10
CA PHE C 514 12.41 39.75 -24.51
C PHE C 514 11.12 39.18 -25.05
N TYR C 515 10.38 40.00 -25.81
CA TYR C 515 9.11 39.61 -26.40
C TYR C 515 9.25 39.60 -27.91
N VAL C 516 8.78 38.54 -28.55
CA VAL C 516 8.95 38.37 -29.99
C VAL C 516 7.60 38.04 -30.58
N THR C 517 7.15 38.86 -31.54
CA THR C 517 5.97 38.51 -32.31
C THR C 517 6.26 38.32 -33.79
N ASP C 518 7.35 38.91 -34.28
CA ASP C 518 7.66 38.93 -35.69
C ASP C 518 8.99 38.19 -35.89
N SER C 519 9.10 37.45 -37.00
CA SER C 519 10.32 36.70 -37.26
C SER C 519 11.57 37.61 -37.24
N ALA C 520 11.44 38.85 -37.70
CA ALA C 520 12.57 39.78 -37.74
C ALA C 520 13.10 40.12 -36.35
N GLU C 521 12.27 40.00 -35.31
CA GLU C 521 12.69 40.25 -33.94
C GLU C 521 13.39 39.06 -33.29
N LEU C 522 13.27 37.87 -33.86
CA LEU C 522 13.63 36.67 -33.13
C LEU C 522 15.14 36.53 -32.96
N GLY C 523 15.90 36.67 -34.05
CA GLY C 523 17.33 36.62 -33.92
C GLY C 523 17.88 37.65 -32.94
N PRO C 524 17.50 38.92 -33.09
CA PRO C 524 18.02 39.93 -32.15
C PRO C 524 17.67 39.64 -30.72
N ALA C 525 16.48 39.08 -30.49
CA ALA C 525 16.10 38.73 -29.12
C ALA C 525 16.97 37.60 -28.59
N LEU C 526 17.22 36.56 -29.39
CA LEU C 526 18.00 35.42 -28.89
C LEU C 526 19.47 35.80 -28.67
N ASP C 527 20.04 36.58 -29.59
CA ASP C 527 21.41 37.02 -29.42
C ASP C 527 21.57 37.84 -28.14
N ALA C 528 20.62 38.74 -27.89
CA ALA C 528 20.67 39.53 -26.65
C ALA C 528 20.53 38.63 -25.42
N ALA C 529 19.60 37.67 -25.46
CA ALA C 529 19.42 36.78 -24.32
C ALA C 529 20.67 35.95 -24.08
N MET C 530 21.32 35.47 -25.15
CA MET C 530 22.50 34.64 -24.93
C MET C 530 23.64 35.47 -24.36
N ALA C 531 23.74 36.72 -24.79
CA ALA C 531 24.81 37.61 -24.34
C ALA C 531 24.57 38.16 -22.93
N PHE C 532 23.31 38.28 -22.50
CA PHE C 532 23.04 38.84 -21.18
C PHE C 532 23.72 38.02 -20.09
N LYS C 533 24.40 38.69 -19.16
CA LYS C 533 25.15 37.99 -18.11
C LYS C 533 24.19 37.71 -16.95
N GLY C 534 23.36 36.70 -17.16
CA GLY C 534 22.33 36.32 -16.21
C GLY C 534 21.22 35.53 -16.88
N PRO C 535 20.20 35.17 -16.11
CA PRO C 535 19.08 34.42 -16.68
C PRO C 535 18.17 35.30 -17.52
N ALA C 536 17.47 34.66 -18.48
CA ALA C 536 16.65 35.42 -19.41
C ALA C 536 15.44 34.60 -19.84
N ILE C 537 14.38 35.31 -20.21
CA ILE C 537 13.23 34.71 -20.87
C ILE C 537 13.02 35.39 -22.23
N VAL C 538 12.96 34.58 -23.28
CA VAL C 538 12.49 35.02 -24.58
C VAL C 538 11.11 34.42 -24.79
N ASN C 539 10.09 35.29 -24.89
CA ASN C 539 8.68 34.90 -25.02
C ASN C 539 8.28 35.12 -26.47
N ILE C 540 8.08 34.04 -27.21
CA ILE C 540 7.81 34.10 -28.65
C ILE C 540 6.33 33.77 -28.87
N LYS C 541 5.57 34.72 -29.42
CA LYS C 541 4.17 34.45 -29.75
C LYS C 541 4.13 33.77 -31.13
N ILE C 542 3.82 32.48 -31.16
CA ILE C 542 3.85 31.72 -32.41
C ILE C 542 2.44 31.55 -32.94
N ALA C 543 2.33 30.97 -34.14
CA ALA C 543 1.02 30.77 -34.75
C ALA C 543 0.17 29.82 -33.91
N ALA C 544 -1.09 30.20 -33.69
CA ALA C 544 -2.02 29.37 -32.90
C ALA C 544 -2.18 27.97 -33.46
N THR C 545 -2.11 27.81 -34.78
CA THR C 545 -2.35 26.53 -35.43
C THR C 545 -1.09 25.88 -35.99
N ALA C 546 0.10 26.39 -35.67
CA ALA C 546 1.32 25.73 -36.13
C ALA C 546 1.33 24.30 -35.62
N ASP C 547 1.84 23.38 -36.44
CA ASP C 547 1.82 21.98 -36.08
C ASP C 547 3.11 21.33 -36.55
N ARG C 548 3.27 20.05 -36.21
CA ARG C 548 4.43 19.28 -36.62
C ARG C 548 4.24 18.75 -38.03
N LYS C 549 5.34 18.25 -38.61
CA LYS C 549 5.30 17.62 -39.91
C LYS C 549 4.26 16.49 -39.92
N PRO C 550 3.43 16.39 -40.96
CA PRO C 550 2.53 15.24 -41.09
C PRO C 550 3.29 13.92 -41.07
N GLN C 551 2.63 12.91 -40.52
CA GLN C 551 3.20 11.57 -40.40
C GLN C 551 2.14 10.53 -40.68
N GLN C 552 2.59 9.31 -41.01
CA GLN C 552 1.65 8.24 -41.23
C GLN C 552 0.93 7.86 -39.93
N PHE C 553 1.65 7.85 -38.82
CA PHE C 553 1.11 7.41 -37.53
C PHE C 553 1.13 8.54 -36.50
N ASN C 554 0.12 8.57 -35.64
CA ASN C 554 0.15 9.44 -34.48
C ASN C 554 1.25 8.95 -33.56
N TRP C 555 1.87 9.88 -32.80
CA TRP C 555 2.96 9.49 -31.91
C TRP C 555 2.49 8.50 -30.84
N HIS C 556 1.24 8.65 -30.38
CA HIS C 556 0.68 7.75 -29.36
C HIS C 556 -0.08 6.57 -29.97
N GLY C 557 -0.98 6.85 -30.92
CA GLY C 557 -1.73 5.83 -31.61
C GLY C 557 -2.89 5.27 -30.81
N SER D 1 -24.69 19.99 -40.26
CA SER D 1 -26.04 20.30 -40.72
C SER D 1 -27.08 19.44 -40.05
N ASN D 2 -28.14 20.10 -39.57
CA ASN D 2 -29.25 19.42 -38.94
C ASN D 2 -30.12 18.65 -39.92
N ALA D 3 -29.89 18.81 -41.22
CA ALA D 3 -30.73 18.19 -42.24
C ALA D 3 -30.45 16.71 -42.38
N MET D 4 -29.25 16.28 -42.04
CA MET D 4 -28.85 14.91 -42.34
C MET D 4 -29.08 14.04 -41.11
N ALA D 5 -29.53 12.81 -41.36
CA ALA D 5 -29.74 11.82 -40.30
C ALA D 5 -28.48 11.62 -39.46
N LYS D 6 -28.64 11.68 -38.15
CA LYS D 6 -27.56 11.47 -37.19
C LYS D 6 -27.97 10.37 -36.21
N SER D 7 -27.11 9.38 -36.02
CA SER D 7 -27.40 8.38 -35.00
C SER D 7 -27.22 8.99 -33.63
N GLU D 8 -28.24 8.89 -32.79
CA GLU D 8 -28.23 9.47 -31.47
C GLU D 8 -28.48 8.44 -30.39
N GLY D 9 -28.42 7.15 -30.75
CA GLY D 9 -28.68 6.11 -29.78
C GLY D 9 -27.58 5.90 -28.76
N LYS D 10 -26.34 6.29 -29.09
CA LYS D 10 -25.15 5.95 -28.30
C LYS D 10 -24.64 7.16 -27.51
N VAL D 11 -24.00 6.88 -26.38
CA VAL D 11 -23.35 7.91 -25.57
C VAL D 11 -22.01 7.36 -25.10
N ASN D 12 -21.01 8.22 -24.98
CA ASN D 12 -19.70 7.76 -24.55
C ASN D 12 -19.43 8.06 -23.08
N GLY D 13 -18.33 7.51 -22.58
CA GLY D 13 -18.02 7.62 -21.17
C GLY D 13 -17.85 9.08 -20.72
N ALA D 14 -17.14 9.88 -21.53
CA ALA D 14 -16.99 11.31 -21.23
C ALA D 14 -18.34 12.00 -20.99
N THR D 15 -19.32 11.73 -21.86
CA THR D 15 -20.63 12.36 -21.75
C THR D 15 -21.40 11.82 -20.54
N LEU D 16 -21.31 10.50 -20.30
CA LEU D 16 -21.98 9.94 -19.12
C LEU D 16 -21.39 10.53 -17.84
N MET D 17 -20.07 10.73 -17.82
CA MET D 17 -19.41 11.29 -16.64
C MET D 17 -19.84 12.73 -16.41
N ALA D 18 -19.90 13.53 -17.47
CA ALA D 18 -20.37 14.91 -17.34
C ALA D 18 -21.81 14.98 -16.82
N ARG D 19 -22.70 14.17 -17.39
CA ARG D 19 -24.08 14.15 -16.92
C ARG D 19 -24.16 13.69 -15.47
N ALA D 20 -23.40 12.66 -15.08
CA ALA D 20 -23.49 12.17 -13.69
C ALA D 20 -22.95 13.21 -12.71
N LEU D 21 -21.84 13.87 -13.06
CA LEU D 21 -21.31 14.93 -12.20
C LEU D 21 -22.32 16.05 -12.02
N GLN D 22 -22.95 16.48 -13.11
CA GLN D 22 -23.95 17.53 -13.03
C GLN D 22 -25.12 17.09 -12.16
N GLN D 23 -25.60 15.86 -12.36
CA GLN D 23 -26.70 15.34 -11.54
C GLN D 23 -26.35 15.37 -10.06
N GLN D 24 -25.11 15.03 -9.72
CA GLN D 24 -24.68 14.96 -8.33
C GLN D 24 -24.27 16.31 -7.76
N GLY D 25 -24.51 17.41 -8.49
CA GLY D 25 -24.30 18.71 -7.93
C GLY D 25 -22.89 19.25 -8.08
N VAL D 26 -22.03 18.59 -8.84
CA VAL D 26 -20.72 19.14 -9.12
C VAL D 26 -20.92 20.33 -10.06
N GLN D 27 -20.49 21.53 -9.63
CA GLN D 27 -20.59 22.72 -10.48
C GLN D 27 -19.25 23.24 -10.93
N TYR D 28 -18.16 22.85 -10.27
CA TYR D 28 -16.82 23.37 -10.57
C TYR D 28 -15.89 22.20 -10.82
N MET D 29 -15.05 22.35 -11.84
CA MET D 29 -14.07 21.33 -12.18
C MET D 29 -12.78 22.09 -12.45
N PHE D 30 -11.76 21.85 -11.61
CA PHE D 30 -10.47 22.49 -11.79
C PHE D 30 -9.49 21.45 -12.31
N GLY D 31 -8.75 21.79 -13.36
CA GLY D 31 -7.94 20.73 -13.90
C GLY D 31 -6.94 21.28 -14.89
N ILE D 32 -6.24 20.35 -15.51
CA ILE D 32 -5.36 20.64 -16.65
C ILE D 32 -5.57 19.48 -17.62
N VAL D 33 -5.96 19.78 -18.86
CA VAL D 33 -6.28 18.71 -19.80
C VAL D 33 -5.07 18.17 -20.56
N GLY D 34 -5.33 17.20 -21.41
CA GLY D 34 -4.31 16.37 -22.02
C GLY D 34 -4.86 14.96 -22.15
N PHE D 35 -4.06 14.08 -22.73
CA PHE D 35 -4.47 12.66 -22.78
C PHE D 35 -4.71 12.11 -21.37
N PRO D 36 -5.80 11.39 -21.14
CA PRO D 36 -6.94 11.08 -22.00
C PRO D 36 -8.21 11.91 -21.65
N VAL D 37 -8.10 13.06 -20.96
CA VAL D 37 -9.27 13.67 -20.31
C VAL D 37 -9.83 14.87 -21.06
N ILE D 38 -9.26 15.27 -22.19
CA ILE D 38 -9.86 16.36 -22.95
C ILE D 38 -11.37 16.15 -23.15
N PRO D 39 -11.86 14.98 -23.58
CA PRO D 39 -13.32 14.81 -23.75
C PRO D 39 -14.13 15.04 -22.48
N ILE D 40 -13.56 14.80 -21.30
CA ILE D 40 -14.32 14.99 -20.06
C ILE D 40 -14.55 16.47 -19.80
N ALA D 41 -13.50 17.29 -19.95
CA ALA D 41 -13.66 18.73 -19.73
C ALA D 41 -14.63 19.34 -20.74
N ILE D 42 -14.53 18.94 -22.01
CA ILE D 42 -15.46 19.42 -23.02
C ILE D 42 -16.90 19.01 -22.67
N ALA D 43 -17.08 17.74 -22.31
CA ALA D 43 -18.43 17.25 -21.97
C ALA D 43 -18.96 17.92 -20.72
N ALA D 44 -18.09 18.20 -19.75
CA ALA D 44 -18.53 18.90 -18.55
C ALA D 44 -19.06 20.29 -18.87
N GLN D 45 -18.34 21.01 -19.74
CA GLN D 45 -18.79 22.34 -20.12
C GLN D 45 -20.16 22.27 -20.81
N ARG D 46 -20.38 21.24 -21.63
CA ARG D 46 -21.65 21.10 -22.35
C ARG D 46 -22.83 20.91 -21.40
N GLU D 47 -22.60 20.26 -20.26
CA GLU D 47 -23.61 20.14 -19.20
C GLU D 47 -23.67 21.35 -18.29
N GLY D 48 -22.90 22.41 -18.55
CA GLY D 48 -22.98 23.61 -17.75
C GLY D 48 -22.05 23.66 -16.56
N ILE D 49 -21.19 22.67 -16.40
CA ILE D 49 -20.22 22.69 -15.33
C ILE D 49 -19.16 23.71 -15.69
N THR D 50 -18.72 24.52 -14.72
CA THR D 50 -17.67 25.51 -14.94
C THR D 50 -16.31 24.83 -14.86
N TYR D 51 -15.54 24.87 -15.97
CA TYR D 51 -14.23 24.24 -16.01
C TYR D 51 -13.17 25.32 -15.89
N ILE D 52 -12.28 25.17 -14.92
CA ILE D 52 -11.19 26.11 -14.69
C ILE D 52 -9.89 25.38 -14.99
N GLY D 53 -9.23 25.75 -16.09
CA GLY D 53 -7.95 25.16 -16.45
C GLY D 53 -6.84 25.91 -15.76
N MET D 54 -6.04 25.21 -14.97
CA MET D 54 -5.08 25.90 -14.13
C MET D 54 -3.67 25.66 -14.65
N ARG D 55 -2.66 26.00 -13.85
CA ARG D 55 -1.30 25.95 -14.34
C ARG D 55 -0.47 24.84 -13.71
N ASN D 56 -0.89 24.26 -12.59
CA ASN D 56 -0.27 23.07 -12.03
C ASN D 56 -1.36 22.28 -11.30
N GLU D 57 -1.40 20.95 -11.51
CA GLU D 57 -2.41 20.13 -10.82
C GLU D 57 -2.35 20.25 -9.31
N GLN D 58 -1.18 20.53 -8.76
CA GLN D 58 -1.09 20.76 -7.33
C GLN D 58 -2.10 21.81 -6.87
N SER D 59 -2.13 22.96 -7.58
CA SER D 59 -3.10 24.02 -7.27
C SER D 59 -4.53 23.62 -7.63
N ALA D 60 -4.73 22.88 -8.73
CA ALA D 60 -6.07 22.46 -9.08
C ALA D 60 -6.65 21.55 -7.99
N SER D 61 -5.82 20.68 -7.43
CA SER D 61 -6.37 19.75 -6.44
C SER D 61 -6.70 20.50 -5.15
N TYR D 62 -5.92 21.55 -4.84
CA TYR D 62 -6.24 22.41 -3.68
C TYR D 62 -7.49 23.23 -3.95
N ALA D 63 -7.65 23.71 -5.19
CA ALA D 63 -8.83 24.49 -5.56
C ALA D 63 -10.10 23.66 -5.38
N ALA D 64 -10.05 22.38 -5.80
CA ALA D 64 -11.23 21.53 -5.75
C ALA D 64 -11.76 21.38 -4.33
N GLN D 65 -10.88 21.20 -3.34
CA GLN D 65 -11.41 21.00 -1.99
C GLN D 65 -11.89 22.31 -1.37
N ALA D 66 -11.27 23.45 -1.71
CA ALA D 66 -11.76 24.73 -1.22
C ALA D 66 -13.15 25.00 -1.77
N ALA D 67 -13.34 24.73 -3.06
CA ALA D 67 -14.67 24.83 -3.64
C ALA D 67 -15.66 23.89 -2.95
N SER D 68 -15.24 22.69 -2.58
CA SER D 68 -16.15 21.77 -1.88
C SER D 68 -16.54 22.31 -0.51
N TYR D 69 -15.56 22.81 0.25
CA TYR D 69 -15.85 23.41 1.55
C TYR D 69 -16.83 24.57 1.41
N LEU D 70 -16.57 25.46 0.45
CA LEU D 70 -17.41 26.66 0.28
C LEU D 70 -18.82 26.31 -0.16
N THR D 71 -18.98 25.35 -1.07
CA THR D 71 -20.29 25.00 -1.60
C THR D 71 -21.03 23.98 -0.72
N GLY D 72 -20.31 23.22 0.10
CA GLY D 72 -20.94 22.15 0.85
C GLY D 72 -21.15 20.87 0.07
N ARG D 73 -20.56 20.76 -1.12
CA ARG D 73 -20.71 19.60 -1.98
C ARG D 73 -19.38 19.26 -2.63
N PRO D 74 -19.10 17.99 -2.87
CA PRO D 74 -17.84 17.65 -3.55
C PRO D 74 -17.78 18.29 -4.93
N GLN D 75 -16.69 18.99 -5.17
CA GLN D 75 -16.37 19.55 -6.48
C GLN D 75 -15.16 18.78 -7.05
N ALA D 76 -14.94 18.91 -8.36
CA ALA D 76 -14.07 17.98 -9.07
C ALA D 76 -12.70 18.58 -9.35
N CYS D 77 -11.68 17.72 -9.33
CA CYS D 77 -10.38 18.03 -9.91
C CYS D 77 -10.17 17.04 -11.05
N LEU D 78 -9.74 17.53 -12.23
CA LEU D 78 -9.59 16.68 -13.41
C LEU D 78 -8.12 16.71 -13.82
N VAL D 79 -7.46 15.53 -13.87
CA VAL D 79 -6.05 15.45 -14.21
C VAL D 79 -5.80 14.32 -15.19
N VAL D 80 -4.68 14.43 -15.91
CA VAL D 80 -4.20 13.42 -16.85
C VAL D 80 -3.63 12.21 -16.11
N SER D 81 -3.36 11.15 -16.87
CA SER D 81 -2.72 9.93 -16.36
C SER D 81 -1.33 10.22 -15.78
N GLY D 82 -0.80 9.25 -15.04
CA GLY D 82 0.58 9.29 -14.60
C GLY D 82 0.89 10.49 -13.71
N PRO D 83 1.76 11.40 -14.18
CA PRO D 83 2.14 12.55 -13.33
C PRO D 83 1.00 13.52 -13.07
N GLY D 84 -0.05 13.54 -13.87
CA GLY D 84 -1.20 14.37 -13.53
C GLY D 84 -1.80 13.92 -12.20
N VAL D 85 -1.95 12.60 -12.04
CA VAL D 85 -2.46 12.05 -10.77
C VAL D 85 -1.42 12.22 -9.66
N VAL D 86 -0.13 11.98 -9.96
CA VAL D 86 0.86 12.08 -8.89
C VAL D 86 0.92 13.51 -8.34
N HIS D 87 0.95 14.52 -9.24
CA HIS D 87 0.88 15.94 -8.85
C HIS D 87 -0.34 16.25 -7.97
N ALA D 88 -1.50 15.70 -8.31
CA ALA D 88 -2.75 15.91 -7.56
C ALA D 88 -2.80 15.22 -6.20
N LEU D 89 -1.87 14.31 -5.91
CA LEU D 89 -1.92 13.64 -4.61
C LEU D 89 -1.79 14.65 -3.48
N ALA D 90 -1.10 15.79 -3.73
CA ALA D 90 -1.08 16.93 -2.81
C ALA D 90 -2.48 17.28 -2.29
N GLY D 91 -3.43 17.51 -3.20
CA GLY D 91 -4.77 17.89 -2.78
C GLY D 91 -5.49 16.80 -2.01
N LEU D 92 -5.27 15.53 -2.38
CA LEU D 92 -5.90 14.42 -1.64
C LEU D 92 -5.44 14.39 -0.19
N ALA D 93 -4.12 14.48 0.01
CA ALA D 93 -3.58 14.51 1.37
C ALA D 93 -4.14 15.68 2.17
N ASN D 94 -4.22 16.87 1.56
CA ASN D 94 -4.74 18.01 2.30
C ASN D 94 -6.20 17.81 2.67
N ALA D 95 -6.98 17.25 1.74
CA ALA D 95 -8.40 17.08 2.01
C ALA D 95 -8.62 16.06 3.12
N GLN D 96 -7.89 14.95 3.09
CA GLN D 96 -7.99 13.94 4.14
C GLN D 96 -7.74 14.57 5.50
N VAL D 97 -6.68 15.37 5.60
CA VAL D 97 -6.26 15.92 6.87
C VAL D 97 -7.22 16.99 7.38
N ASN D 98 -7.89 17.72 6.49
CA ASN D 98 -8.85 18.73 6.96
C ASN D 98 -10.29 18.22 7.06
N CYS D 99 -10.56 16.96 6.70
CA CYS D 99 -11.94 16.44 6.61
C CYS D 99 -12.77 17.25 5.61
N TRP D 100 -12.15 17.58 4.46
CA TRP D 100 -12.84 18.25 3.39
C TRP D 100 -13.10 17.28 2.26
N PRO D 101 -14.27 17.33 1.66
CA PRO D 101 -14.54 16.47 0.50
C PRO D 101 -13.93 17.04 -0.77
N MET D 102 -13.65 16.15 -1.70
CA MET D 102 -13.31 16.50 -3.06
C MET D 102 -13.45 15.25 -3.91
N LEU D 103 -13.54 15.44 -5.22
CA LEU D 103 -13.59 14.33 -6.16
C LEU D 103 -12.47 14.52 -7.15
N LEU D 104 -11.46 13.67 -7.12
CA LEU D 104 -10.39 13.71 -8.12
C LEU D 104 -10.73 12.69 -9.20
N ILE D 105 -10.71 13.14 -10.45
CA ILE D 105 -11.01 12.32 -11.60
C ILE D 105 -9.72 12.24 -12.39
N GLY D 106 -9.06 11.09 -12.37
CA GLY D 106 -7.77 10.93 -13.02
C GLY D 106 -7.93 10.08 -14.27
N GLY D 107 -7.48 10.61 -15.38
CA GLY D 107 -7.44 9.77 -16.57
C GLY D 107 -6.42 8.66 -16.42
N ALA D 108 -6.58 7.62 -17.22
CA ALA D 108 -5.64 6.49 -17.16
C ALA D 108 -5.36 6.01 -18.57
N SER D 109 -4.22 5.33 -18.72
CA SER D 109 -3.92 4.69 -19.99
C SER D 109 -4.95 3.60 -20.28
N ALA D 110 -5.11 3.26 -21.57
CA ALA D 110 -6.13 2.31 -21.97
C ALA D 110 -5.94 0.94 -21.33
N ILE D 111 -7.05 0.33 -20.87
CA ILE D 111 -6.94 -0.97 -20.21
C ILE D 111 -6.25 -1.99 -21.12
N GLU D 112 -6.56 -1.98 -22.42
CA GLU D 112 -6.02 -3.02 -23.27
C GLU D 112 -4.50 -2.92 -23.46
N GLN D 113 -3.86 -1.83 -23.06
CA GLN D 113 -2.39 -1.74 -23.09
C GLN D 113 -1.72 -2.03 -21.74
N ASN D 114 -2.48 -2.40 -20.70
CA ASN D 114 -1.86 -2.62 -19.40
C ASN D 114 -0.82 -3.74 -19.48
N GLY D 115 0.28 -3.58 -18.74
CA GLY D 115 1.43 -4.45 -18.83
C GLY D 115 2.46 -4.06 -19.88
N MET D 116 2.09 -3.25 -20.87
CA MET D 116 2.97 -3.05 -22.03
C MET D 116 3.93 -1.88 -21.89
N GLY D 117 3.81 -1.09 -20.84
CA GLY D 117 4.60 0.13 -20.73
C GLY D 117 3.96 1.24 -21.54
N ALA D 118 2.65 1.38 -21.38
CA ALA D 118 1.89 2.38 -22.12
C ALA D 118 2.26 3.79 -21.67
N PHE D 119 1.98 4.76 -22.52
CA PHE D 119 2.18 6.15 -22.14
C PHE D 119 1.42 6.47 -20.86
N GLN D 120 2.18 6.80 -19.80
CA GLN D 120 1.66 7.23 -18.48
C GLN D 120 0.85 6.12 -17.80
N GLU D 121 1.17 4.87 -18.13
CA GLU D 121 0.65 3.74 -17.35
C GLU D 121 1.11 3.87 -15.90
N GLU D 122 0.17 3.69 -14.96
CA GLU D 122 0.56 3.87 -13.57
C GLU D 122 -0.48 3.15 -12.71
N ARG D 123 -0.05 2.74 -11.52
N ARG D 123 -0.05 2.73 -11.52
CA ARG D 123 -0.94 2.13 -10.51
CA ARG D 123 -0.95 2.12 -10.52
C ARG D 123 -1.68 3.22 -9.72
C ARG D 123 -1.66 3.23 -9.73
N GLN D 124 -2.62 3.88 -10.39
CA GLN D 124 -3.12 5.14 -9.87
C GLN D 124 -4.05 4.93 -8.68
N VAL D 125 -4.95 3.94 -8.75
CA VAL D 125 -5.79 3.66 -7.57
C VAL D 125 -4.91 3.34 -6.38
N LEU D 126 -3.85 2.56 -6.60
CA LEU D 126 -3.01 2.15 -5.50
C LEU D 126 -2.33 3.34 -4.85
N LEU D 127 -1.78 4.25 -5.67
CA LEU D 127 -1.10 5.44 -5.15
C LEU D 127 -2.07 6.36 -4.41
N ALA D 128 -3.30 6.50 -4.92
CA ALA D 128 -4.29 7.40 -4.34
C ALA D 128 -4.89 6.86 -3.05
N SER D 129 -4.93 5.52 -2.91
CA SER D 129 -5.77 4.91 -1.87
C SER D 129 -5.44 5.34 -0.45
N PRO D 130 -4.17 5.44 -0.02
CA PRO D 130 -3.91 5.86 1.36
C PRO D 130 -4.36 7.27 1.67
N LEU D 131 -4.67 8.09 0.66
CA LEU D 131 -5.06 9.48 0.86
C LEU D 131 -6.56 9.70 0.67
N CYS D 132 -7.34 8.64 0.42
CA CYS D 132 -8.73 8.77 0.02
C CYS D 132 -9.61 7.96 0.96
N LYS D 133 -10.82 8.48 1.18
CA LYS D 133 -11.88 7.64 1.74
C LYS D 133 -12.37 6.62 0.75
N TYR D 134 -12.31 6.96 -0.54
CA TYR D 134 -12.92 6.15 -1.56
C TYR D 134 -12.02 6.26 -2.77
N ALA D 135 -11.67 5.13 -3.36
CA ALA D 135 -10.85 5.15 -4.57
C ALA D 135 -11.22 3.95 -5.41
N HIS D 136 -11.54 4.18 -6.68
CA HIS D 136 -11.90 3.03 -7.50
C HIS D 136 -11.70 3.38 -8.97
N GLN D 137 -11.38 2.37 -9.76
CA GLN D 137 -11.38 2.52 -11.22
C GLN D 137 -12.75 2.26 -11.82
N VAL D 138 -13.10 3.05 -12.82
CA VAL D 138 -14.33 2.82 -13.59
C VAL D 138 -13.97 1.91 -14.77
N GLU D 139 -14.40 0.65 -14.71
CA GLU D 139 -13.90 -0.37 -15.64
C GLU D 139 -14.68 -0.43 -16.95
N ARG D 140 -15.90 0.11 -16.98
CA ARG D 140 -16.77 0.08 -18.15
C ARG D 140 -17.64 1.32 -18.11
N PRO D 141 -17.90 1.96 -19.26
CA PRO D 141 -18.65 3.23 -19.25
C PRO D 141 -20.04 3.10 -18.65
N GLU D 142 -20.71 1.98 -18.88
CA GLU D 142 -22.07 1.86 -18.37
C GLU D 142 -22.14 1.87 -16.85
N ARG D 143 -21.01 1.70 -16.14
CA ARG D 143 -21.00 1.80 -14.68
C ARG D 143 -20.74 3.23 -14.18
N ILE D 144 -20.57 4.19 -15.09
CA ILE D 144 -20.21 5.54 -14.67
C ILE D 144 -21.24 6.17 -13.72
N PRO D 145 -22.55 6.15 -14.01
CA PRO D 145 -23.51 6.72 -13.04
C PRO D 145 -23.39 6.08 -11.66
N TYR D 146 -23.23 4.76 -11.60
CA TYR D 146 -23.09 4.06 -10.32
C TYR D 146 -21.88 4.58 -9.55
N TYR D 147 -20.72 4.65 -10.22
CA TYR D 147 -19.51 5.03 -9.51
C TYR D 147 -19.50 6.49 -9.12
N VAL D 148 -20.01 7.38 -9.98
CA VAL D 148 -20.04 8.80 -9.59
C VAL D 148 -20.98 9.00 -8.39
N GLU D 149 -22.13 8.33 -8.38
CA GLU D 149 -22.99 8.42 -7.20
C GLU D 149 -22.25 7.96 -5.95
N GLN D 150 -21.61 6.79 -6.05
CA GLN D 150 -20.98 6.21 -4.87
C GLN D 150 -19.79 7.02 -4.41
N ALA D 151 -19.00 7.56 -5.34
CA ALA D 151 -17.86 8.33 -4.92
C ALA D 151 -18.30 9.63 -4.26
N VAL D 152 -19.30 10.32 -4.83
CA VAL D 152 -19.77 11.57 -4.24
C VAL D 152 -20.36 11.31 -2.87
N ARG D 153 -21.19 10.28 -2.75
CA ARG D 153 -21.77 9.93 -1.45
C ARG D 153 -20.67 9.62 -0.43
N SER D 154 -19.65 8.85 -0.83
CA SER D 154 -18.58 8.48 0.08
C SER D 154 -17.78 9.70 0.54
N ALA D 155 -17.48 10.63 -0.40
CA ALA D 155 -16.74 11.83 -0.04
C ALA D 155 -17.55 12.73 0.90
N LEU D 156 -18.87 12.79 0.72
CA LEU D 156 -19.69 13.80 1.37
C LEU D 156 -20.32 13.33 2.69
N PHE D 157 -20.64 12.05 2.80
CA PHE D 157 -21.36 11.55 3.98
C PHE D 157 -20.36 11.20 5.07
N GLY D 158 -20.83 11.16 6.32
CA GLY D 158 -19.90 10.83 7.41
C GLY D 158 -18.83 11.91 7.61
N ARG D 159 -17.67 11.51 8.10
CA ARG D 159 -16.54 12.44 8.13
C ARG D 159 -16.07 12.67 6.69
N PRO D 160 -16.18 13.87 6.14
CA PRO D 160 -15.86 14.07 4.72
C PRO D 160 -14.40 13.81 4.43
N GLY D 161 -14.14 13.36 3.21
CA GLY D 161 -12.79 13.17 2.72
C GLY D 161 -12.76 13.09 1.20
N ALA D 162 -11.57 12.82 0.68
CA ALA D 162 -11.38 12.76 -0.75
C ALA D 162 -11.86 11.45 -1.35
N ALA D 163 -12.48 11.54 -2.53
CA ALA D 163 -12.80 10.41 -3.38
C ALA D 163 -12.04 10.49 -4.70
N TYR D 164 -11.63 9.33 -5.22
CA TYR D 164 -10.85 9.26 -6.46
C TYR D 164 -11.53 8.28 -7.41
N LEU D 165 -11.76 8.71 -8.66
CA LEU D 165 -12.27 7.86 -9.73
C LEU D 165 -11.21 7.81 -10.83
N ASP D 166 -10.80 6.60 -11.20
CA ASP D 166 -9.82 6.38 -12.28
C ASP D 166 -10.58 6.11 -13.59
N MET D 167 -10.27 6.87 -14.65
CA MET D 167 -10.99 6.83 -15.93
C MET D 167 -10.06 6.41 -17.07
N PRO D 168 -9.99 5.12 -17.40
CA PRO D 168 -9.13 4.70 -18.52
C PRO D 168 -9.62 5.29 -19.85
N ASP D 169 -8.64 5.54 -20.73
CA ASP D 169 -8.93 6.10 -22.05
C ASP D 169 -10.05 5.33 -22.75
N ASP D 170 -9.99 3.99 -22.72
CA ASP D 170 -11.00 3.25 -23.48
C ASP D 170 -12.38 3.29 -22.83
N VAL D 171 -12.45 3.65 -21.54
CA VAL D 171 -13.76 3.86 -20.88
C VAL D 171 -14.31 5.23 -21.24
N ILE D 172 -13.44 6.25 -21.25
CA ILE D 172 -13.82 7.61 -21.62
C ILE D 172 -14.44 7.62 -23.01
N LEU D 173 -13.77 6.97 -23.98
CA LEU D 173 -14.22 6.98 -25.37
C LEU D 173 -15.19 5.85 -25.69
N GLY D 174 -15.35 4.88 -24.79
CA GLY D 174 -16.23 3.77 -25.06
C GLY D 174 -17.68 4.25 -25.08
N GLU D 175 -18.47 3.59 -25.91
CA GLU D 175 -19.85 3.99 -26.16
C GLU D 175 -20.80 2.93 -25.66
N VAL D 176 -21.94 3.38 -25.12
CA VAL D 176 -23.03 2.51 -24.73
C VAL D 176 -24.35 3.09 -25.25
N GLU D 177 -25.35 2.21 -25.38
CA GLU D 177 -26.69 2.66 -25.76
C GLU D 177 -27.29 3.48 -24.63
N GLU D 178 -27.76 4.69 -24.95
CA GLU D 178 -28.37 5.55 -23.94
C GLU D 178 -29.43 4.81 -23.14
N ALA D 179 -30.34 4.13 -23.83
CA ALA D 179 -31.43 3.40 -23.21
C ALA D 179 -30.96 2.31 -22.25
N ALA D 180 -29.73 1.82 -22.41
CA ALA D 180 -29.23 0.71 -21.59
C ALA D 180 -28.65 1.16 -20.26
N VAL D 181 -28.29 2.43 -20.11
CA VAL D 181 -27.50 2.86 -18.95
C VAL D 181 -28.37 2.87 -17.71
N ARG D 182 -27.89 2.21 -16.65
CA ARG D 182 -28.60 2.18 -15.39
C ARG D 182 -28.49 3.54 -14.70
N PRO D 183 -29.60 4.21 -14.38
CA PRO D 183 -29.51 5.47 -13.65
C PRO D 183 -29.10 5.27 -12.20
N ALA D 184 -28.63 6.36 -11.60
CA ALA D 184 -28.26 6.38 -10.19
C ALA D 184 -29.07 7.45 -9.47
N ALA D 185 -29.27 7.26 -8.17
CA ALA D 185 -29.99 8.25 -7.37
C ALA D 185 -29.14 9.49 -7.14
N THR D 186 -29.81 10.64 -6.98
CA THR D 186 -29.08 11.88 -6.67
C THR D 186 -28.69 11.89 -5.20
N VAL D 187 -27.41 12.14 -4.93
CA VAL D 187 -26.92 12.20 -3.54
C VAL D 187 -27.48 13.46 -2.90
N GLY D 188 -28.20 13.29 -1.79
CA GLY D 188 -28.75 14.40 -1.06
C GLY D 188 -27.78 14.99 -0.05
N GLU D 189 -28.36 15.61 0.98
CA GLU D 189 -27.61 16.22 2.06
C GLU D 189 -27.01 15.14 2.96
N PRO D 190 -25.87 15.41 3.59
CA PRO D 190 -25.29 14.46 4.53
C PRO D 190 -26.28 14.17 5.64
N PRO D 191 -26.44 12.91 6.02
CA PRO D 191 -27.28 12.59 7.20
C PRO D 191 -26.78 13.32 8.42
N ARG D 192 -27.70 13.77 9.26
CA ARG D 192 -27.35 14.41 10.51
C ARG D 192 -27.82 13.48 11.61
N SER D 193 -26.98 13.24 12.60
CA SER D 193 -27.40 12.41 13.72
C SER D 193 -27.31 13.21 15.01
N LEU D 194 -28.06 12.75 16.02
CA LEU D 194 -28.21 13.46 17.28
C LEU D 194 -27.56 12.66 18.41
N ALA D 195 -27.34 13.35 19.57
CA ALA D 195 -26.83 12.68 20.74
C ALA D 195 -27.98 12.19 21.62
N PRO D 196 -27.77 11.15 22.44
CA PRO D 196 -28.82 10.73 23.38
C PRO D 196 -29.16 11.86 24.33
N GLN D 197 -30.40 11.87 24.81
CA GLN D 197 -30.85 12.98 25.63
C GLN D 197 -30.02 13.11 26.89
N GLU D 198 -29.64 11.98 27.51
CA GLU D 198 -28.88 12.04 28.75
C GLU D 198 -27.55 12.74 28.54
N ASN D 199 -26.97 12.61 27.35
CA ASN D 199 -25.71 13.30 27.06
C ASN D 199 -25.92 14.80 26.92
N ILE D 200 -27.02 15.19 26.26
CA ILE D 200 -27.38 16.60 26.15
C ILE D 200 -27.50 17.22 27.53
N GLU D 201 -28.23 16.55 28.44
CA GLU D 201 -28.43 17.12 29.76
C GLU D 201 -27.14 17.07 30.57
N ALA D 202 -26.34 16.02 30.39
CA ALA D 202 -25.06 15.95 31.09
C ALA D 202 -24.13 17.04 30.63
N ALA D 203 -24.19 17.40 29.35
CA ALA D 203 -23.35 18.47 28.84
C ALA D 203 -23.73 19.80 29.50
N LEU D 204 -25.05 20.07 29.59
CA LEU D 204 -25.46 21.32 30.23
C LEU D 204 -25.16 21.30 31.73
N ASP D 205 -25.39 20.16 32.40
CA ASP D 205 -24.98 20.04 33.80
C ASP D 205 -23.51 20.40 33.98
N ALA D 206 -22.63 19.87 33.10
CA ALA D 206 -21.20 20.09 33.28
C ALA D 206 -20.85 21.56 33.10
N LEU D 207 -21.43 22.21 32.09
CA LEU D 207 -21.21 23.64 31.88
C LEU D 207 -21.62 24.44 33.10
N GLN D 208 -22.80 24.13 33.66
N GLN D 208 -22.78 24.12 33.68
CA GLN D 208 -23.28 24.81 34.87
CA GLN D 208 -23.26 24.83 34.84
C GLN D 208 -22.27 24.71 36.00
C GLN D 208 -22.31 24.69 36.03
N SER D 209 -21.54 23.59 36.08
CA SER D 209 -20.70 23.31 37.23
C SER D 209 -19.34 23.97 37.14
N ALA D 210 -18.94 24.39 35.95
CA ALA D 210 -17.58 24.86 35.71
C ALA D 210 -17.37 26.26 36.29
N LYS D 211 -16.17 26.50 36.84
CA LYS D 211 -15.81 27.85 37.26
C LYS D 211 -15.19 28.66 36.12
N ARG D 212 -14.50 28.02 35.20
CA ARG D 212 -13.78 28.71 34.13
C ARG D 212 -14.04 28.01 32.80
N PRO D 213 -15.27 28.06 32.29
CA PRO D 213 -15.59 27.34 31.05
C PRO D 213 -15.17 28.08 29.80
N LEU D 214 -14.92 27.29 28.75
CA LEU D 214 -14.47 27.79 27.46
C LEU D 214 -15.08 26.94 26.37
N VAL D 215 -15.80 27.57 25.44
CA VAL D 215 -16.29 26.91 24.24
C VAL D 215 -15.28 27.14 23.14
N ILE D 216 -14.91 26.09 22.40
CA ILE D 216 -13.97 26.23 21.27
C ILE D 216 -14.73 25.89 19.99
N VAL D 217 -14.80 26.86 19.08
CA VAL D 217 -15.61 26.78 17.86
C VAL D 217 -14.67 26.43 16.71
N GLY D 218 -14.73 25.19 16.20
CA GLY D 218 -13.85 24.73 15.16
C GLY D 218 -14.52 24.67 13.79
N LYS D 219 -13.71 24.37 12.78
CA LYS D 219 -14.22 24.43 11.42
C LYS D 219 -15.18 23.30 11.08
N GLY D 220 -15.28 22.26 11.91
CA GLY D 220 -16.37 21.30 11.75
C GLY D 220 -17.75 21.96 11.83
N MET D 221 -17.89 22.95 12.72
CA MET D 221 -19.13 23.72 12.79
C MET D 221 -19.35 24.55 11.53
N ALA D 222 -18.28 25.12 10.96
CA ALA D 222 -18.42 25.79 9.67
C ALA D 222 -18.86 24.81 8.59
N TRP D 223 -18.27 23.61 8.57
CA TRP D 223 -18.64 22.61 7.56
C TRP D 223 -20.09 22.19 7.74
N SER D 224 -20.51 21.96 8.99
CA SER D 224 -21.86 21.56 9.31
C SER D 224 -22.91 22.65 9.00
N ARG D 225 -22.49 23.89 8.71
CA ARG D 225 -23.41 25.04 8.57
C ARG D 225 -24.19 25.29 9.87
N ALA D 226 -23.49 25.17 10.98
CA ALA D 226 -24.09 25.28 12.30
C ALA D 226 -24.02 26.69 12.87
N GLU D 227 -23.71 27.72 12.04
CA GLU D 227 -23.47 29.06 12.59
C GLU D 227 -24.71 29.64 13.27
N ASN D 228 -25.91 29.44 12.72
CA ASN D 228 -27.08 29.98 13.42
C ASN D 228 -27.21 29.38 14.80
N GLU D 229 -27.02 28.06 14.90
CA GLU D 229 -27.19 27.37 16.17
C GLU D 229 -26.11 27.75 17.17
N VAL D 230 -24.85 27.84 16.71
CA VAL D 230 -23.77 28.24 17.61
C VAL D 230 -24.00 29.65 18.13
N ARG D 231 -24.39 30.56 17.24
CA ARG D 231 -24.62 31.96 17.64
C ARG D 231 -25.73 32.04 18.66
N GLN D 232 -26.81 31.29 18.45
CA GLN D 232 -27.88 31.27 19.44
C GLN D 232 -27.41 30.65 20.76
N PHE D 233 -26.60 29.59 20.68
CA PHE D 233 -26.10 28.92 21.89
C PHE D 233 -25.21 29.85 22.72
N ILE D 234 -24.29 30.58 22.06
CA ILE D 234 -23.42 31.48 22.82
C ILE D 234 -24.22 32.67 23.36
N GLU D 235 -25.16 33.20 22.57
CA GLU D 235 -25.96 34.31 23.07
C GLU D 235 -26.77 33.88 24.29
N ARG D 236 -27.29 32.64 24.26
CA ARG D 236 -28.14 32.15 25.35
C ARG D 236 -27.33 31.80 26.60
N THR D 237 -26.19 31.12 26.45
CA THR D 237 -25.37 30.73 27.59
C THR D 237 -24.45 31.83 28.07
N ARG D 238 -24.13 32.80 27.20
CA ARG D 238 -23.17 33.87 27.50
C ARG D 238 -21.79 33.32 27.86
N LEU D 239 -21.40 32.14 27.30
CA LEU D 239 -20.09 31.53 27.59
C LEU D 239 -18.95 32.19 26.79
N PRO D 240 -17.79 32.36 27.41
CA PRO D 240 -16.59 32.72 26.63
C PRO D 240 -16.30 31.68 25.55
N PHE D 241 -15.85 32.14 24.38
CA PHE D 241 -15.56 31.21 23.30
C PHE D 241 -14.26 31.60 22.62
N LEU D 242 -13.60 30.59 22.04
CA LEU D 242 -12.38 30.75 21.28
C LEU D 242 -12.58 30.13 19.89
N ALA D 243 -12.31 30.91 18.83
CA ALA D 243 -12.38 30.37 17.48
C ALA D 243 -11.04 29.75 17.08
N THR D 244 -11.10 28.60 16.39
CA THR D 244 -9.89 28.04 15.76
C THR D 244 -9.61 28.84 14.48
N PRO D 245 -8.48 28.58 13.82
CA PRO D 245 -8.11 29.45 12.68
C PRO D 245 -9.18 29.54 11.59
N MET D 246 -9.72 28.42 11.10
CA MET D 246 -10.79 28.49 10.11
C MET D 246 -12.18 28.37 10.73
N GLY D 247 -12.28 28.14 12.04
CA GLY D 247 -13.55 28.40 12.73
C GLY D 247 -13.88 29.88 12.91
N LYS D 248 -12.90 30.79 12.70
CA LYS D 248 -13.20 32.22 12.72
C LYS D 248 -14.39 32.51 11.82
N GLY D 249 -15.30 33.34 12.30
CA GLY D 249 -16.47 33.72 11.53
C GLY D 249 -17.73 32.94 11.85
N VAL D 250 -17.60 31.70 12.35
CA VAL D 250 -18.79 30.96 12.76
C VAL D 250 -19.56 31.78 13.80
N MET D 251 -18.85 32.22 14.84
CA MET D 251 -19.18 33.41 15.62
C MET D 251 -18.51 34.62 14.98
N PRO D 252 -19.13 35.80 14.98
CA PRO D 252 -18.44 36.98 14.45
C PRO D 252 -17.21 37.26 15.29
N ASP D 253 -16.10 37.60 14.62
CA ASP D 253 -14.86 37.79 15.36
C ASP D 253 -14.89 38.99 16.30
N ASP D 254 -15.80 39.96 16.09
CA ASP D 254 -15.89 41.08 17.01
C ASP D 254 -16.85 40.81 18.15
N HIS D 255 -17.28 39.56 18.34
CA HIS D 255 -18.26 39.30 19.39
C HIS D 255 -17.64 39.58 20.76
N PRO D 256 -18.38 40.23 21.66
CA PRO D 256 -17.84 40.52 23.00
C PRO D 256 -17.35 39.32 23.79
N LEU D 257 -17.85 38.11 23.52
CA LEU D 257 -17.48 36.93 24.29
C LEU D 257 -16.24 36.23 23.75
N SER D 258 -15.63 36.72 22.67
CA SER D 258 -14.46 36.09 22.12
C SER D 258 -13.26 36.23 23.07
N VAL D 259 -12.54 35.13 23.29
CA VAL D 259 -11.31 35.14 24.08
C VAL D 259 -10.07 35.11 23.19
N GLY D 260 -10.23 35.43 21.91
CA GLY D 260 -9.13 35.29 20.97
C GLY D 260 -7.91 36.13 21.33
N GLY D 261 -8.11 37.24 22.03
CA GLY D 261 -6.99 38.05 22.43
C GLY D 261 -6.35 37.66 23.73
N ALA D 262 -6.87 36.62 24.38
CA ALA D 262 -6.34 36.05 25.60
C ALA D 262 -6.24 34.54 25.43
N ARG D 263 -5.79 34.10 24.25
CA ARG D 263 -5.91 32.69 23.90
C ARG D 263 -5.12 31.80 24.84
N SER D 264 -3.85 32.15 25.09
CA SER D 264 -3.01 31.28 25.90
C SER D 264 -3.53 31.17 27.35
N HIS D 265 -3.97 32.28 27.92
CA HIS D 265 -4.50 32.23 29.29
C HIS D 265 -5.79 31.40 29.34
N ALA D 266 -6.65 31.54 28.33
CA ALA D 266 -7.93 30.83 28.35
C ALA D 266 -7.72 29.32 28.30
N LEU D 267 -6.84 28.84 27.41
CA LEU D 267 -6.56 27.40 27.35
C LEU D 267 -5.87 26.92 28.62
N GLN D 268 -4.95 27.72 29.16
CA GLN D 268 -4.20 27.27 30.33
C GLN D 268 -5.10 27.10 31.56
N GLU D 269 -6.06 27.99 31.73
CA GLU D 269 -6.76 28.10 32.99
C GLU D 269 -8.19 27.56 32.94
N ALA D 270 -8.71 27.21 31.78
CA ALA D 270 -10.04 26.62 31.75
C ALA D 270 -10.13 25.38 32.62
N ASP D 271 -11.20 25.25 33.42
CA ASP D 271 -11.43 23.97 34.07
C ASP D 271 -12.33 23.06 33.24
N LEU D 272 -13.01 23.61 32.22
CA LEU D 272 -13.81 22.82 31.29
C LEU D 272 -13.72 23.40 29.89
N VAL D 273 -13.45 22.54 28.91
CA VAL D 273 -13.44 22.93 27.50
C VAL D 273 -14.54 22.18 26.76
N PHE D 274 -15.33 22.90 25.99
CA PHE D 274 -16.38 22.34 25.14
C PHE D 274 -15.91 22.47 23.69
N LEU D 275 -15.40 21.37 23.13
CA LEU D 275 -14.97 21.37 21.72
C LEU D 275 -16.19 21.22 20.83
N LEU D 276 -16.39 22.19 19.94
CA LEU D 276 -17.43 22.18 18.92
C LEU D 276 -16.76 21.96 17.57
N GLY D 277 -16.76 20.72 17.09
CA GLY D 277 -16.23 20.43 15.77
C GLY D 277 -14.78 20.83 15.62
N ALA D 278 -13.95 20.54 16.63
CA ALA D 278 -12.55 20.89 16.68
C ALA D 278 -11.80 19.75 17.34
N ARG D 279 -10.59 19.48 16.88
CA ARG D 279 -9.81 18.34 17.36
C ARG D 279 -8.71 18.78 18.33
N PHE D 280 -8.43 17.91 19.30
CA PHE D 280 -7.23 18.07 20.14
C PHE D 280 -6.00 17.54 19.39
N ASN D 281 -5.75 18.07 18.19
CA ASN D 281 -4.50 17.86 17.48
C ASN D 281 -3.56 19.03 17.75
N TRP D 282 -2.58 19.25 16.88
CA TRP D 282 -1.56 20.26 17.15
C TRP D 282 -2.13 21.67 17.20
N ILE D 283 -3.19 21.95 16.43
CA ILE D 283 -3.73 23.31 16.41
C ILE D 283 -4.25 23.70 17.77
N LEU D 284 -4.78 22.73 18.53
CA LEU D 284 -5.24 23.01 19.89
C LEU D 284 -4.30 22.40 20.93
N HIS D 285 -3.03 22.17 20.57
CA HIS D 285 -2.01 21.75 21.53
C HIS D 285 -2.42 20.50 22.32
N PHE D 286 -3.18 19.61 21.68
CA PHE D 286 -3.49 18.25 22.14
C PHE D 286 -4.35 18.18 23.40
N GLY D 287 -4.84 19.30 23.92
CA GLY D 287 -5.63 19.28 25.16
C GLY D 287 -4.85 18.91 26.41
N LEU D 288 -3.53 19.07 26.39
CA LEU D 288 -2.64 18.55 27.40
C LEU D 288 -1.68 19.63 27.90
N PRO D 289 -1.08 19.41 29.06
CA PRO D 289 -0.01 20.30 29.48
C PRO D 289 1.08 20.34 28.42
N PRO D 290 1.81 21.44 28.33
CA PRO D 290 1.82 22.63 29.19
C PRO D 290 0.81 23.69 28.78
N ARG D 291 -0.09 23.41 27.86
CA ARG D 291 -1.02 24.43 27.38
C ARG D 291 -2.40 24.37 28.07
N TYR D 292 -2.70 23.29 28.78
CA TYR D 292 -3.97 23.12 29.50
C TYR D 292 -3.69 22.63 30.90
N SER D 293 -4.65 22.86 31.78
CA SER D 293 -4.64 22.19 33.07
C SER D 293 -4.66 20.68 32.88
N LYS D 294 -3.83 19.98 33.65
CA LYS D 294 -3.78 18.53 33.56
C LYS D 294 -5.13 17.88 33.91
N ASP D 295 -6.02 18.60 34.58
CA ASP D 295 -7.30 18.04 34.95
C ASP D 295 -8.46 18.62 34.16
N VAL D 296 -8.19 19.17 32.98
CA VAL D 296 -9.24 19.89 32.26
C VAL D 296 -10.36 18.94 31.89
N ARG D 297 -11.60 19.36 32.14
CA ARG D 297 -12.77 18.56 31.81
C ARG D 297 -13.17 18.88 30.37
N VAL D 298 -13.62 17.86 29.62
CA VAL D 298 -13.90 18.05 28.21
C VAL D 298 -15.31 17.59 27.88
N ILE D 299 -16.07 18.46 27.24
CA ILE D 299 -17.24 18.07 26.48
C ILE D 299 -16.84 18.11 25.03
N GLN D 300 -17.15 17.07 24.26
CA GLN D 300 -16.58 16.97 22.91
C GLN D 300 -17.67 16.65 21.90
N LEU D 301 -17.90 17.57 20.97
CA LEU D 301 -18.87 17.37 19.90
C LEU D 301 -18.12 17.08 18.62
N ASP D 302 -18.25 15.85 18.12
CA ASP D 302 -17.63 15.48 16.84
C ASP D 302 -18.50 14.45 16.13
N LEU D 303 -18.58 14.58 14.80
CA LEU D 303 -19.25 13.58 13.98
C LEU D 303 -18.54 12.23 14.03
N SER D 304 -17.23 12.22 14.27
CA SER D 304 -16.44 10.99 14.30
C SER D 304 -16.34 10.41 15.71
N ALA D 305 -17.02 9.27 15.95
CA ALA D 305 -16.94 8.60 17.25
C ALA D 305 -15.50 8.25 17.62
N GLU D 306 -14.69 7.80 16.64
CA GLU D 306 -13.32 7.39 16.94
C GLU D 306 -12.46 8.55 17.45
N GLU D 307 -12.85 9.79 17.16
CA GLU D 307 -12.09 10.96 17.59
C GLU D 307 -12.30 11.28 19.08
N ILE D 308 -13.37 10.76 19.69
CA ILE D 308 -13.72 11.16 21.06
C ILE D 308 -12.66 10.68 22.04
N GLY D 309 -12.16 11.59 22.87
CA GLY D 309 -11.14 11.24 23.85
C GLY D 309 -9.72 11.12 23.33
N ASN D 310 -9.47 11.44 22.07
CA ASN D 310 -8.08 11.47 21.62
C ASN D 310 -7.26 12.45 22.46
N ASN D 311 -6.12 11.96 22.95
CA ASN D 311 -5.16 12.70 23.76
C ASN D 311 -5.70 13.07 25.15
N ARG D 312 -6.90 13.62 25.24
CA ARG D 312 -7.49 13.94 26.54
C ARG D 312 -8.90 13.35 26.59
N GLN D 313 -9.17 12.53 27.61
CA GLN D 313 -10.48 11.87 27.71
C GLN D 313 -11.61 12.91 27.72
N ALA D 314 -12.76 12.52 27.16
CA ALA D 314 -13.94 13.38 27.16
C ALA D 314 -14.86 12.94 28.29
N GLU D 315 -15.24 13.90 29.12
CA GLU D 315 -16.19 13.64 30.20
C GLU D 315 -17.59 13.43 29.66
N VAL D 316 -17.96 14.22 28.67
CA VAL D 316 -19.25 14.09 27.98
C VAL D 316 -18.97 14.01 26.49
N ALA D 317 -19.41 12.93 25.86
CA ALA D 317 -19.26 12.77 24.42
C ALA D 317 -20.56 13.14 23.72
N LEU D 318 -20.47 13.95 22.68
CA LEU D 318 -21.63 14.29 21.85
C LEU D 318 -21.29 13.92 20.40
N VAL D 319 -21.61 12.68 20.01
CA VAL D 319 -21.24 12.14 18.70
C VAL D 319 -22.41 12.33 17.74
N GLY D 320 -22.19 13.10 16.69
CA GLY D 320 -23.22 13.43 15.73
C GLY D 320 -22.91 14.77 15.07
N ASP D 321 -23.94 15.32 14.44
CA ASP D 321 -23.79 16.50 13.61
C ASP D 321 -23.82 17.78 14.44
N GLY D 322 -22.93 18.72 14.09
CA GLY D 322 -22.78 19.93 14.88
C GLY D 322 -24.05 20.75 14.93
N LYS D 323 -24.67 20.99 13.78
CA LYS D 323 -25.91 21.76 13.74
C LYS D 323 -27.01 21.06 14.53
N ALA D 324 -27.17 19.75 14.31
CA ALA D 324 -28.24 19.02 14.99
C ALA D 324 -28.03 19.00 16.50
N ILE D 325 -26.80 18.73 16.94
CA ILE D 325 -26.58 18.57 18.38
C ILE D 325 -26.66 19.92 19.09
N VAL D 326 -26.08 20.98 18.53
CA VAL D 326 -26.25 22.28 19.17
C VAL D 326 -27.71 22.69 19.14
N GLY D 327 -28.46 22.31 18.09
CA GLY D 327 -29.90 22.50 18.11
C GLY D 327 -30.55 21.82 19.30
N GLN D 328 -30.09 20.61 19.65
CA GLN D 328 -30.63 19.93 20.82
C GLN D 328 -30.27 20.69 22.09
N LEU D 329 -29.05 21.22 22.15
CA LEU D 329 -28.63 21.97 23.33
C LEU D 329 -29.48 23.23 23.50
N ASN D 330 -29.74 23.94 22.40
CA ASN D 330 -30.57 25.14 22.48
C ASN D 330 -31.96 24.78 22.97
N GLN D 331 -32.51 23.67 22.47
CA GLN D 331 -33.84 23.24 22.91
C GLN D 331 -33.85 22.92 24.41
N ALA D 332 -32.86 22.17 24.88
CA ALA D 332 -32.78 21.82 26.30
C ALA D 332 -32.55 23.06 27.17
N LEU D 333 -31.89 24.09 26.62
CA LEU D 333 -31.69 25.34 27.36
C LEU D 333 -32.96 26.19 27.44
N SER D 334 -33.97 25.92 26.63
CA SER D 334 -35.22 26.63 26.83
C SER D 334 -36.06 26.02 27.94
N SER D 335 -35.64 24.88 28.50
CA SER D 335 -36.30 24.28 29.65
C SER D 335 -35.51 24.45 30.94
N ARG D 336 -34.24 24.84 30.89
CA ARG D 336 -33.47 25.31 32.02
C ARG D 336 -33.40 26.83 31.97
N GLN D 337 -32.98 27.43 33.07
CA GLN D 337 -32.80 28.86 33.01
C GLN D 337 -31.37 29.31 33.27
N TRP D 338 -30.45 28.38 33.45
CA TRP D 338 -29.05 28.71 33.69
C TRP D 338 -28.45 29.45 32.52
N PHE D 339 -27.63 30.44 32.85
CA PHE D 339 -26.66 31.03 31.93
C PHE D 339 -25.41 31.29 32.75
N TYR D 340 -24.29 31.49 32.07
CA TYR D 340 -23.05 31.81 32.76
C TYR D 340 -23.13 33.25 33.27
N PRO D 341 -22.93 33.48 34.58
CA PRO D 341 -23.25 34.81 35.14
C PRO D 341 -22.47 35.95 34.52
N ALA D 342 -23.07 37.15 34.60
CA ALA D 342 -22.52 38.34 33.96
C ALA D 342 -21.19 38.76 34.57
N GLU D 343 -20.97 38.50 35.87
CA GLU D 343 -19.76 38.88 36.57
C GLU D 343 -19.16 37.66 37.26
N THR D 344 -17.96 37.27 36.85
CA THR D 344 -17.22 36.20 37.52
C THR D 344 -15.75 36.56 37.48
N PRO D 345 -14.93 36.00 38.39
CA PRO D 345 -13.48 36.22 38.29
C PRO D 345 -12.92 35.81 36.95
N TRP D 346 -13.46 34.73 36.36
CA TRP D 346 -13.02 34.25 35.05
C TRP D 346 -13.18 35.33 33.99
N ARG D 347 -14.35 35.97 33.95
CA ARG D 347 -14.56 37.09 33.03
C ARG D 347 -13.54 38.20 33.25
N GLU D 348 -13.28 38.54 34.52
CA GLU D 348 -12.35 39.62 34.81
C GLU D 348 -10.93 39.26 34.38
N ALA D 349 -10.51 38.01 34.59
CA ALA D 349 -9.16 37.60 34.18
C ALA D 349 -9.00 37.60 32.68
N ILE D 350 -10.01 37.09 31.96
CA ILE D 350 -9.98 37.09 30.49
C ILE D 350 -9.87 38.52 29.96
N ALA D 351 -10.68 39.44 30.51
CA ALA D 351 -10.68 40.82 30.02
C ALA D 351 -9.34 41.50 30.28
N ALA D 352 -8.79 41.36 31.48
CA ALA D 352 -7.48 41.93 31.76
C ALA D 352 -6.39 41.34 30.86
N LYS D 353 -6.50 40.06 30.47
CA LYS D 353 -5.48 39.52 29.58
C LYS D 353 -5.63 40.05 28.14
N ILE D 354 -6.87 40.20 27.67
CA ILE D 354 -7.09 40.84 26.37
C ILE D 354 -6.51 42.25 26.37
N ALA D 355 -6.75 43.01 27.46
CA ALA D 355 -6.29 44.39 27.51
C ALA D 355 -4.76 44.45 27.53
N GLY D 356 -4.12 43.48 28.21
CA GLY D 356 -2.67 43.44 28.20
C GLY D 356 -2.07 43.11 26.85
N ASN D 357 -2.71 42.20 26.11
CA ASN D 357 -2.19 41.83 24.80
C ASN D 357 -2.44 42.93 23.77
N GLN D 358 -3.55 43.67 23.89
CA GLN D 358 -3.75 44.82 23.02
C GLN D 358 -2.68 45.87 23.24
N ALA D 359 -2.37 46.15 24.50
CA ALA D 359 -1.30 47.08 24.79
C ALA D 359 0.04 46.58 24.27
N ALA D 360 0.23 45.25 24.26
CA ALA D 360 1.53 44.71 23.83
C ALA D 360 1.78 44.94 22.35
N VAL D 361 0.74 44.83 21.52
CA VAL D 361 0.93 45.03 20.08
C VAL D 361 0.58 46.44 19.60
N ALA D 362 -0.03 47.29 20.44
CA ALA D 362 -0.40 48.63 19.99
C ALA D 362 0.79 49.41 19.43
N PRO D 363 1.96 49.45 20.08
CA PRO D 363 3.06 50.25 19.50
C PRO D 363 3.50 49.78 18.11
N MET D 364 3.46 48.47 17.85
CA MET D 364 3.88 47.98 16.54
C MET D 364 2.84 48.32 15.49
N ILE D 365 1.56 48.20 15.83
CA ILE D 365 0.50 48.64 14.92
C ILE D 365 0.65 50.13 14.60
N ALA D 366 1.04 50.95 15.59
CA ALA D 366 1.06 52.38 15.36
C ALA D 366 2.33 52.85 14.67
N ASP D 367 3.35 52.01 14.60
CA ASP D 367 4.68 52.45 14.20
C ASP D 367 4.72 52.61 12.70
N ASN D 368 4.95 53.84 12.23
CA ASN D 368 4.98 54.14 10.80
C ASN D 368 6.37 54.03 10.20
N THR D 369 7.34 53.55 10.98
CA THR D 369 8.70 53.32 10.47
C THR D 369 8.71 52.44 9.22
N SER D 370 9.58 52.79 8.26
CA SER D 370 9.80 51.92 7.11
C SER D 370 11.26 51.48 7.07
N PRO D 371 11.56 50.21 6.76
CA PRO D 371 10.68 49.11 6.36
C PRO D 371 9.70 48.73 7.47
N MET D 372 8.48 48.42 7.10
CA MET D 372 7.39 48.27 8.06
C MET D 372 7.46 46.92 8.76
N ASN D 373 6.81 46.84 9.92
CA ASN D 373 6.61 45.58 10.60
C ASN D 373 5.23 45.03 10.20
N TYR D 374 4.99 43.77 10.56
CA TYR D 374 3.77 43.09 10.11
C TYR D 374 2.49 43.77 10.62
N TYR D 375 2.50 44.14 11.90
CA TYR D 375 1.30 44.73 12.50
C TYR D 375 0.98 46.07 11.86
N ARG D 376 2.01 46.83 11.49
CA ARG D 376 1.79 48.07 10.77
C ARG D 376 1.15 47.80 9.41
N VAL D 377 1.69 46.83 8.67
CA VAL D 377 1.14 46.54 7.35
C VAL D 377 -0.31 46.12 7.45
N TYR D 378 -0.64 45.28 8.44
CA TYR D 378 -2.02 44.85 8.58
C TYR D 378 -2.96 45.97 9.02
N ARG D 379 -2.44 47.02 9.67
CA ARG D 379 -3.30 48.17 9.99
C ARG D 379 -3.97 48.71 8.74
N ASP D 380 -3.20 48.86 7.65
CA ASP D 380 -3.80 49.30 6.40
C ASP D 380 -4.56 48.20 5.67
N ILE D 381 -4.09 46.95 5.71
CA ILE D 381 -4.86 45.90 5.04
C ILE D 381 -6.22 45.76 5.72
N ALA D 382 -6.23 45.65 7.05
CA ALA D 382 -7.46 45.35 7.76
C ALA D 382 -8.48 46.49 7.63
N ALA D 383 -8.01 47.74 7.62
CA ALA D 383 -8.92 48.88 7.43
C ALA D 383 -9.60 48.85 6.07
N ARG D 384 -9.11 48.08 5.11
CA ARG D 384 -9.69 48.07 3.77
C ARG D 384 -10.40 46.76 3.40
N LEU D 385 -10.53 45.82 4.33
CA LEU D 385 -11.21 44.56 4.02
C LEU D 385 -12.72 44.74 4.09
N PRO D 386 -13.47 44.46 3.04
CA PRO D 386 -14.94 44.46 3.16
C PRO D 386 -15.42 43.36 4.10
N ARG D 387 -16.58 43.60 4.72
CA ARG D 387 -17.07 42.63 5.69
C ARG D 387 -17.52 41.31 5.09
N ASN D 388 -17.71 41.23 3.78
CA ASN D 388 -18.07 39.98 3.11
C ASN D 388 -16.90 39.40 2.31
N ALA D 389 -15.68 39.88 2.51
CA ALA D 389 -14.54 39.29 1.79
C ALA D 389 -14.32 37.83 2.18
N ILE D 390 -13.75 37.07 1.23
CA ILE D 390 -13.12 35.79 1.52
C ILE D 390 -11.62 36.04 1.64
N ILE D 391 -11.05 35.64 2.77
CA ILE D 391 -9.67 35.91 3.09
C ILE D 391 -8.88 34.61 2.90
N VAL D 392 -7.84 34.63 2.07
CA VAL D 392 -6.90 33.52 1.98
C VAL D 392 -5.62 33.97 2.65
N GLY D 393 -5.09 33.18 3.57
CA GLY D 393 -3.88 33.54 4.27
C GLY D 393 -2.89 32.40 4.19
N GLU D 394 -1.61 32.74 4.05
CA GLU D 394 -0.62 31.71 3.78
C GLU D 394 0.78 32.28 3.98
N GLY D 395 1.64 31.50 4.66
CA GLY D 395 2.98 31.82 5.06
C GLY D 395 3.17 31.40 6.50
N ALA D 396 4.22 31.90 7.14
CA ALA D 396 4.40 31.67 8.56
C ALA D 396 4.01 32.93 9.34
N ASN D 397 4.93 33.87 9.52
CA ASN D 397 4.56 35.10 10.22
C ASN D 397 3.44 35.83 9.49
N THR D 398 3.50 35.88 8.15
CA THR D 398 2.44 36.56 7.40
C THR D 398 1.08 35.99 7.76
N MET D 399 0.96 34.67 7.68
CA MET D 399 -0.32 34.01 7.93
C MET D 399 -0.76 34.15 9.39
N ASP D 400 0.16 33.87 10.32
CA ASP D 400 -0.27 33.82 11.71
C ASP D 400 -0.64 35.21 12.24
N ILE D 401 0.13 36.25 11.88
CA ILE D 401 -0.23 37.60 12.31
C ILE D 401 -1.49 38.07 11.61
N GLY D 402 -1.62 37.74 10.32
CA GLY D 402 -2.85 38.01 9.61
C GLY D 402 -4.07 37.36 10.25
N ARG D 403 -3.88 36.19 10.86
CA ARG D 403 -4.99 35.53 11.53
C ARG D 403 -5.53 36.42 12.65
N THR D 404 -4.66 37.04 13.44
CA THR D 404 -5.15 37.88 14.54
C THR D 404 -5.60 39.25 14.06
N GLN D 405 -5.04 39.76 12.97
CA GLN D 405 -5.30 41.14 12.56
C GLN D 405 -6.43 41.26 11.55
N MET D 406 -6.91 40.15 11.01
CA MET D 406 -7.95 40.16 9.97
C MET D 406 -9.18 39.46 10.54
N PRO D 407 -10.15 40.19 11.05
CA PRO D 407 -11.36 39.53 11.59
C PRO D 407 -12.23 38.98 10.48
N ASN D 408 -12.96 37.90 10.78
CA ASN D 408 -14.02 37.42 9.91
C ASN D 408 -15.35 37.50 10.64
N PHE D 409 -16.40 37.86 9.90
CA PHE D 409 -17.71 38.04 10.53
C PHE D 409 -18.77 37.05 10.07
N GLU D 410 -18.54 36.38 8.93
CA GLU D 410 -19.36 35.31 8.40
C GLU D 410 -18.53 34.03 8.39
N PRO D 411 -19.15 32.84 8.48
CA PRO D 411 -18.36 31.61 8.46
C PRO D 411 -17.85 31.33 7.05
N ARG D 412 -16.91 30.37 6.96
CA ARG D 412 -16.45 29.85 5.69
C ARG D 412 -15.92 30.98 4.81
N SER D 413 -15.32 31.99 5.43
CA SER D 413 -14.73 33.11 4.71
C SER D 413 -13.25 33.27 4.99
N ARG D 414 -12.61 32.26 5.59
CA ARG D 414 -11.17 32.24 5.77
C ARG D 414 -10.67 30.88 5.29
N LEU D 415 -9.70 30.92 4.38
CA LEU D 415 -9.06 29.73 3.86
C LEU D 415 -7.57 29.87 4.07
N ASP D 416 -6.95 28.92 4.76
CA ASP D 416 -5.53 29.07 5.11
C ASP D 416 -4.82 27.72 5.05
N ALA D 417 -3.57 27.70 5.55
CA ALA D 417 -2.73 26.50 5.42
C ALA D 417 -3.36 25.27 6.09
N GLY D 418 -4.34 25.44 6.99
CA GLY D 418 -5.15 24.32 7.47
C GLY D 418 -4.41 23.31 8.37
N SER D 419 -5.10 22.19 8.60
CA SER D 419 -4.61 21.19 9.56
C SER D 419 -3.31 20.50 9.12
N TYR D 420 -2.89 20.68 7.87
CA TYR D 420 -1.66 20.09 7.36
C TYR D 420 -0.55 21.12 7.27
N GLY D 421 -0.83 22.38 7.59
CA GLY D 421 0.18 23.43 7.54
C GLY D 421 0.77 23.61 6.15
N THR D 422 -0.07 23.53 5.12
CA THR D 422 0.43 23.38 3.74
C THR D 422 0.74 24.72 3.10
N MET D 423 1.99 24.90 2.65
CA MET D 423 2.31 25.95 1.69
C MET D 423 1.99 25.44 0.28
N GLY D 424 1.34 26.29 -0.51
CA GLY D 424 0.93 25.92 -1.86
C GLY D 424 -0.57 25.98 -2.09
N ILE D 425 -1.38 26.19 -1.04
CA ILE D 425 -2.82 26.28 -1.23
C ILE D 425 -3.27 27.68 -1.66
N GLY D 426 -2.40 28.67 -1.62
CA GLY D 426 -2.82 30.06 -1.71
C GLY D 426 -3.62 30.47 -2.93
N LEU D 427 -3.04 30.42 -4.14
CA LEU D 427 -3.81 30.92 -5.27
C LEU D 427 -4.88 29.92 -5.74
N GLY D 428 -4.68 28.62 -5.51
CA GLY D 428 -5.77 27.68 -5.80
C GLY D 428 -7.00 27.94 -4.94
N PHE D 429 -6.79 28.26 -3.66
CA PHE D 429 -7.92 28.62 -2.80
C PHE D 429 -8.56 29.92 -3.27
N ALA D 430 -7.74 30.92 -3.60
CA ALA D 430 -8.27 32.18 -4.10
C ALA D 430 -9.07 31.97 -5.39
N VAL D 431 -8.55 31.15 -6.32
CA VAL D 431 -9.28 30.88 -7.55
C VAL D 431 -10.60 30.16 -7.26
N ALA D 432 -10.59 29.18 -6.35
CA ALA D 432 -11.83 28.49 -6.01
C ALA D 432 -12.86 29.46 -5.42
N ALA D 433 -12.39 30.37 -4.55
CA ALA D 433 -13.28 31.33 -3.91
C ALA D 433 -13.87 32.31 -4.92
N ALA D 434 -13.05 32.79 -5.88
CA ALA D 434 -13.55 33.66 -6.93
C ALA D 434 -14.52 32.94 -7.87
N ALA D 435 -14.28 31.66 -8.11
CA ALA D 435 -15.20 30.83 -8.90
C ALA D 435 -16.54 30.64 -8.19
N VAL D 436 -16.49 30.35 -6.89
CA VAL D 436 -17.73 29.98 -6.17
C VAL D 436 -18.55 31.23 -5.78
N HIS D 437 -17.87 32.32 -5.42
CA HIS D 437 -18.51 33.53 -4.92
C HIS D 437 -18.05 34.71 -5.78
N PRO D 438 -18.44 34.75 -7.05
CA PRO D 438 -17.97 35.85 -7.91
C PRO D 438 -18.45 37.22 -7.46
N GLY D 439 -19.49 37.32 -6.63
CA GLY D 439 -19.93 38.62 -6.16
C GLY D 439 -19.31 39.08 -4.87
N ARG D 440 -18.35 38.36 -4.33
CA ARG D 440 -17.63 38.73 -3.12
C ARG D 440 -16.16 39.03 -3.43
N PRO D 441 -15.57 40.01 -2.75
CA PRO D 441 -14.14 40.26 -2.91
C PRO D 441 -13.33 39.09 -2.33
N VAL D 442 -12.21 38.81 -2.98
CA VAL D 442 -11.31 37.70 -2.64
C VAL D 442 -9.91 38.30 -2.49
N ILE D 443 -9.37 38.27 -1.26
CA ILE D 443 -8.08 38.88 -0.93
C ILE D 443 -7.18 37.79 -0.37
N ALA D 444 -6.04 37.55 -1.03
CA ALA D 444 -5.06 36.58 -0.58
C ALA D 444 -3.85 37.34 -0.05
N VAL D 445 -3.51 37.14 1.22
CA VAL D 445 -2.33 37.75 1.81
C VAL D 445 -1.32 36.64 2.07
N GLN D 446 -0.19 36.71 1.37
CA GLN D 446 0.77 35.62 1.31
C GLN D 446 2.15 36.15 1.68
N GLY D 447 2.94 35.33 2.35
CA GLY D 447 4.36 35.64 2.45
C GLY D 447 5.01 35.45 1.08
N ASP D 448 6.26 35.93 0.97
CA ASP D 448 6.93 35.81 -0.31
C ASP D 448 7.23 34.35 -0.65
N SER D 449 7.65 33.54 0.33
CA SER D 449 7.84 32.12 0.05
C SER D 449 6.55 31.47 -0.39
N ALA D 450 5.47 31.73 0.37
CA ALA D 450 4.17 31.16 0.02
C ALA D 450 3.76 31.48 -1.40
N PHE D 451 3.91 32.75 -1.81
CA PHE D 451 3.50 33.15 -3.15
C PHE D 451 4.20 32.32 -4.22
N GLY D 452 5.48 31.98 -3.99
CA GLY D 452 6.25 31.22 -4.96
C GLY D 452 5.69 29.83 -5.27
N PHE D 453 4.93 29.22 -4.34
CA PHE D 453 4.44 27.86 -4.58
C PHE D 453 3.36 27.84 -5.67
N SER D 454 2.52 28.88 -5.76
CA SER D 454 1.39 28.84 -6.67
C SER D 454 1.21 30.13 -7.47
N GLY D 455 2.24 30.97 -7.55
CA GLY D 455 2.02 32.31 -8.10
C GLY D 455 1.64 32.31 -9.56
N MET D 456 2.01 31.27 -10.33
CA MET D 456 1.62 31.24 -11.73
C MET D 456 0.11 31.15 -11.93
N GLU D 457 -0.65 30.72 -10.91
CA GLU D 457 -2.10 30.75 -11.06
C GLU D 457 -2.65 32.15 -11.14
N PHE D 458 -1.85 33.20 -10.96
CA PHE D 458 -2.34 34.52 -11.29
C PHE D 458 -2.78 34.59 -12.75
N GLU D 459 -2.16 33.80 -13.62
CA GLU D 459 -2.61 33.80 -15.02
C GLU D 459 -3.99 33.18 -15.15
N THR D 460 -4.23 32.12 -14.38
CA THR D 460 -5.55 31.49 -14.30
C THR D 460 -6.60 32.53 -13.91
N ALA D 461 -6.36 33.24 -12.81
CA ALA D 461 -7.29 34.30 -12.39
C ALA D 461 -7.55 35.32 -13.51
N ALA D 462 -6.48 35.84 -14.15
CA ALA D 462 -6.67 36.85 -15.17
C ALA D 462 -7.49 36.29 -16.32
N ARG D 463 -7.22 35.05 -16.70
CA ARG D 463 -7.85 34.42 -17.86
C ARG D 463 -9.36 34.23 -17.63
N TYR D 464 -9.80 34.01 -16.41
CA TYR D 464 -11.22 33.89 -16.10
C TYR D 464 -11.84 35.17 -15.56
N GLY D 465 -11.09 36.28 -15.60
CA GLY D 465 -11.59 37.56 -15.13
C GLY D 465 -11.88 37.57 -13.65
N MET D 466 -11.11 36.84 -12.86
CA MET D 466 -11.30 36.77 -11.42
C MET D 466 -10.49 37.89 -10.77
N PRO D 467 -11.11 38.89 -10.19
CA PRO D 467 -10.34 40.04 -9.67
C PRO D 467 -9.81 39.77 -8.25
N ILE D 468 -9.01 38.70 -8.12
CA ILE D 468 -8.38 38.39 -6.85
C ILE D 468 -7.34 39.47 -6.55
N LYS D 469 -7.26 39.89 -5.28
CA LYS D 469 -6.31 40.88 -4.81
C LYS D 469 -5.23 40.11 -4.04
N VAL D 470 -4.03 40.05 -4.60
CA VAL D 470 -2.92 39.32 -3.98
C VAL D 470 -2.02 40.34 -3.28
N ILE D 471 -1.85 40.19 -1.97
CA ILE D 471 -0.98 41.08 -1.20
C ILE D 471 0.18 40.26 -0.70
N ILE D 472 1.40 40.58 -1.15
CA ILE D 472 2.59 39.83 -0.73
C ILE D 472 3.36 40.62 0.31
N LEU D 473 3.59 39.99 1.47
CA LEU D 473 4.51 40.54 2.47
C LEU D 473 5.87 39.89 2.26
N ASN D 474 6.83 40.67 1.79
CA ASN D 474 8.11 40.15 1.32
C ASN D 474 9.20 40.58 2.31
N ASN D 475 9.64 39.64 3.14
CA ASN D 475 10.80 39.84 3.99
C ASN D 475 12.06 39.19 3.43
N GLY D 476 12.00 38.67 2.21
CA GLY D 476 13.17 38.06 1.61
C GLY D 476 13.53 36.69 2.14
N GLY D 477 12.56 35.94 2.67
CA GLY D 477 12.93 34.63 3.16
C GLY D 477 11.76 33.86 3.73
N ILE D 478 12.07 32.63 4.14
CA ILE D 478 11.09 31.74 4.75
C ILE D 478 11.06 32.07 6.23
N GLY D 479 10.01 32.76 6.68
CA GLY D 479 9.87 33.09 8.09
C GLY D 479 10.55 34.37 8.51
N MET D 480 11.68 34.68 7.86
CA MET D 480 12.52 35.83 8.17
C MET D 480 13.42 36.06 6.96
N GLY D 481 13.92 37.29 6.85
CA GLY D 481 14.88 37.65 5.83
C GLY D 481 16.29 37.20 6.21
N SER D 482 17.26 37.65 5.40
CA SER D 482 18.65 37.28 5.61
C SER D 482 19.52 38.34 4.98
N PRO D 483 20.62 38.74 5.61
CA PRO D 483 21.52 39.71 4.97
C PRO D 483 22.19 39.08 3.76
N ALA D 484 22.91 39.92 3.02
CA ALA D 484 23.69 39.43 1.90
C ALA D 484 24.77 38.47 2.39
N PRO D 485 25.01 37.35 1.69
CA PRO D 485 26.09 36.39 2.02
C PRO D 485 27.46 37.04 2.10
N GLN D 489 30.77 33.06 0.21
CA GLN D 489 29.84 32.28 1.04
C GLN D 489 28.45 32.15 0.40
N PRO D 490 27.82 30.99 0.60
CA PRO D 490 26.54 30.72 -0.04
C PRO D 490 25.40 31.41 0.69
N GLY D 491 24.31 31.65 -0.06
CA GLY D 491 23.10 32.14 0.55
C GLY D 491 22.51 31.12 1.51
N MET D 492 21.86 31.64 2.54
N MET D 492 21.86 31.64 2.54
CA MET D 492 21.30 30.76 3.55
CA MET D 492 21.29 30.75 3.56
C MET D 492 20.13 29.96 2.97
C MET D 492 20.12 29.96 2.99
N PRO D 493 19.91 28.73 3.48
CA PRO D 493 18.82 27.90 2.93
C PRO D 493 17.45 28.53 2.97
N HIS D 494 17.15 29.33 4.00
CA HIS D 494 15.83 29.97 4.07
C HIS D 494 15.75 31.29 3.30
N ALA D 495 16.86 31.81 2.75
CA ALA D 495 16.81 33.12 2.10
C ALA D 495 16.16 33.08 0.73
N LEU D 496 15.36 34.11 0.43
CA LEU D 496 14.81 34.31 -0.91
C LEU D 496 15.30 35.65 -1.45
N SER D 497 14.48 36.41 -2.15
CA SER D 497 14.94 37.66 -2.79
C SER D 497 14.18 38.83 -2.17
N HIS D 498 14.83 39.55 -1.25
CA HIS D 498 14.16 40.69 -0.63
C HIS D 498 13.81 41.76 -1.65
N ASP D 499 14.61 41.88 -2.71
CA ASP D 499 14.39 42.94 -3.69
C ASP D 499 13.58 42.48 -4.89
N ALA D 500 13.04 41.25 -4.86
CA ALA D 500 12.16 40.75 -5.92
C ALA D 500 11.01 41.72 -6.15
N ARG D 501 10.65 41.88 -7.42
CA ARG D 501 9.53 42.72 -7.83
C ARG D 501 8.39 41.81 -8.30
N TYR D 502 7.83 41.06 -7.34
CA TYR D 502 6.80 40.08 -7.67
C TYR D 502 5.62 40.69 -8.41
N GLU D 503 5.31 41.96 -8.14
CA GLU D 503 4.13 42.57 -8.75
C GLU D 503 4.25 42.63 -10.27
N ARG D 504 5.47 42.53 -10.81
CA ARG D 504 5.61 42.49 -12.27
C ARG D 504 5.00 41.23 -12.87
N ILE D 505 4.78 40.20 -12.06
CA ILE D 505 4.06 39.03 -12.57
C ILE D 505 2.62 39.41 -12.93
N ALA D 506 2.00 40.27 -12.13
CA ALA D 506 0.67 40.75 -12.48
C ALA D 506 0.67 41.36 -13.87
N GLU D 507 1.70 42.14 -14.18
CA GLU D 507 1.75 42.83 -15.46
C GLU D 507 1.99 41.87 -16.60
N ALA D 508 2.52 40.68 -16.32
CA ALA D 508 2.63 39.68 -17.37
C ALA D 508 1.27 39.27 -17.89
N PHE D 509 0.24 39.32 -17.04
CA PHE D 509 -1.05 38.76 -17.44
C PHE D 509 -2.19 39.79 -17.43
N GLY D 510 -1.86 41.08 -17.56
CA GLY D 510 -2.87 42.10 -17.70
C GLY D 510 -3.47 42.60 -16.40
N GLY D 511 -2.96 42.17 -15.25
CA GLY D 511 -3.37 42.73 -13.97
C GLY D 511 -2.58 43.97 -13.58
N ALA D 512 -2.90 44.50 -12.40
CA ALA D 512 -2.24 45.70 -11.89
C ALA D 512 -1.22 45.30 -10.83
N GLY D 513 0.01 45.82 -10.95
CA GLY D 513 1.05 45.56 -9.99
C GLY D 513 1.40 46.82 -9.24
N PHE D 514 1.60 46.71 -7.92
CA PHE D 514 1.96 47.83 -7.08
C PHE D 514 3.11 47.42 -6.19
N TYR D 515 4.10 48.30 -6.04
CA TYR D 515 5.26 48.01 -5.22
C TYR D 515 5.32 49.02 -4.09
N VAL D 516 5.51 48.53 -2.87
CA VAL D 516 5.46 49.35 -1.65
C VAL D 516 6.69 49.06 -0.82
N THR D 517 7.51 50.09 -0.57
CA THR D 517 8.57 49.99 0.42
C THR D 517 8.38 50.95 1.59
N ASP D 518 7.62 52.04 1.42
CA ASP D 518 7.44 53.05 2.45
C ASP D 518 6.00 53.02 2.96
N SER D 519 5.82 53.19 4.27
CA SER D 519 4.48 53.15 4.86
C SER D 519 3.56 54.20 4.24
N ALA D 520 4.09 55.35 3.83
CA ALA D 520 3.26 56.36 3.17
C ALA D 520 2.69 55.87 1.85
N GLU D 521 3.33 54.89 1.22
CA GLU D 521 2.86 54.35 -0.05
C GLU D 521 1.77 53.31 0.11
N LEU D 522 1.60 52.76 1.31
CA LEU D 522 0.85 51.51 1.44
C LEU D 522 -0.65 51.75 1.23
N GLY D 523 -1.21 52.74 1.93
CA GLY D 523 -2.59 53.12 1.79
C GLY D 523 -3.01 53.33 0.35
N PRO D 524 -2.31 54.22 -0.37
CA PRO D 524 -2.69 54.48 -1.77
C PRO D 524 -2.61 53.26 -2.66
N ALA D 525 -1.61 52.38 -2.45
CA ALA D 525 -1.48 51.19 -3.29
C ALA D 525 -2.64 50.23 -3.05
N LEU D 526 -2.98 49.98 -1.79
CA LEU D 526 -4.10 49.09 -1.52
C LEU D 526 -5.40 49.66 -2.08
N ASP D 527 -5.62 50.98 -1.93
CA ASP D 527 -6.84 51.58 -2.48
C ASP D 527 -6.90 51.36 -3.98
N ALA D 528 -5.78 51.61 -4.69
CA ALA D 528 -5.78 51.41 -6.13
C ALA D 528 -5.98 49.94 -6.49
N ALA D 529 -5.36 49.02 -5.75
CA ALA D 529 -5.53 47.61 -6.07
C ALA D 529 -6.98 47.15 -5.88
N MET D 530 -7.62 47.55 -4.77
CA MET D 530 -8.99 47.14 -4.54
C MET D 530 -9.93 47.75 -5.58
N ALA D 531 -9.58 48.92 -6.10
CA ALA D 531 -10.48 49.60 -7.04
C ALA D 531 -10.28 49.11 -8.46
N PHE D 532 -9.06 48.68 -8.80
CA PHE D 532 -8.76 48.15 -10.12
C PHE D 532 -9.73 47.05 -10.50
N LYS D 533 -10.32 47.15 -11.68
CA LYS D 533 -11.35 46.19 -12.10
C LYS D 533 -10.67 44.98 -12.72
N GLY D 534 -10.02 44.20 -11.87
CA GLY D 534 -9.27 43.05 -12.31
C GLY D 534 -8.37 42.53 -11.21
N PRO D 535 -7.62 41.45 -11.48
CA PRO D 535 -6.71 40.93 -10.45
C PRO D 535 -5.52 41.85 -10.29
N ALA D 536 -4.91 41.81 -9.10
CA ALA D 536 -3.83 42.74 -8.76
C ALA D 536 -2.85 42.09 -7.81
N ILE D 537 -1.60 42.55 -7.84
CA ILE D 537 -0.59 42.15 -6.86
C ILE D 537 -0.04 43.40 -6.20
N VAL D 538 -0.08 43.44 -4.88
CA VAL D 538 0.58 44.48 -4.09
C VAL D 538 1.76 43.82 -3.38
N ASN D 539 2.97 44.18 -3.80
CA ASN D 539 4.20 43.58 -3.29
C ASN D 539 4.82 44.57 -2.29
N ILE D 540 4.83 44.18 -1.02
CA ILE D 540 5.23 45.06 0.09
C ILE D 540 6.57 44.57 0.63
N LYS D 541 7.60 45.40 0.52
CA LYS D 541 8.91 45.01 1.03
C LYS D 541 8.94 45.39 2.52
N ILE D 542 8.78 44.38 3.37
CA ILE D 542 8.70 44.60 4.82
C ILE D 542 10.06 44.39 5.45
N ALA D 543 10.17 44.78 6.73
CA ALA D 543 11.44 44.65 7.44
C ALA D 543 11.86 43.19 7.53
N ALA D 544 13.15 42.95 7.31
CA ALA D 544 13.68 41.59 7.24
C ALA D 544 13.58 40.87 8.57
N THR D 545 13.63 41.61 9.69
CA THR D 545 13.59 41.00 11.02
C THR D 545 12.25 41.17 11.72
N ALA D 546 11.22 41.66 11.03
CA ALA D 546 9.89 41.77 11.62
C ALA D 546 9.41 40.41 12.10
N ASP D 547 8.67 40.42 13.22
CA ASP D 547 8.28 39.16 13.84
C ASP D 547 6.96 39.35 14.58
N ARG D 548 6.35 38.24 14.99
CA ARG D 548 5.11 38.28 15.73
C ARG D 548 5.35 38.68 17.18
N LYS D 549 4.27 39.04 17.87
CA LYS D 549 4.42 39.45 19.26
C LYS D 549 4.96 38.27 20.10
N PRO D 550 5.78 38.56 21.11
CA PRO D 550 6.34 37.48 21.93
C PRO D 550 5.22 36.76 22.68
N GLN D 551 5.46 35.47 22.96
CA GLN D 551 4.50 34.63 23.65
C GLN D 551 5.22 33.74 24.64
N GLN D 552 4.46 33.25 25.62
CA GLN D 552 5.03 32.32 26.59
C GLN D 552 5.42 31.01 25.93
N PHE D 553 4.65 30.54 24.96
CA PHE D 553 4.90 29.26 24.30
C PHE D 553 5.09 29.42 22.81
N ASN D 554 5.99 28.61 22.25
CA ASN D 554 6.08 28.49 20.80
C ASN D 554 4.79 27.86 20.26
N TRP D 555 4.42 28.23 19.05
CA TRP D 555 3.17 27.70 18.51
C TRP D 555 3.22 26.19 18.35
N HIS D 556 4.38 25.65 18.02
CA HIS D 556 4.56 24.22 17.87
C HIS D 556 4.95 23.55 19.18
N GLY D 557 5.96 24.09 19.88
CA GLY D 557 6.45 23.48 21.10
C GLY D 557 7.36 22.27 20.88
C2 A1AEK E . -16.49 -22.71 -0.65
C2' A1AEK E . -11.57 -20.26 1.44
C4 A1AEK E . -15.03 -24.12 -0.56
C4' A1AEK E . -13.75 -20.41 0.62
C5 A1AEK E . -16.11 -25.28 0.00
C5' A1AEK E . -13.33 -21.41 -0.25
C6 A1AEK E . -16.56 -26.02 1.17
C6' A1AEK E . -11.99 -21.84 -0.27
C7 A1AEK E . -17.64 -26.97 0.68
C7' A1AEK E . -14.37 -22.01 -1.12
CM2 A1AEK E . -10.61 -19.62 2.36
CM4 A1AEK E . -13.69 -24.77 -0.35
N1' A1AEK E . -11.13 -21.25 0.57
N3 A1AEK E . -15.32 -22.76 -0.25
N3' A1AEK E . -12.86 -19.84 1.45
N4' A1AEK E . -15.04 -20.00 0.62
O1A A1AEK E . -17.07 -28.06 3.69
O1B A1AEK E . -21.06 -28.46 0.77
O2A A1AEK E . -17.33 -30.26 2.60
O2B A1AEK E . -21.34 -30.10 2.60
O3A A1AEK E . -19.31 -28.67 2.65
O3B A1AEK E . -19.61 -30.52 0.91
O7 A1AEK E . -17.30 -28.28 1.09
PA A1AEK E . -17.74 -28.80 2.55
PB A1AEK E . -20.35 -29.43 1.66
S1 A1AEK E . -17.34 -23.75 0.49
C8 FYN F . -35.89 -21.64 4.85
N9 FYN F . -36.46 -22.33 3.85
C4 FYN F . -37.11 -23.38 4.35
C5 FYN F . -36.95 -23.34 5.72
N7 FYN F . -36.19 -22.26 6.00
N3 FYN F . -37.83 -24.38 3.76
C2 FYN F . -38.39 -25.33 4.54
N1 FYN F . -38.25 -25.31 5.87
C6 FYN F . -37.54 -24.33 6.49
N6 FYN F . -37.39 -24.33 7.83
C1' FYN F . -36.36 -22.04 2.41
C2' FYN F . -36.17 -20.57 2.08
O2' FYN F . -37.44 -19.95 1.86
C3' FYN F . -35.34 -20.69 0.81
O3' FYN F . -36.13 -21.14 -0.28
C4' FYN F . -34.42 -21.86 1.08
O4' FYN F . -35.11 -22.64 2.05
C5' FYN F . -33.05 -21.44 1.64
O5' FYN F . -33.19 -20.54 2.73
P1 FYN F . -31.98 -19.53 3.07
O11 FYN F . -30.76 -20.38 3.38
O12 FYN F . -32.35 -18.57 4.18
O6 FYN F . -31.88 -18.71 1.69
P2 FYN F . -30.69 -18.52 0.62
O21 FYN F . -31.41 -18.40 -0.70
O22 FYN F . -29.68 -19.66 0.61
O7 FYN F . -30.02 -17.16 1.12
CPB FYN F . -29.05 -16.52 0.29
CPA FYN F . -27.81 -16.27 1.12
CP7 FYN F . -27.25 -17.60 1.65
CP9 FYN F . -28.20 -15.41 2.31
CP8 FYN F . -26.79 -15.57 0.20
OP3 FYN F . -27.29 -18.61 0.62
CP6 FYN F . -25.85 -17.50 2.20
OP2 FYN F . -25.57 -16.77 3.14
NP2 FYN F . -24.95 -18.29 1.61
CP5 FYN F . -23.56 -18.33 2.01
CP4 FYN F . -22.67 -18.63 0.81
CP3 FYN F . -21.33 -18.98 1.41
OP1 FYN F . -20.72 -18.19 2.11
NP1 FYN F . -20.91 -20.21 1.17
CP2 FYN F . -19.65 -20.61 1.76
CP1 FYN F . -18.58 -20.11 0.84
S FYN F . -18.91 -20.96 -0.65
P3 FYN F . -36.77 -20.10 -1.32
O31 FYN F . -35.62 -19.41 -2.04
O32 FYN F . -37.59 -20.90 -2.32
O33 FYN F . -37.67 -19.12 -0.59
CM1 FYN F . -17.26 -21.20 -1.18
OM2 FYN F . -17.14 -21.08 -3.19
MG MG G . -18.23 -31.88 1.59
PB ADP H . -25.77 -9.11 7.64
O1B ADP H . -24.70 -10.03 7.14
O2B ADP H . -26.74 -8.70 6.56
O3B ADP H . -26.48 -9.55 8.88
PA ADP H . -23.94 -6.87 7.42
O1A ADP H . -22.63 -7.36 7.99
O2A ADP H . -24.21 -6.83 5.93
O3A ADP H . -25.11 -7.73 8.17
O5' ADP H . -24.29 -5.41 7.97
C5' ADP H . -24.02 -5.04 9.33
C4' ADP H . -24.11 -3.53 9.38
O4' ADP H . -24.29 -3.16 10.74
C3' ADP H . -22.87 -2.79 8.85
O3' ADP H . -23.26 -2.00 7.73
C2' ADP H . -22.46 -1.92 10.03
O2' ADP H . -22.07 -0.58 9.67
C1' ADP H . -23.73 -1.87 10.87
N9 ADP H . -23.52 -1.57 12.29
C8 ADP H . -22.43 -1.83 13.03
N7 ADP H . -22.64 -1.43 14.32
C5 ADP H . -23.86 -0.89 14.37
C6 ADP H . -24.71 -0.27 15.42
N6 ADP H . -24.29 -0.10 16.69
N1 ADP H . -25.93 0.12 15.05
C2 ADP H . -26.40 -0.02 13.79
N3 ADP H . -25.70 -0.57 12.78
C4 ADP H . -24.45 -1.02 13.04
C1 EDO I . -4.44 4.08 10.33
O1 EDO I . -4.03 4.03 11.71
C2 EDO I . -3.74 2.98 9.53
O2 EDO I . -4.69 2.07 8.92
C1 EDO J . 11.72 -2.97 8.05
O1 EDO J . 13.05 -2.64 8.46
C2 EDO J . 10.97 -3.52 9.24
O2 EDO J . 9.94 -2.61 9.66
C1 EDO K . -20.35 -27.65 30.26
C1 EDO K . -20.40 -27.54 30.35
O1 EDO K . -21.40 -27.35 31.19
O1 EDO K . -19.29 -28.44 30.36
C2 EDO K . -20.55 -26.82 28.99
C2 EDO K . -20.51 -26.89 28.97
O2 EDO K . -21.86 -27.04 28.45
O2 EDO K . -21.88 -26.87 28.56
C1 EDO L . -2.83 0.78 2.49
O1 EDO L . -2.03 1.11 1.35
C2 EDO L . -3.13 1.97 3.37
O2 EDO L . -4.18 1.62 4.25
C1 EDO M . -27.17 -8.82 -10.26
O1 EDO M . -27.07 -9.23 -11.62
C2 EDO M . -26.72 -7.36 -10.14
O2 EDO M . -27.87 -6.51 -10.13
P PO4 N . -50.05 -3.46 -5.48
O1 PO4 N . -51.42 -3.78 -4.90
O2 PO4 N . -49.08 -3.22 -4.35
O3 PO4 N . -50.15 -2.21 -6.33
O4 PO4 N . -49.58 -4.63 -6.32
C2 A1AEK O . 9.24 -20.74 16.24
C2' A1AEK O . 5.06 -19.02 12.63
C27 A1AEK O . 10.33 -19.54 15.80
C4 A1AEK O . 7.44 -21.39 16.89
C4' A1AEK O . 7.16 -19.20 13.64
C5 A1AEK O . 8.10 -22.92 17.23
C5' A1AEK O . 6.54 -19.24 14.89
C6 A1AEK O . 8.31 -24.35 16.88
C6' A1AEK O . 5.14 -19.20 14.96
C7 A1AEK O . 9.04 -24.95 18.05
C7' A1AEK O . 7.35 -19.43 16.13
CM2 A1AEK O . 4.25 -18.88 11.40
CM4 A1AEK O . 5.94 -21.56 17.09
N1' A1AEK O . 4.46 -19.09 13.83
N3 A1AEK O . 7.91 -20.79 15.96
N3' A1AEK O . 6.40 -19.09 12.53
N4' A1AEK O . 8.51 -19.25 13.47
O1A A1AEK O . 8.01 -27.58 16.42
O1B A1AEK O . 11.92 -27.20 19.27
O28 A1AEK O . 10.66 -18.24 17.13
O2A A1AEK O . 7.63 -28.52 18.66
O2B A1AEK O . 11.61 -29.61 18.94
O3A A1AEK O . 10.04 -28.04 17.82
O3B A1AEK O . 9.90 -28.34 20.34
O7 A1AEK O . 8.36 -26.11 18.54
PA A1AEK O . 8.50 -27.57 17.85
PB A1AEK O . 10.89 -28.29 19.16
S1 A1AEK O . 9.65 -22.45 16.09
C8 FYN P . 27.61 -29.08 13.16
N9 FYN P . 28.06 -29.12 14.43
C4 FYN P . 28.30 -30.39 14.76
C5 FYN P . 28.02 -31.16 13.65
N7 FYN P . 27.59 -30.35 12.68
N3 FYN P . 28.73 -30.97 15.90
C2 FYN P . 28.89 -32.31 15.96
N1 FYN P . 28.63 -33.08 14.88
C6 FYN P . 28.18 -32.53 13.73
N6 FYN P . 27.91 -33.30 12.65
C1' FYN P . 28.20 -28.00 15.38
C2' FYN P . 28.47 -26.64 14.78
O2' FYN P . 29.87 -26.44 14.66
C3' FYN P . 27.77 -25.75 15.80
O3' FYN P . 28.54 -25.65 17.00
C4' FYN P . 26.53 -26.54 16.19
O4' FYN P . 26.92 -27.91 16.03
C5' FYN P . 25.30 -26.21 15.36
O5' FYN P . 25.57 -26.28 13.95
P1 FYN P . 24.67 -25.34 13.01
O11 FYN P . 23.21 -25.75 13.15
O12 FYN P . 25.20 -25.41 11.59
O6 FYN P . 24.95 -23.87 13.60
P2 FYN P . 23.96 -22.73 14.11
O21 FYN P . 24.80 -21.94 15.08
O22 FYN P . 22.71 -23.32 14.75
O7 FYN P . 23.56 -21.85 12.83
CPB FYN P . 22.94 -20.57 12.98
CPA FYN P . 21.75 -20.54 12.04
CP7 FYN P . 20.85 -21.71 12.44
CP9 FYN P . 22.18 -20.75 10.59
CP8 FYN P . 21.04 -19.19 12.19
OP3 FYN P . 20.70 -21.76 13.87
CP6 FYN P . 19.51 -21.60 11.78
OP2 FYN P . 19.30 -21.45 10.58
NP2 FYN P . 18.49 -21.73 12.59
CP5 FYN P . 17.17 -21.65 12.02
CP4 FYN P . 16.40 -20.89 13.04
CP3 FYN P . 14.93 -20.83 12.81
OP1 FYN P . 14.35 -20.56 11.78
NP1 FYN P . 14.33 -21.12 13.92
CP2 FYN P . 12.95 -21.07 14.14
CP1 FYN P . 13.21 -20.08 15.26
S FYN P . 13.21 -20.90 16.82
P3 FYN P . 29.53 -24.42 17.28
O31 FYN P . 28.70 -23.15 17.24
O32 FYN P . 30.18 -24.63 18.64
O33 FYN P . 30.59 -24.39 16.18
MG MG Q . 8.12 -29.42 20.50
PB ADP R . 21.24 -18.85 2.43
O1B ADP R . 21.60 -20.22 1.88
O2B ADP R . 20.00 -18.85 3.32
O3B ADP R . 22.44 -18.14 3.06
PA ADP R . 20.09 -16.59 0.96
O1A ADP R . 18.64 -16.85 0.68
O2A ADP R . 20.45 -15.67 2.11
O3A ADP R . 20.90 -17.99 1.09
O5' ADP R . 20.82 -15.95 -0.32
C5' ADP R . 20.52 -16.44 -1.63
C4' ADP R . 21.01 -15.37 -2.61
O4' ADP R . 21.07 -15.95 -3.90
C3' ADP R . 20.08 -14.15 -2.77
O3' ADP R . 20.76 -12.99 -2.24
C2' ADP R . 19.87 -14.03 -4.28
O2' ADP R . 19.96 -12.71 -4.78
C1' ADP R . 20.97 -14.92 -4.84
N9 ADP R . 20.69 -15.58 -6.13
C8 ADP R . 19.50 -15.94 -6.63
N7 ADP R . 19.62 -16.51 -7.83
C5 ADP R . 20.93 -16.52 -8.13
C6 ADP R . 21.77 -16.97 -9.24
N6 ADP R . 21.26 -17.56 -10.35
N1 ADP R . 23.08 -16.77 -9.10
C2 ADP R . 23.66 -16.18 -8.04
N3 ADP R . 22.97 -15.74 -6.99
C4 ADP R . 21.63 -15.89 -7.00
C1 EDO S . -12.57 -5.23 -6.49
O1 EDO S . -11.16 -5.37 -6.73
C2 EDO S . -12.97 -4.00 -5.64
O2 EDO S . -14.12 -3.40 -6.23
C1 EDO T . 9.88 -45.02 -4.26
O1 EDO T . 10.56 -43.95 -4.90
C2 EDO T . 9.45 -44.47 -2.92
O2 EDO T . 10.64 -44.10 -2.22
P PO4 U . 47.21 -12.98 11.03
O1 PO4 U . 46.36 -11.98 11.77
O2 PO4 U . 46.36 -13.62 9.95
O3 PO4 U . 47.71 -14.06 11.96
O4 PO4 U . 48.38 -12.26 10.38
C2 A1AEK V . 0.63 17.21 -22.33
C2' A1AEK V . 1.25 16.76 -16.47
C4 A1AEK V . -0.06 19.00 -21.38
C4' A1AEK V . 1.28 16.13 -18.73
C5 A1AEK V . 0.64 20.02 -22.45
C5' A1AEK V . 0.12 16.82 -18.92
C6 A1AEK V . 1.74 20.74 -23.08
C6' A1AEK V . -0.51 17.49 -17.86
C7 A1AEK V . 1.37 21.21 -24.49
C7' A1AEK V . -0.42 16.80 -20.32
CM2 A1AEK V . 1.86 16.69 -15.13
CM4 A1AEK V . -0.57 19.92 -20.29
N1' A1AEK V . 0.08 17.45 -16.65
N3 A1AEK V . 0.60 17.50 -21.19
N3' A1AEK V . 1.85 16.11 -17.50
N4' A1AEK V . 1.85 15.47 -19.76
O1A A1AEK V . 3.56 23.35 -23.33
O1B A1AEK V . 2.36 21.86 -27.90
O2A A1AEK V . 2.19 24.97 -24.57
O2B A1AEK V . 3.84 23.82 -28.20
O3A A1AEK V . 3.39 23.04 -25.84
O3B A1AEK V . 1.57 24.11 -27.18
O7 A1AEK V . 1.30 22.63 -24.40
PA A1AEK V . 2.62 23.51 -24.49
PB A1AEK V . 2.76 23.17 -27.33
S1 A1AEK V . 1.76 18.26 -23.01
C8 FYN W . 13.22 13.56 -37.64
N9 FYN W . 12.47 13.66 -38.75
C4 FYN W . 13.08 14.49 -39.60
C5 FYN W . 14.27 14.89 -39.00
N7 FYN W . 14.35 14.32 -37.80
N3 FYN W . 12.74 14.92 -40.84
C2 FYN W . 13.58 15.74 -41.50
N1 FYN W . 14.75 16.14 -40.94
C6 FYN W . 15.11 15.74 -39.70
N6 FYN W . 16.29 16.14 -39.14
C1' FYN W . 11.15 13.05 -39.00
C2' FYN W . 11.10 11.62 -38.48
O2' FYN W . 11.49 10.69 -39.51
C3' FYN W . 9.63 11.53 -38.12
O3' FYN W . 8.87 11.36 -39.32
C4' FYN W . 9.24 12.91 -37.64
O4' FYN W . 10.18 13.83 -38.25
C5' FYN W . 9.35 13.06 -36.13
O5' FYN W . 10.55 12.48 -35.64
P1 FYN W . 10.59 12.02 -34.08
O11 FYN W . 10.27 13.21 -33.17
O12 FYN W . 11.93 11.41 -33.79
O6 FYN W . 9.51 10.87 -34.20
P2 FYN W . 8.17 10.50 -33.40
O21 FYN W . 7.29 9.73 -34.33
O22 FYN W . 7.53 11.79 -32.88
O7 FYN W . 8.69 9.57 -32.20
CPB FYN W . 7.67 8.94 -31.35
CPA FYN W . 7.96 9.28 -29.90
CP7 FYN W . 7.95 10.81 -29.71
CP9 FYN W . 9.35 8.74 -29.57
CP8 FYN W . 6.91 8.62 -29.04
OP3 FYN W . 6.83 11.46 -30.36
CP6 FYN W . 7.96 11.26 -28.26
OP2 FYN W . 8.90 10.96 -27.52
NP2 FYN W . 6.93 12.04 -27.88
CP5 FYN W . 6.81 12.61 -26.53
CP4 FYN W . 5.35 12.70 -26.14
CP3 FYN W . 5.16 13.40 -24.80
OP1 FYN W . 5.76 13.01 -23.82
NP1 FYN W . 4.30 14.41 -24.77
CP2 FYN W . 3.97 15.17 -23.58
CP1 FYN W . 2.55 14.77 -23.17
S FYN W . 1.48 14.71 -24.58
P3 FYN W . 8.34 9.95 -39.88
O31 FYN W . 7.43 9.35 -38.81
O32 FYN W . 7.52 10.25 -41.12
O33 FYN W . 9.56 9.08 -40.14
CM1 FYN W . 0.00 13.83 -24.08
OM2 FYN W . -0.86 14.60 -23.23
MG MG X . 1.28 25.91 -26.14
PB ADP Y . 14.67 5.29 -23.89
O1B ADP Y . 15.94 5.97 -24.39
O2B ADP Y . 13.62 6.21 -23.34
O3B ADP Y . 14.19 4.30 -24.92
PA ADP Y . 14.29 3.66 -21.56
O1A ADP Y . 14.21 4.46 -20.27
O2A ADP Y . 13.00 3.13 -22.14
O3A ADP Y . 15.22 4.35 -22.69
O5' ADP Y . 15.20 2.38 -21.23
C5' ADP Y . 16.36 2.50 -20.40
C4' ADP Y . 16.79 1.09 -20.04
O4' ADP Y . 18.16 1.08 -19.70
C3' ADP Y . 16.04 0.50 -18.83
O3' ADP Y . 15.32 -0.64 -19.30
C2' ADP Y . 17.11 0.11 -17.82
O2' ADP Y . 16.89 -1.16 -17.21
C1' ADP Y . 18.36 0.06 -18.71
N9 ADP Y . 19.63 0.31 -18.03
C8 ADP Y . 19.87 1.07 -16.94
N7 ADP Y . 21.19 1.08 -16.63
C5 ADP Y . 21.81 0.31 -17.54
C6 ADP Y . 23.19 -0.13 -17.79
N6 ADP Y . 24.19 0.27 -17.00
N1 ADP Y . 23.42 -0.93 -18.85
C2 ADP Y . 22.44 -1.36 -19.65
N3 ADP Y . 21.15 -1.00 -19.48
C4 ADP Y . 20.79 -0.19 -18.46
C1 PEG Z . 2.43 21.65 -40.03
O1 PEG Z . 1.64 20.46 -40.12
C2 PEG Z . 1.60 22.83 -39.62
O2 PEG Z . 2.41 24.01 -39.53
C3 PEG Z . 2.04 24.98 -40.50
C4 PEG Z . 3.19 25.92 -40.72
O4 PEG Z . 3.35 26.25 -42.11
C1 EDO AA . 3.65 8.76 11.63
O1 EDO AA . 4.35 7.95 10.70
C2 EDO AA . 2.36 8.00 11.99
O2 EDO AA . 2.03 8.36 13.31
C1 EDO BA . 28.03 29.66 -19.01
C1 EDO BA . 27.88 29.23 -19.33
O1 EDO BA . 28.30 29.70 -20.44
O1 EDO BA . 27.65 29.43 -20.74
C2 EDO BA . 29.05 30.57 -18.32
C2 EDO BA . 28.84 30.30 -18.80
O2 EDO BA . 28.40 31.53 -17.46
O2 EDO BA . 29.96 30.43 -19.69
C1 EDO CA . 4.62 -1.89 -3.55
O1 EDO CA . 3.28 -2.11 -3.09
C2 EDO CA . 5.43 -1.16 -2.46
O2 EDO CA . 4.61 -1.00 -1.30
P PO4 DA . 13.06 -9.98 -47.42
O1 PO4 DA . 11.98 -10.00 -46.36
O2 PO4 DA . 13.22 -11.38 -48.00
O3 PO4 DA . 12.70 -9.01 -48.51
O4 PO4 DA . 14.35 -9.54 -46.78
C2 A1AEK EA . 6.45 26.62 6.39
C2' A1AEK EA . 5.23 22.86 2.10
C27 A1AEK EA . 5.94 25.63 7.76
C4 A1AEK EA . 7.61 27.05 4.75
C4' A1AEK EA . 5.28 23.87 4.21
C5 A1AEK EA . 7.35 28.67 5.03
C5' A1AEK EA . 6.61 24.19 4.02
C6 A1AEK EA . 6.72 29.88 4.42
C6' A1AEK EA . 7.24 23.85 2.83
C7 A1AEK EA . 7.19 31.01 5.33
C7' A1AEK EA . 7.34 24.95 5.09
CM2 A1AEK EA . 4.48 22.14 1.06
CM4 A1AEK EA . 8.20 26.97 3.36
N1' A1AEK EA . 6.53 23.19 1.90
N3 A1AEK EA . 6.64 26.26 5.12
N3' A1AEK EA . 4.62 23.23 3.24
N4' A1AEK EA . 4.61 24.18 5.35
O1A A1AEK EA . 5.60 32.69 3.11
O1B A1AEK EA . 6.84 34.04 7.59
O28 A1AEK EA . 7.65 25.10 8.97
O2A A1AEK EA . 7.67 34.15 3.21
O2B A1AEK EA . 6.10 36.14 6.53
O3A A1AEK EA . 6.00 34.03 5.21
O3B A1AEK EA . 8.26 35.08 5.79
O7 A1AEK EA . 7.67 32.10 4.54
PA A1AEK EA . 6.70 33.26 3.98
PB A1AEK EA . 6.84 34.85 6.32
S1 A1AEK EA . 5.86 28.36 6.24
C8 FYN FA . -4.97 37.30 19.39
N9 FYN FA . -4.03 37.83 20.19
C4 FYN FA . -4.10 39.15 20.13
C5 FYN FA . -5.15 39.48 19.29
N7 FYN FA . -5.69 38.32 18.84
N3 FYN FA . -3.35 40.12 20.73
C2 FYN FA . -3.67 41.41 20.51
N1 FYN FA . -4.68 41.74 19.70
C6 FYN FA . -5.44 40.82 19.07
N6 FYN FA . -6.46 41.22 18.27
C1' FYN FA . -2.99 37.12 20.95
C2' FYN FA . -3.37 35.71 21.38
O2' FYN FA . -3.96 35.79 22.69
C3' FYN FA . -2.00 35.05 21.31
O3' FYN FA . -1.19 35.52 22.39
C4' FYN FA . -1.33 35.68 20.09
O4' FYN FA . -1.94 36.97 19.98
C5' FYN FA . -1.52 34.91 18.79
O5' FYN FA . -2.89 34.52 18.63
P1 FYN FA . -3.21 33.21 17.76
O11 FYN FA . -2.59 33.38 16.39
O12 FYN FA . -4.71 32.95 17.83
O6 FYN FA . -2.40 32.15 18.65
P2 FYN FA . -1.35 30.97 18.33
O21 FYN FA . -0.62 30.79 19.63
O22 FYN FA . -0.35 31.37 17.25
O7 FYN FA . -2.23 29.67 18.01
CPB FYN FA . -1.54 28.43 17.81
CPA FYN FA . -1.93 27.80 16.46
CP7 FYN FA . -1.49 28.80 15.39
CP9 FYN FA . -3.44 27.61 16.40
CP8 FYN FA . -1.28 26.43 16.31
OP3 FYN FA . -0.15 29.24 15.64
CP6 FYN FA . -1.54 28.23 14.01
OP2 FYN FA . -2.55 27.81 13.48
NP2 FYN FA . -0.40 28.25 13.34
CP5 FYN FA . -0.38 27.72 12.00
CP4 FYN FA . 1.01 27.19 11.81
CP3 FYN FA . 1.26 26.86 10.39
OP1 FYN FA . 0.67 26.04 9.72
NP1 FYN FA . 2.21 27.61 9.91
CP2 FYN FA . 2.68 27.40 8.59
CP1 FYN FA . 3.75 26.67 9.34
S FYN FA . 5.01 27.76 9.94
P3 FYN FA . -1.00 34.70 23.75
O31 FYN FA . -0.35 33.36 23.46
O32 FYN FA . -0.08 35.53 24.62
O33 FYN FA . -2.35 34.52 24.40
MG MG GA . 8.93 35.60 3.97
PB ADP HA . -10.03 23.04 13.68
O1B ADP HA . -10.93 24.21 13.39
O2B ADP HA . -8.81 23.03 12.79
O3B ADP HA . -9.73 22.86 15.17
PA ADP HA . -10.41 20.24 12.93
O1A ADP HA . -10.18 20.07 11.45
O2A ADP HA . -9.30 19.80 13.87
O3A ADP HA . -10.92 21.72 13.30
O5' ADP HA . -11.73 19.42 13.34
C5' ADP HA . -12.84 19.29 12.48
C4' ADP HA . -13.67 18.19 13.09
O4' ADP HA . -15.00 18.35 12.65
C3' ADP HA . -13.23 16.80 12.63
O3' ADP HA . -12.81 16.02 13.77
C2' ADP HA . -14.47 16.21 11.97
O2' ADP HA . -14.63 14.81 12.25
C1' ADP HA . -15.59 17.08 12.53
N9 ADP HA . -16.80 17.21 11.68
C8 ADP HA . -16.88 17.14 10.34
N7 ADP HA . -18.15 17.30 9.90
C5 ADP HA . -18.92 17.47 11.00
C6 ADP HA . -20.36 17.68 11.27
N6 ADP HA . -21.29 17.77 10.29
N1 ADP HA . -20.71 17.84 12.56
C2 ADP HA . -19.81 17.75 13.57
N3 ADP HA . -18.51 17.55 13.41
C4 ADP HA . -18.02 17.42 12.16
C1 EDO IA . -16.88 41.53 -5.97
O1 EDO IA . -15.97 42.60 -5.71
C2 EDO IA . -17.63 41.75 -7.28
O2 EDO IA . -16.75 41.58 -8.40
C1 EDO JA . -1.11 -0.77 -14.73
O1 EDO JA . -0.87 -1.86 -15.64
C2 EDO JA . -2.49 -0.17 -15.04
O2 EDO JA . -3.04 0.54 -13.94
P PO4 KA . -10.53 26.31 41.60
O1 PO4 KA . -11.45 25.60 42.59
O2 PO4 KA . -10.44 25.49 40.33
O3 PO4 KA . -11.07 27.69 41.29
O4 PO4 KA . -9.15 26.44 42.21
#